data_2XS7
# 
_entry.id   2XS7 
# 
_audit_conform.dict_name       mmcif_pdbx.dic 
_audit_conform.dict_version    5.383 
_audit_conform.dict_location   http://mmcif.pdb.org/dictionaries/ascii/mmcif_pdbx.dic 
# 
loop_
_database_2.database_id 
_database_2.database_code 
_database_2.pdbx_database_accession 
_database_2.pdbx_DOI 
PDB   2XS7         pdb_00002xs7 10.2210/pdb2xs7/pdb 
PDBE  EBI-45510    ?            ?                   
WWPDB D_1290045510 ?            ?                   
# 
loop_
_pdbx_database_related.db_name 
_pdbx_database_related.db_id 
_pdbx_database_related.content_type 
_pdbx_database_related.details 
PDB 2XS5 unspecified 'CRYSTAL STRUCTURE OF THE RRM DOMAIN OF MOUSE DELETED IN AZOOSPERMIA-LIKE IN COMPLEX WITH MVH RNA, UGUUC' 
PDB 2XS2 unspecified 'CRYSTAL STRUCTURE OF THE RRM DOMAIN OF MOUSE DELETED IN AZOOSPERMIA-LIKE IN COMPLEX WITH RNA, UUGUUCUU'  
PDB 2XSF unspecified 'CRYSTAL STRUCTURE OF THE RRM DOMAIN OF MOUSE DELETED IN AZOOSPERMIA-LIKE'                                
# 
_pdbx_database_status.status_code                     REL 
_pdbx_database_status.entry_id                        2XS7 
_pdbx_database_status.deposit_site                    PDBE 
_pdbx_database_status.process_site                    PDBE 
_pdbx_database_status.SG_entry                        . 
_pdbx_database_status.recvd_initial_deposition_date   2010-09-24 
_pdbx_database_status.pdb_format_compatible           Y 
_pdbx_database_status.status_code_sf                  REL 
_pdbx_database_status.status_code_mr                  ? 
_pdbx_database_status.status_code_cs                  ? 
_pdbx_database_status.methods_development_category    ? 
_pdbx_database_status.status_code_nmr_data            ? 
# 
loop_
_audit_author.name 
_audit_author.pdbx_ordinal 
'Jenkins, H.T.' 1 
'Edwards, T.A.' 2 
# 
_citation.id                        primary 
_citation.title                     
'Kinked Beta-Strands Mediate High-Affinity Recognition of Mrna Targets by the Germ-Cell Regulator Dazl' 
_citation.journal_abbrev            Proc.Natl.Acad.Sci.USA 
_citation.journal_volume            108 
_citation.page_first                18266 
_citation.page_last                 ? 
_citation.year                      2011 
_citation.journal_id_ASTM           PNASA6 
_citation.country                   US 
_citation.journal_id_ISSN           0027-8424 
_citation.journal_id_CSD            0040 
_citation.book_publisher            ? 
_citation.pdbx_database_id_PubMed   22021443 
_citation.pdbx_database_id_DOI      10.1073/PNAS.1105211108 
# 
loop_
_citation_author.citation_id 
_citation_author.name 
_citation_author.ordinal 
_citation_author.identifier_ORCID 
primary 'Jenkins, H.T.' 1 ? 
primary 'Edwards, T.A.' 2 ? 
# 
_cell.entry_id           2XS7 
_cell.length_a           32.888 
_cell.length_b           37.749 
_cell.length_c           70.771 
_cell.angle_alpha        90.00 
_cell.angle_beta         90.00 
_cell.angle_gamma        90.00 
_cell.Z_PDB              4 
_cell.pdbx_unique_axis   ? 
# 
_symmetry.entry_id                         2XS7 
_symmetry.space_group_name_H-M             'P 21 21 21' 
_symmetry.pdbx_full_space_group_name_H-M   ? 
_symmetry.cell_setting                     ? 
_symmetry.Int_Tables_number                19 
# 
loop_
_entity.id 
_entity.type 
_entity.src_method 
_entity.pdbx_description 
_entity.formula_weight 
_entity.pdbx_number_of_molecules 
_entity.pdbx_ec 
_entity.pdbx_mutation 
_entity.pdbx_fragment 
_entity.details 
1 polymer     man 'DELETED IN AZOOSPERMIA-LIKE' 9797.299 1   ? ? 'RESIDUES 32-117' ? 
2 polymer     syn "5'-R(*UP*UP*GP*UP*UP*UP)-3'" 1831.078 1   ? ? ?                 ? 
3 non-polymer syn 'ZINC ION'                    65.409   1   ? ? ?                 ? 
4 water       nat water                         18.015   103 ? ? ?                 ? 
# 
loop_
_entity_name_com.entity_id 
_entity_name_com.name 
1 'DAZ-LIKE AUTOSOMAL, DELETED IN AZOOSPERMIA-LIKE 1' 
2 
;SYCP 3'-UTR, SYCP3 3'-UTR
;
# 
loop_
_entity_poly.entity_id 
_entity_poly.type 
_entity_poly.nstd_linkage 
_entity_poly.nstd_monomer 
_entity_poly.pdbx_seq_one_letter_code 
_entity_poly.pdbx_seq_one_letter_code_can 
_entity_poly.pdbx_strand_id 
_entity_poly.pdbx_target_identifier 
1 'polypeptide(L)'   no no 
;SLPEGKIMPNTVFVGGIDVRMDETEIRSFFARYGSVKEVKIITDRTGVSKGYGFVSFYNDVDVQKIVESQINFHGKKLKL
GPAIRKQ
;
;SLPEGKIMPNTVFVGGIDVRMDETEIRSFFARYGSVKEVKIITDRTGVSKGYGFVSFYNDVDVQKIVESQINFHGKKLKL
GPAIRKQ
;
A ? 
2 polyribonucleotide no no UUGUUU                                                                                     UUGUUU B ? 
# 
loop_
_entity_poly_seq.entity_id 
_entity_poly_seq.num 
_entity_poly_seq.mon_id 
_entity_poly_seq.hetero 
1 1  SER n 
1 2  LEU n 
1 3  PRO n 
1 4  GLU n 
1 5  GLY n 
1 6  LYS n 
1 7  ILE n 
1 8  MET n 
1 9  PRO n 
1 10 ASN n 
1 11 THR n 
1 12 VAL n 
1 13 PHE n 
1 14 VAL n 
1 15 GLY n 
1 16 GLY n 
1 17 ILE n 
1 18 ASP n 
1 19 VAL n 
1 20 ARG n 
1 21 MET n 
1 22 ASP n 
1 23 GLU n 
1 24 THR n 
1 25 GLU n 
1 26 ILE n 
1 27 ARG n 
1 28 SER n 
1 29 PHE n 
1 30 PHE n 
1 31 ALA n 
1 32 ARG n 
1 33 TYR n 
1 34 GLY n 
1 35 SER n 
1 36 VAL n 
1 37 LYS n 
1 38 GLU n 
1 39 VAL n 
1 40 LYS n 
1 41 ILE n 
1 42 ILE n 
1 43 THR n 
1 44 ASP n 
1 45 ARG n 
1 46 THR n 
1 47 GLY n 
1 48 VAL n 
1 49 SER n 
1 50 LYS n 
1 51 GLY n 
1 52 TYR n 
1 53 GLY n 
1 54 PHE n 
1 55 VAL n 
1 56 SER n 
1 57 PHE n 
1 58 TYR n 
1 59 ASN n 
1 60 ASP n 
1 61 VAL n 
1 62 ASP n 
1 63 VAL n 
1 64 GLN n 
1 65 LYS n 
1 66 ILE n 
1 67 VAL n 
1 68 GLU n 
1 69 SER n 
1 70 GLN n 
1 71 ILE n 
1 72 ASN n 
1 73 PHE n 
1 74 HIS n 
1 75 GLY n 
1 76 LYS n 
1 77 LYS n 
1 78 LEU n 
1 79 LYS n 
1 80 LEU n 
1 81 GLY n 
1 82 PRO n 
1 83 ALA n 
1 84 ILE n 
1 85 ARG n 
1 86 LYS n 
1 87 GLN n 
2 1  U   n 
2 2  U   n 
2 3  G   n 
2 4  U   n 
2 5  U   n 
2 6  U   n 
# 
_entity_src_gen.entity_id                          1 
_entity_src_gen.pdbx_src_id                        1 
_entity_src_gen.pdbx_alt_source_flag               sample 
_entity_src_gen.pdbx_seq_type                      ? 
_entity_src_gen.pdbx_beg_seq_num                   ? 
_entity_src_gen.pdbx_end_seq_num                   ? 
_entity_src_gen.gene_src_common_name               'HOUSE MOUSE' 
_entity_src_gen.gene_src_genus                     ? 
_entity_src_gen.pdbx_gene_src_gene                 ? 
_entity_src_gen.gene_src_species                   ? 
_entity_src_gen.gene_src_strain                    ? 
_entity_src_gen.gene_src_tissue                    ? 
_entity_src_gen.gene_src_tissue_fraction           ? 
_entity_src_gen.gene_src_details                   ? 
_entity_src_gen.pdbx_gene_src_fragment             ? 
_entity_src_gen.pdbx_gene_src_scientific_name      'MUS MUSCULUS' 
_entity_src_gen.pdbx_gene_src_ncbi_taxonomy_id     10090 
_entity_src_gen.pdbx_gene_src_variant              ? 
_entity_src_gen.pdbx_gene_src_cell_line            ? 
_entity_src_gen.pdbx_gene_src_atcc                 ? 
_entity_src_gen.pdbx_gene_src_organ                ? 
_entity_src_gen.pdbx_gene_src_organelle            ? 
_entity_src_gen.pdbx_gene_src_cell                 ? 
_entity_src_gen.pdbx_gene_src_cellular_location    ? 
_entity_src_gen.host_org_common_name               ? 
_entity_src_gen.pdbx_host_org_scientific_name      'ESCHERICHIA COLI' 
_entity_src_gen.pdbx_host_org_ncbi_taxonomy_id     469008 
_entity_src_gen.host_org_genus                     ? 
_entity_src_gen.pdbx_host_org_gene                 ? 
_entity_src_gen.pdbx_host_org_organ                ? 
_entity_src_gen.host_org_species                   ? 
_entity_src_gen.pdbx_host_org_tissue               ? 
_entity_src_gen.pdbx_host_org_tissue_fraction      ? 
_entity_src_gen.pdbx_host_org_strain               'BL21(DE3)' 
_entity_src_gen.pdbx_host_org_variant              'ROSETTA-2 PLYSS' 
_entity_src_gen.pdbx_host_org_cell_line            ? 
_entity_src_gen.pdbx_host_org_atcc                 ? 
_entity_src_gen.pdbx_host_org_culture_collection   ? 
_entity_src_gen.pdbx_host_org_cell                 ? 
_entity_src_gen.pdbx_host_org_organelle            ? 
_entity_src_gen.pdbx_host_org_cellular_location    ? 
_entity_src_gen.pdbx_host_org_vector_type          ? 
_entity_src_gen.pdbx_host_org_vector               ? 
_entity_src_gen.host_org_details                   ? 
_entity_src_gen.expression_system_id               ? 
_entity_src_gen.plasmid_name                       PET-SUMO-28A 
_entity_src_gen.plasmid_details                    ? 
_entity_src_gen.pdbx_description                   ? 
# 
_pdbx_entity_src_syn.entity_id              2 
_pdbx_entity_src_syn.pdbx_src_id            1 
_pdbx_entity_src_syn.pdbx_alt_source_flag   sample 
_pdbx_entity_src_syn.pdbx_beg_seq_num       ? 
_pdbx_entity_src_syn.pdbx_end_seq_num       ? 
_pdbx_entity_src_syn.organism_scientific    'MUS MUSCULUS' 
_pdbx_entity_src_syn.organism_common_name   'HOUSE MOUSE' 
_pdbx_entity_src_syn.ncbi_taxonomy_id       10090 
_pdbx_entity_src_syn.details                ? 
# 
loop_
_struct_ref.id 
_struct_ref.db_name 
_struct_ref.db_code 
_struct_ref.entity_id 
_struct_ref.pdbx_seq_one_letter_code 
_struct_ref.pdbx_align_begin 
_struct_ref.pdbx_db_accession 
_struct_ref.pdbx_db_isoform 
1 UNP DAZL_MOUSE 1 ? ? Q64368 ? 
2 PDB 2XS7       2 ? ? 2XS7   ? 
# 
loop_
_struct_ref_seq.align_id 
_struct_ref_seq.ref_id 
_struct_ref_seq.pdbx_PDB_id_code 
_struct_ref_seq.pdbx_strand_id 
_struct_ref_seq.seq_align_beg 
_struct_ref_seq.pdbx_seq_align_beg_ins_code 
_struct_ref_seq.seq_align_end 
_struct_ref_seq.pdbx_seq_align_end_ins_code 
_struct_ref_seq.pdbx_db_accession 
_struct_ref_seq.db_align_beg 
_struct_ref_seq.pdbx_db_align_beg_ins_code 
_struct_ref_seq.db_align_end 
_struct_ref_seq.pdbx_db_align_end_ins_code 
_struct_ref_seq.pdbx_auth_seq_align_beg 
_struct_ref_seq.pdbx_auth_seq_align_end 
1 1 2XS7 A 2 ? 87 ? Q64368 32 ? 117 ? 32 117 
2 2 2XS7 B 1 ? 6  ? 2XS7   1  ? 6   ? 1  6   
# 
_struct_ref_seq_dif.align_id                     1 
_struct_ref_seq_dif.pdbx_pdb_id_code             2XS7 
_struct_ref_seq_dif.mon_id                       SER 
_struct_ref_seq_dif.pdbx_pdb_strand_id           A 
_struct_ref_seq_dif.seq_num                      1 
_struct_ref_seq_dif.pdbx_pdb_ins_code            ? 
_struct_ref_seq_dif.pdbx_seq_db_name             UNP 
_struct_ref_seq_dif.pdbx_seq_db_accession_code   Q64368 
_struct_ref_seq_dif.db_mon_id                    ? 
_struct_ref_seq_dif.pdbx_seq_db_seq_num          ? 
_struct_ref_seq_dif.details                      'expression tag' 
_struct_ref_seq_dif.pdbx_auth_seq_num            31 
_struct_ref_seq_dif.pdbx_ordinal                 1 
# 
loop_
_chem_comp.id 
_chem_comp.type 
_chem_comp.mon_nstd_flag 
_chem_comp.name 
_chem_comp.pdbx_synonyms 
_chem_comp.formula 
_chem_comp.formula_weight 
ALA 'L-peptide linking' y ALANINE                      ? 'C3 H7 N O2'      89.093  
ARG 'L-peptide linking' y ARGININE                     ? 'C6 H15 N4 O2 1'  175.209 
ASN 'L-peptide linking' y ASPARAGINE                   ? 'C4 H8 N2 O3'     132.118 
ASP 'L-peptide linking' y 'ASPARTIC ACID'              ? 'C4 H7 N O4'      133.103 
G   'RNA linking'       y "GUANOSINE-5'-MONOPHOSPHATE" ? 'C10 H14 N5 O8 P' 363.221 
GLN 'L-peptide linking' y GLUTAMINE                    ? 'C5 H10 N2 O3'    146.144 
GLU 'L-peptide linking' y 'GLUTAMIC ACID'              ? 'C5 H9 N O4'      147.129 
GLY 'peptide linking'   y GLYCINE                      ? 'C2 H5 N O2'      75.067  
HIS 'L-peptide linking' y HISTIDINE                    ? 'C6 H10 N3 O2 1'  156.162 
HOH non-polymer         . WATER                        ? 'H2 O'            18.015  
ILE 'L-peptide linking' y ISOLEUCINE                   ? 'C6 H13 N O2'     131.173 
LEU 'L-peptide linking' y LEUCINE                      ? 'C6 H13 N O2'     131.173 
LYS 'L-peptide linking' y LYSINE                       ? 'C6 H15 N2 O2 1'  147.195 
MET 'L-peptide linking' y METHIONINE                   ? 'C5 H11 N O2 S'   149.211 
PHE 'L-peptide linking' y PHENYLALANINE                ? 'C9 H11 N O2'     165.189 
PRO 'L-peptide linking' y PROLINE                      ? 'C5 H9 N O2'      115.130 
SER 'L-peptide linking' y SERINE                       ? 'C3 H7 N O3'      105.093 
THR 'L-peptide linking' y THREONINE                    ? 'C4 H9 N O3'      119.119 
TYR 'L-peptide linking' y TYROSINE                     ? 'C9 H11 N O3'     181.189 
U   'RNA linking'       y "URIDINE-5'-MONOPHOSPHATE"   ? 'C9 H13 N2 O9 P'  324.181 
VAL 'L-peptide linking' y VALINE                       ? 'C5 H11 N O2'     117.146 
ZN  non-polymer         . 'ZINC ION'                   ? 'Zn 2'            65.409  
# 
_exptl.entry_id          2XS7 
_exptl.method            'X-RAY DIFFRACTION' 
_exptl.crystals_number   1 
# 
_exptl_crystal.id                    1 
_exptl_crystal.density_meas          ? 
_exptl_crystal.density_Matthews      2.2 
_exptl_crystal.density_percent_sol   44 
_exptl_crystal.description           NONE 
# 
_exptl_crystal_grow.crystal_id      1 
_exptl_crystal_grow.method          ? 
_exptl_crystal_grow.temp            ? 
_exptl_crystal_grow.temp_details    ? 
_exptl_crystal_grow.pH              ? 
_exptl_crystal_grow.pdbx_pH_range   ? 
_exptl_crystal_grow.pdbx_details    '10 MM MAGNESIUM FORMATE, 25% (W/V) PEG 3350 10 MM ZINC ACETATE' 
# 
_diffrn.id                     1 
_diffrn.ambient_temp           100 
_diffrn.ambient_temp_details   ? 
_diffrn.crystal_id             1 
# 
_diffrn_detector.diffrn_id              1 
_diffrn_detector.detector               CCD 
_diffrn_detector.type                   'ADSC CCD' 
_diffrn_detector.pdbx_collection_date   2010-05-16 
_diffrn_detector.details                'KIRKPATRICK BAEZ BIMORPH MIRROR PAIR FOR HORIZONTAL AND VERTICAL FOCUSSING' 
# 
_diffrn_radiation.diffrn_id                        1 
_diffrn_radiation.wavelength_id                    1 
_diffrn_radiation.pdbx_monochromatic_or_laue_m_l   M 
_diffrn_radiation.monochromator                    'DOUBLE CRYSTAL' 
_diffrn_radiation.pdbx_diffrn_protocol             'SINGLE WAVELENGTH' 
_diffrn_radiation.pdbx_scattering_type             x-ray 
# 
_diffrn_radiation_wavelength.id           1 
_diffrn_radiation_wavelength.wavelength   0.9795 
_diffrn_radiation_wavelength.wt           1.0 
# 
_diffrn_source.diffrn_id                   1 
_diffrn_source.source                      SYNCHROTRON 
_diffrn_source.type                        'DIAMOND BEAMLINE I02' 
_diffrn_source.pdbx_synchrotron_site       Diamond 
_diffrn_source.pdbx_synchrotron_beamline   I02 
_diffrn_source.pdbx_wavelength             0.9795 
_diffrn_source.pdbx_wavelength_list        ? 
# 
_reflns.pdbx_diffrn_id               1 
_reflns.pdbx_ordinal                 1 
_reflns.entry_id                     2XS7 
_reflns.observed_criterion_sigma_I   6.0 
_reflns.observed_criterion_sigma_F   ? 
_reflns.d_resolution_low             29.82 
_reflns.d_resolution_high            1.45 
_reflns.number_obs                   16096 
_reflns.number_all                   ? 
_reflns.percent_possible_obs         99.1 
_reflns.pdbx_Rmerge_I_obs            0.08 
_reflns.pdbx_Rsym_value              ? 
_reflns.pdbx_netI_over_sigmaI        16.10 
_reflns.B_iso_Wilson_estimate        15.2 
_reflns.pdbx_redundancy              6.9 
# 
_reflns_shell.pdbx_diffrn_id         1 
_reflns_shell.pdbx_ordinal           1 
_reflns_shell.d_res_high             1.45 
_reflns_shell.d_res_low              1.53 
_reflns_shell.percent_possible_all   97.7 
_reflns_shell.Rmerge_I_obs           0.92 
_reflns_shell.pdbx_Rsym_value        ? 
_reflns_shell.meanI_over_sigI_obs    2.10 
_reflns_shell.pdbx_redundancy        6.1 
# 
_refine.pdbx_refine_id                           'X-RAY DIFFRACTION' 
_refine.entry_id                                 2XS7 
_refine.pdbx_diffrn_id                           1 
_refine.pdbx_TLS_residual_ADP_flag               ? 
_refine.ls_number_reflns_obs                     15097 
_refine.ls_number_reflns_all                     ? 
_refine.pdbx_ls_sigma_I                          ? 
_refine.pdbx_ls_sigma_F                          . 
_refine.pdbx_data_cutoff_high_absF               ? 
_refine.pdbx_data_cutoff_low_absF                ? 
_refine.pdbx_data_cutoff_high_rms_absF           ? 
_refine.ls_d_res_low                             29.83 
_refine.ls_d_res_high                            1.45 
_refine.ls_percent_reflns_obs                    99.15 
_refine.ls_R_factor_obs                          0.16471 
_refine.ls_R_factor_all                          ? 
_refine.ls_R_factor_R_work                       0.16207 
_refine.ls_R_factor_R_free                       0.20469 
_refine.ls_R_factor_R_free_error                 ? 
_refine.ls_R_factor_R_free_error_details         ? 
_refine.ls_percent_reflns_R_free                 6.2 
_refine.ls_number_reflns_R_free                  999 
_refine.ls_number_parameters                     ? 
_refine.ls_number_restraints                     ? 
_refine.occupancy_min                            ? 
_refine.occupancy_max                            ? 
_refine.correlation_coeff_Fo_to_Fc               0.968 
_refine.correlation_coeff_Fo_to_Fc_free          0.955 
_refine.B_iso_mean                               18.568 
_refine.aniso_B[1][1]                            0.82 
_refine.aniso_B[2][2]                            -0.72 
_refine.aniso_B[3][3]                            -0.11 
_refine.aniso_B[1][2]                            0.00 
_refine.aniso_B[1][3]                            0.00 
_refine.aniso_B[2][3]                            0.00 
_refine.solvent_model_details                    MASK 
_refine.solvent_model_param_ksol                 ? 
_refine.solvent_model_param_bsol                 ? 
_refine.pdbx_solvent_vdw_probe_radii             1.40 
_refine.pdbx_solvent_ion_probe_radii             0.80 
_refine.pdbx_solvent_shrinkage_radii             0.80 
_refine.pdbx_ls_cross_valid_method               THROUGHOUT 
_refine.details                                  
'HYDROGENS HAVE BEEN ADDED IN THE RIDING POSITIONS. U VALUES REFINED INDIVIDUALLY.' 
_refine.pdbx_starting_model                      'PDB ENTRY 2XS2' 
_refine.pdbx_method_to_determine_struct          'MOLECULAR REPLACEMENT' 
_refine.pdbx_isotropic_thermal_model             ? 
_refine.pdbx_stereochemistry_target_values       'MAXIMUM LIKELIHOOD' 
_refine.pdbx_stereochem_target_val_spec_case     ? 
_refine.pdbx_R_Free_selection_details            RANDOM 
_refine.pdbx_overall_ESU_R                       0.083 
_refine.pdbx_overall_ESU_R_Free                  0.073 
_refine.overall_SU_ML                            0.048 
_refine.pdbx_overall_phase_error                 ? 
_refine.overall_SU_B                             2.763 
_refine.overall_SU_R_Cruickshank_DPI             ? 
_refine.pdbx_overall_SU_R_free_Cruickshank_DPI   ? 
_refine.pdbx_overall_SU_R_Blow_DPI               ? 
_refine.pdbx_overall_SU_R_free_Blow_DPI          ? 
# 
_refine_hist.pdbx_refine_id                   'X-RAY DIFFRACTION' 
_refine_hist.cycle_id                         LAST 
_refine_hist.pdbx_number_atoms_protein        673 
_refine_hist.pdbx_number_atoms_nucleic_acid   84 
_refine_hist.pdbx_number_atoms_ligand         1 
_refine_hist.number_atoms_solvent             103 
_refine_hist.number_atoms_total               861 
_refine_hist.d_res_high                       1.45 
_refine_hist.d_res_low                        29.83 
# 
loop_
_refine_ls_restr.type 
_refine_ls_restr.dev_ideal 
_refine_ls_restr.dev_ideal_target 
_refine_ls_restr.weight 
_refine_ls_restr.number 
_refine_ls_restr.pdbx_refine_id 
_refine_ls_restr.pdbx_restraint_function 
r_bond_refined_d             0.015  0.022  ? 787  'X-RAY DIFFRACTION' ? 
r_bond_other_d               ?      ?      ? ?    'X-RAY DIFFRACTION' ? 
r_angle_refined_deg          1.615  2.095  ? 1079 'X-RAY DIFFRACTION' ? 
r_angle_other_deg            ?      ?      ? ?    'X-RAY DIFFRACTION' ? 
r_dihedral_angle_1_deg       6.374  5.000  ? 89   'X-RAY DIFFRACTION' ? 
r_dihedral_angle_2_deg       34.606 24.194 ? 31   'X-RAY DIFFRACTION' ? 
r_dihedral_angle_3_deg       10.158 15.000 ? 127  'X-RAY DIFFRACTION' ? 
r_dihedral_angle_4_deg       14.401 15.000 ? 4    'X-RAY DIFFRACTION' ? 
r_chiral_restr               0.100  0.200  ? 124  'X-RAY DIFFRACTION' ? 
r_gen_planes_refined         0.008  0.021  ? 559  'X-RAY DIFFRACTION' ? 
r_gen_planes_other           ?      ?      ? ?    'X-RAY DIFFRACTION' ? 
r_nbd_refined                0.199  0.200  ? 310  'X-RAY DIFFRACTION' ? 
r_nbd_other                  ?      ?      ? ?    'X-RAY DIFFRACTION' ? 
r_nbtor_refined              0.319  0.200  ? 543  'X-RAY DIFFRACTION' ? 
r_nbtor_other                ?      ?      ? ?    'X-RAY DIFFRACTION' ? 
r_xyhbond_nbd_refined        0.118  0.200  ? 71   'X-RAY DIFFRACTION' ? 
r_xyhbond_nbd_other          ?      ?      ? ?    'X-RAY DIFFRACTION' ? 
r_metal_ion_refined          0.055  0.200  ? 2    'X-RAY DIFFRACTION' ? 
r_metal_ion_other            ?      ?      ? ?    'X-RAY DIFFRACTION' ? 
r_symmetry_vdw_refined       0.223  0.200  ? 54   'X-RAY DIFFRACTION' ? 
r_symmetry_vdw_other         ?      ?      ? ?    'X-RAY DIFFRACTION' ? 
r_symmetry_hbond_refined     0.175  0.200  ? 23   'X-RAY DIFFRACTION' ? 
r_symmetry_hbond_other       ?      ?      ? ?    'X-RAY DIFFRACTION' ? 
r_symmetry_metal_ion_refined 0.109  0.200  ? 1    'X-RAY DIFFRACTION' ? 
r_symmetry_metal_ion_other   ?      ?      ? ?    'X-RAY DIFFRACTION' ? 
r_mcbond_it                  1.395  1.500  ? 429  'X-RAY DIFFRACTION' ? 
r_mcbond_other               ?      ?      ? ?    'X-RAY DIFFRACTION' ? 
r_mcangle_it                 2.379  2.000  ? 697  'X-RAY DIFFRACTION' ? 
r_mcangle_other              ?      ?      ? ?    'X-RAY DIFFRACTION' ? 
r_scbond_it                  3.541  3.000  ? 358  'X-RAY DIFFRACTION' ? 
r_scbond_other               ?      ?      ? ?    'X-RAY DIFFRACTION' ? 
r_scangle_it                 4.893  4.500  ? 380  'X-RAY DIFFRACTION' ? 
r_scangle_other              ?      ?      ? ?    'X-RAY DIFFRACTION' ? 
r_long_range_B_refined       ?      ?      ? ?    'X-RAY DIFFRACTION' ? 
r_long_range_B_other         ?      ?      ? ?    'X-RAY DIFFRACTION' ? 
r_rigid_bond_restr           1.723  1.000  ? 787  'X-RAY DIFFRACTION' ? 
r_sphericity_free            ?      ?      ? ?    'X-RAY DIFFRACTION' ? 
r_sphericity_bonded          ?      ?      ? ?    'X-RAY DIFFRACTION' ? 
# 
_refine_ls_shell.pdbx_refine_id                   'X-RAY DIFFRACTION' 
_refine_ls_shell.pdbx_total_number_of_bins_used   20 
_refine_ls_shell.d_res_high                       1.450 
_refine_ls_shell.d_res_low                        1.488 
_refine_ls_shell.number_reflns_R_work             1064 
_refine_ls_shell.R_factor_R_work                  0.296 
_refine_ls_shell.percent_reflns_obs               95.86 
_refine_ls_shell.R_factor_R_free                  0.400 
_refine_ls_shell.R_factor_R_free_error            ? 
_refine_ls_shell.percent_reflns_R_free            ? 
_refine_ls_shell.number_reflns_R_free             71 
_refine_ls_shell.number_reflns_all                ? 
_refine_ls_shell.R_factor_all                     ? 
# 
_struct.entry_id                  2XS7 
_struct.title                     
'Crystal structure of the RRM domain of mouse Deleted in azoospermia- like in complex with Sycp3 RNA, UUGUUU' 
_struct.pdbx_model_details        ? 
_struct.pdbx_CASP_flag            ? 
_struct.pdbx_model_type_details   ? 
# 
_struct_keywords.entry_id        2XS7 
_struct_keywords.pdbx_keywords   'RNA BINDING PROTEIN/RNA' 
_struct_keywords.text            'RNA BINDING PROTEIN-RNA COMPLEX, TRANSLATION REGULATION' 
# 
loop_
_struct_asym.id 
_struct_asym.pdbx_blank_PDB_chainid_flag 
_struct_asym.pdbx_modified 
_struct_asym.entity_id 
_struct_asym.details 
A N N 1 ? 
B N N 2 ? 
C N N 3 ? 
D N N 4 ? 
E N N 4 ? 
# 
_struct_biol.id   1 
# 
loop_
_struct_conf.conf_type_id 
_struct_conf.id 
_struct_conf.pdbx_PDB_helix_id 
_struct_conf.beg_label_comp_id 
_struct_conf.beg_label_asym_id 
_struct_conf.beg_label_seq_id 
_struct_conf.pdbx_beg_PDB_ins_code 
_struct_conf.end_label_comp_id 
_struct_conf.end_label_asym_id 
_struct_conf.end_label_seq_id 
_struct_conf.pdbx_end_PDB_ins_code 
_struct_conf.beg_auth_comp_id 
_struct_conf.beg_auth_asym_id 
_struct_conf.beg_auth_seq_id 
_struct_conf.end_auth_comp_id 
_struct_conf.end_auth_asym_id 
_struct_conf.end_auth_seq_id 
_struct_conf.pdbx_PDB_helix_class 
_struct_conf.details 
_struct_conf.pdbx_PDB_helix_length 
HELX_P HELX_P1 1 ASP A 22 ? ALA A 31 ? ASP A 52 ALA A 61 1 ? 10 
HELX_P HELX_P2 2 ARG A 32 ? GLY A 34 ? ARG A 62 GLY A 64 5 ? 3  
HELX_P HELX_P3 3 ASP A 62 ? VAL A 67 ? ASP A 92 VAL A 97 1 ? 6  
# 
_struct_conf_type.id          HELX_P 
_struct_conf_type.criteria    ? 
_struct_conf_type.reference   ? 
# 
loop_
_struct_conn.id 
_struct_conn.conn_type_id 
_struct_conn.pdbx_leaving_atom_flag 
_struct_conn.pdbx_PDB_id 
_struct_conn.ptnr1_label_asym_id 
_struct_conn.ptnr1_label_comp_id 
_struct_conn.ptnr1_label_seq_id 
_struct_conn.ptnr1_label_atom_id 
_struct_conn.pdbx_ptnr1_label_alt_id 
_struct_conn.pdbx_ptnr1_PDB_ins_code 
_struct_conn.pdbx_ptnr1_standard_comp_id 
_struct_conn.ptnr1_symmetry 
_struct_conn.ptnr2_label_asym_id 
_struct_conn.ptnr2_label_comp_id 
_struct_conn.ptnr2_label_seq_id 
_struct_conn.ptnr2_label_atom_id 
_struct_conn.pdbx_ptnr2_label_alt_id 
_struct_conn.pdbx_ptnr2_PDB_ins_code 
_struct_conn.ptnr1_auth_asym_id 
_struct_conn.ptnr1_auth_comp_id 
_struct_conn.ptnr1_auth_seq_id 
_struct_conn.ptnr2_auth_asym_id 
_struct_conn.ptnr2_auth_comp_id 
_struct_conn.ptnr2_auth_seq_id 
_struct_conn.ptnr2_symmetry 
_struct_conn.pdbx_ptnr3_label_atom_id 
_struct_conn.pdbx_ptnr3_label_seq_id 
_struct_conn.pdbx_ptnr3_label_comp_id 
_struct_conn.pdbx_ptnr3_label_asym_id 
_struct_conn.pdbx_ptnr3_label_alt_id 
_struct_conn.pdbx_ptnr3_PDB_ins_code 
_struct_conn.details 
_struct_conn.pdbx_dist_value 
_struct_conn.pdbx_value_order 
_struct_conn.pdbx_role 
metalc1 metalc ? ? A GLU 23 OE2 ? ? ? 4_555 C ZN  . ZN ? ? A GLU 53   A ZN  1118 1_555 ? ? ? ? ? ? ? 1.911 ? ? 
metalc2 metalc ? ? A GLU 25 OE1 ? ? ? 1_555 C ZN  . ZN ? ? A GLU 55   A ZN  1118 1_555 ? ? ? ? ? ? ? 1.945 ? ? 
metalc3 metalc ? ? A HIS 74 NE2 ? ? ? 1_555 C ZN  . ZN ? ? A HIS 104  A ZN  1118 1_555 ? ? ? ? ? ? ? 2.072 ? ? 
metalc4 metalc ? ? C ZN  .  ZN  ? ? ? 1_555 D HOH . O  ? ? A ZN  1118 A HOH 2086 1_555 ? ? ? ? ? ? ? 1.998 ? ? 
# 
_struct_conn_type.id          metalc 
_struct_conn_type.criteria    ? 
_struct_conn_type.reference   ? 
# 
_struct_mon_prot_cis.pdbx_id                1 
_struct_mon_prot_cis.label_comp_id          LEU 
_struct_mon_prot_cis.label_seq_id           2 
_struct_mon_prot_cis.label_asym_id          A 
_struct_mon_prot_cis.label_alt_id           . 
_struct_mon_prot_cis.pdbx_PDB_ins_code      ? 
_struct_mon_prot_cis.auth_comp_id           LEU 
_struct_mon_prot_cis.auth_seq_id            32 
_struct_mon_prot_cis.auth_asym_id           A 
_struct_mon_prot_cis.pdbx_label_comp_id_2   PRO 
_struct_mon_prot_cis.pdbx_label_seq_id_2    3 
_struct_mon_prot_cis.pdbx_label_asym_id_2   A 
_struct_mon_prot_cis.pdbx_PDB_ins_code_2    ? 
_struct_mon_prot_cis.pdbx_auth_comp_id_2    PRO 
_struct_mon_prot_cis.pdbx_auth_seq_id_2     33 
_struct_mon_prot_cis.pdbx_auth_asym_id_2    A 
_struct_mon_prot_cis.pdbx_PDB_model_num     1 
_struct_mon_prot_cis.pdbx_omega_angle       0.39 
# 
_struct_sheet.id               AA 
_struct_sheet.type             ? 
_struct_sheet.number_strands   4 
_struct_sheet.details          ? 
# 
loop_
_struct_sheet_order.sheet_id 
_struct_sheet_order.range_id_1 
_struct_sheet_order.range_id_2 
_struct_sheet_order.offset 
_struct_sheet_order.sense 
AA 1 2 ? anti-parallel 
AA 2 3 ? anti-parallel 
AA 3 4 ? anti-parallel 
# 
loop_
_struct_sheet_range.sheet_id 
_struct_sheet_range.id 
_struct_sheet_range.beg_label_comp_id 
_struct_sheet_range.beg_label_asym_id 
_struct_sheet_range.beg_label_seq_id 
_struct_sheet_range.pdbx_beg_PDB_ins_code 
_struct_sheet_range.end_label_comp_id 
_struct_sheet_range.end_label_asym_id 
_struct_sheet_range.end_label_seq_id 
_struct_sheet_range.pdbx_end_PDB_ins_code 
_struct_sheet_range.beg_auth_comp_id 
_struct_sheet_range.beg_auth_asym_id 
_struct_sheet_range.beg_auth_seq_id 
_struct_sheet_range.end_auth_comp_id 
_struct_sheet_range.end_auth_asym_id 
_struct_sheet_range.end_auth_seq_id 
AA 1 VAL A 36 ? THR A 43 ? VAL A 66  THR A 73  
AA 2 SER A 49 ? PHE A 57 ? SER A 79  PHE A 87  
AA 3 GLY A 5  ? GLY A 15 ? GLY A 35  GLY A 45  
AA 4 LYS A 79 ? LYS A 86 ? LYS A 109 LYS A 116 
# 
loop_
_pdbx_struct_sheet_hbond.sheet_id 
_pdbx_struct_sheet_hbond.range_id_1 
_pdbx_struct_sheet_hbond.range_id_2 
_pdbx_struct_sheet_hbond.range_1_label_atom_id 
_pdbx_struct_sheet_hbond.range_1_label_comp_id 
_pdbx_struct_sheet_hbond.range_1_label_asym_id 
_pdbx_struct_sheet_hbond.range_1_label_seq_id 
_pdbx_struct_sheet_hbond.range_1_PDB_ins_code 
_pdbx_struct_sheet_hbond.range_1_auth_atom_id 
_pdbx_struct_sheet_hbond.range_1_auth_comp_id 
_pdbx_struct_sheet_hbond.range_1_auth_asym_id 
_pdbx_struct_sheet_hbond.range_1_auth_seq_id 
_pdbx_struct_sheet_hbond.range_2_label_atom_id 
_pdbx_struct_sheet_hbond.range_2_label_comp_id 
_pdbx_struct_sheet_hbond.range_2_label_asym_id 
_pdbx_struct_sheet_hbond.range_2_label_seq_id 
_pdbx_struct_sheet_hbond.range_2_PDB_ins_code 
_pdbx_struct_sheet_hbond.range_2_auth_atom_id 
_pdbx_struct_sheet_hbond.range_2_auth_comp_id 
_pdbx_struct_sheet_hbond.range_2_auth_asym_id 
_pdbx_struct_sheet_hbond.range_2_auth_seq_id 
AA 1 2 O ILE A 42 ? O ILE A 72 N LYS A 50 ? N LYS A 80  
AA 2 3 N PHE A 57 ? N PHE A 87 O ASN A 10 ? O ASN A 40  
AA 3 4 N GLY A 15 ? N GLY A 45 O LYS A 79 ? O LYS A 109 
# 
_struct_site.id                   AC1 
_struct_site.pdbx_evidence_code   Software 
_struct_site.pdbx_auth_asym_id    A 
_struct_site.pdbx_auth_comp_id    ZN 
_struct_site.pdbx_auth_seq_id     1118 
_struct_site.pdbx_auth_ins_code   ? 
_struct_site.pdbx_num_residues    4 
_struct_site.details              'BINDING SITE FOR RESIDUE ZN A 1118' 
# 
loop_
_struct_site_gen.id 
_struct_site_gen.site_id 
_struct_site_gen.pdbx_num_res 
_struct_site_gen.label_comp_id 
_struct_site_gen.label_asym_id 
_struct_site_gen.label_seq_id 
_struct_site_gen.pdbx_auth_ins_code 
_struct_site_gen.auth_comp_id 
_struct_site_gen.auth_asym_id 
_struct_site_gen.auth_seq_id 
_struct_site_gen.label_atom_id 
_struct_site_gen.label_alt_id 
_struct_site_gen.symmetry 
_struct_site_gen.details 
1 AC1 4 GLU A 23 ? GLU A 53   . ? 4_555 ? 
2 AC1 4 GLU A 25 ? GLU A 55   . ? 1_555 ? 
3 AC1 4 HIS A 74 ? HIS A 104  . ? 1_555 ? 
4 AC1 4 HOH D .  ? HOH A 2086 . ? 1_555 ? 
# 
_atom_sites.entry_id                    2XS7 
_atom_sites.fract_transf_matrix[1][1]   -0.00183333 
_atom_sites.fract_transf_matrix[1][2]   -0.00969763 
_atom_sites.fract_transf_matrix[1][3]   0.02875969 
_atom_sites.fract_transf_matrix[2][1]   0.00063923 
_atom_sites.fract_transf_matrix[2][2]   -0.02510734 
_atom_sites.fract_transf_matrix[2][3]   -0.00842532 
_atom_sites.fract_transf_matrix[3][1]   0.01410017 
_atom_sites.fract_transf_matrix[3][2]   0.00005153 
_atom_sites.fract_transf_matrix[3][3]   0.00091621 
_atom_sites.fract_transf_vector[1]      -0.091759 
_atom_sites.fract_transf_vector[2]      0.126373 
_atom_sites.fract_transf_vector[3]      -0.137890 
# 
loop_
_atom_type.symbol 
C  
N  
O  
P  
S  
ZN 
# 
loop_
_atom_site.group_PDB 
_atom_site.id 
_atom_site.type_symbol 
_atom_site.label_atom_id 
_atom_site.label_alt_id 
_atom_site.label_comp_id 
_atom_site.label_asym_id 
_atom_site.label_entity_id 
_atom_site.label_seq_id 
_atom_site.pdbx_PDB_ins_code 
_atom_site.Cartn_x 
_atom_site.Cartn_y 
_atom_site.Cartn_z 
_atom_site.occupancy 
_atom_site.B_iso_or_equiv 
_atom_site.pdbx_formal_charge 
_atom_site.auth_seq_id 
_atom_site.auth_comp_id 
_atom_site.auth_asym_id 
_atom_site.auth_atom_id 
_atom_site.pdbx_PDB_model_num 
ATOM   1   N  N     . LEU A 1 2  ? -13.328 18.648  -4.206  1.00 26.31 ? 32   LEU A N     1 
ATOM   2   C  CA    . LEU A 1 2  ? -11.861 18.846  -4.387  1.00 26.34 ? 32   LEU A CA    1 
ATOM   3   C  C     . LEU A 1 2  ? -11.064 18.357  -3.168  1.00 25.90 ? 32   LEU A C     1 
ATOM   4   O  O     . LEU A 1 2  ? -11.541 18.470  -2.042  1.00 26.33 ? 32   LEU A O     1 
ATOM   5   C  CB    . LEU A 1 2  ? -11.521 20.324  -4.660  1.00 26.88 ? 32   LEU A CB    1 
ATOM   6   C  CG    . LEU A 1 2  ? -12.235 21.065  -5.778  1.00 27.92 ? 32   LEU A CG    1 
ATOM   7   C  CD1   . LEU A 1 2  ? -11.947 22.581  -5.647  1.00 29.16 ? 32   LEU A CD1   1 
ATOM   8   C  CD2   . LEU A 1 2  ? -11.828 20.527  -7.152  1.00 29.82 ? 32   LEU A CD2   1 
ATOM   9   N  N     . PRO A 1 3  ? -9.852  17.791  -3.386  1.00 25.16 ? 33   PRO A N     1 
ATOM   10  C  CA    . PRO A 1 3  ? -9.248  17.622  -4.712  1.00 24.31 ? 33   PRO A CA    1 
ATOM   11  C  C     . PRO A 1 3  ? -9.882  16.475  -5.499  1.00 24.14 ? 33   PRO A C     1 
ATOM   12  O  O     . PRO A 1 3  ? -10.367 15.495  -4.924  1.00 24.30 ? 33   PRO A O     1 
ATOM   13  C  CB    . PRO A 1 3  ? -7.770  17.351  -4.400  1.00 24.09 ? 33   PRO A CB    1 
ATOM   14  C  CG    . PRO A 1 3  ? -7.772  16.732  -3.043  1.00 24.17 ? 33   PRO A CG    1 
ATOM   15  C  CD    . PRO A 1 3  ? -9.041  17.163  -2.321  1.00 24.68 ? 33   PRO A CD    1 
ATOM   16  N  N     . GLU A 1 4  ? -9.925  16.654  -6.809  1.00 23.71 ? 34   GLU A N     1 
ATOM   17  C  CA    . GLU A 1 4  ? -10.453 15.639  -7.690  1.00 23.67 ? 34   GLU A CA    1 
ATOM   18  C  C     . GLU A 1 4  ? -9.553  14.410  -7.681  1.00 22.58 ? 34   GLU A C     1 
ATOM   19  O  O     . GLU A 1 4  ? -8.324  14.510  -7.797  1.00 22.98 ? 34   GLU A O     1 
ATOM   20  C  CB    . GLU A 1 4  ? -10.508 16.187  -9.096  1.00 25.09 ? 34   GLU A CB    1 
ATOM   21  C  CG    . GLU A 1 4  ? -11.226 15.307  -10.059 1.00 27.93 ? 34   GLU A CG    1 
ATOM   22  C  CD    . GLU A 1 4  ? -11.136 15.867  -11.466 1.00 31.04 ? 34   GLU A CD    1 
ATOM   23  O  OE1   . GLU A 1 4  ? -10.731 17.061  -11.619 1.00 35.11 ? 34   GLU A OE1   1 
ATOM   24  O  OE2   . GLU A 1 4  ? -11.472 15.119  -12.408 1.00 33.93 ? 34   GLU A OE2   1 
ATOM   25  N  N     . GLY A 1 5  ? -10.152 13.248  -7.533  1.00 21.24 ? 35   GLY A N     1 
ATOM   26  C  CA    . GLY A 1 5  ? -9.348  12.029  -7.544  1.00 19.73 ? 35   GLY A CA    1 
ATOM   27  C  C     . GLY A 1 5  ? -10.243 10.857  -7.860  1.00 19.32 ? 35   GLY A C     1 
ATOM   28  O  O     . GLY A 1 5  ? -11.454 10.901  -7.589  1.00 20.27 ? 35   GLY A O     1 
ATOM   29  N  N     . LYS A 1 6  ? -9.658  9.816   -8.444  1.00 17.79 ? 36   LYS A N     1 
ATOM   30  C  CA    . LYS A 1 6  ? -10.388 8.598   -8.744  1.00 17.38 ? 36   LYS A CA    1 
ATOM   31  C  C     . LYS A 1 6  ? -9.940  7.540   -7.745  1.00 16.02 ? 36   LYS A C     1 
ATOM   32  O  O     . LYS A 1 6  ? -8.730  7.353   -7.550  1.00 15.54 ? 36   LYS A O     1 
ATOM   33  C  CB    . LYS A 1 6  ? -10.030 8.124   -10.157 1.00 18.66 ? 36   LYS A CB    1 
ATOM   34  C  CG    . LYS A 1 6  ? -10.697 6.837   -10.556 1.00 22.58 ? 36   LYS A CG    1 
ATOM   35  C  CD    . LYS A 1 6  ? -10.398 6.442   -12.015 1.00 28.92 ? 36   LYS A CD    1 
ATOM   36  C  CE    . LYS A 1 6  ? -11.034 5.077   -12.408 1.00 29.83 ? 36   LYS A CE    1 
ATOM   37  N  NZ    . LYS A 1 6  ? -11.167 4.081   -11.253 1.00 35.91 ? 36   LYS A NZ    1 
ATOM   38  N  N     . ILE A 1 7  ? -10.889 6.832   -7.137  1.00 15.22 ? 37   ILE A N     1 
ATOM   39  C  CA    . ILE A 1 7  ? -10.567 5.752   -6.216  1.00 14.88 ? 37   ILE A CA    1 
ATOM   40  C  C     . ILE A 1 7  ? -10.214 4.543   -7.073  1.00 14.27 ? 37   ILE A C     1 
ATOM   41  O  O     . ILE A 1 7  ? -11.005 4.118   -7.915  1.00 15.48 ? 37   ILE A O     1 
ATOM   42  C  CB    . ILE A 1 7  ? -11.748 5.447   -5.258  1.00 15.19 ? 37   ILE A CB    1 
ATOM   43  C  CG1   . ILE A 1 7  ? -12.102 6.681   -4.394  1.00 14.73 ? 37   ILE A CG1   1 
ATOM   44  C  CG2   . ILE A 1 7  ? -11.374 4.285   -4.332  1.00 16.43 ? 37   ILE A CG2   1 
ATOM   45  C  CD1   . ILE A 1 7  ? -13.478 6.579   -3.752  1.00 16.12 ? 37   ILE A CD1   1 
ATOM   46  N  N     . MET A 1 8  ? -9.036  3.967   -6.825  1.00 13.54 ? 38   MET A N     1 
ATOM   47  C  CA    . MET A 1 8  ? -8.524  2.833   -7.622  1.00 13.49 ? 38   MET A CA    1 
ATOM   48  C  C     . MET A 1 8  ? -9.004  1.509   -7.043  1.00 12.81 ? 38   MET A C     1 
ATOM   49  O  O     . MET A 1 8  ? -8.702  1.204   -5.890  1.00 12.48 ? 38   MET A O     1 
ATOM   50  C  CB    . MET A 1 8  ? -6.987  2.860   -7.664  1.00 13.82 ? 38   MET A CB    1 
ATOM   51  C  CG    . MET A 1 8  ? -6.445  4.090   -8.401  1.00 17.16 ? 38   MET A CG    1 
ATOM   52  S  SD    . MET A 1 8  ? -7.289  4.530   -9.973  1.00 23.48 ? 38   MET A SD    1 
ATOM   53  C  CE    . MET A 1 8  ? -6.619  3.310   -11.050 1.00 25.60 ? 38   MET A CE    1 
ATOM   54  N  N     . PRO A 1 9  ? -9.726  0.688   -7.831  1.00 13.25 ? 39   PRO A N     1 
ATOM   55  C  CA    . PRO A 1 9  ? -10.239 -0.521  -7.177  1.00 12.87 ? 39   PRO A CA    1 
ATOM   56  C  C     . PRO A 1 9  ? -9.140  -1.500  -6.815  1.00 12.08 ? 39   PRO A C     1 
ATOM   57  O  O     . PRO A 1 9  ? -8.108  -1.544  -7.490  1.00 12.09 ? 39   PRO A O     1 
ATOM   58  C  CB    . PRO A 1 9  ? -11.166 -1.148  -8.199  1.00 13.99 ? 39   PRO A CB    1 
ATOM   59  C  CG    . PRO A 1 9  ? -10.826 -0.558  -9.481  1.00 15.54 ? 39   PRO A CG    1 
ATOM   60  C  CD    . PRO A 1 9  ? -10.223 0.824   -9.205  1.00 13.73 ? 39   PRO A CD    1 
ATOM   61  N  N     . ASN A 1 10 ? -9.394  -2.262  -5.748  1.00 11.17 ? 40   ASN A N     1 
ATOM   62  C  CA    . ASN A 1 10 ? -8.531  -3.366  -5.368  1.00 10.78 ? 40   ASN A CA    1 
ATOM   63  C  C     . ASN A 1 10 ? -7.107  -2.932  -5.122  1.00 10.01 ? 40   ASN A C     1 
ATOM   64  O  O     . ASN A 1 10 ? -6.181  -3.706  -5.297  1.00 10.55 ? 40   ASN A O     1 
ATOM   65  C  CB    . ASN A 1 10 ? -8.594  -4.461  -6.436  1.00 11.76 ? 40   ASN A CB    1 
ATOM   66  C  CG    . ASN A 1 10 ? -9.979  -5.038  -6.559  1.00 12.73 ? 40   ASN A CG    1 
ATOM   67  O  OD1   . ASN A 1 10 ? -10.757 -5.085  -5.597  1.00 11.46 ? 40   ASN A OD1   1 
ATOM   68  N  ND2   . ASN A 1 10 ? -10.289 -5.505  -7.754  1.00 16.41 ? 40   ASN A ND2   1 
ATOM   69  N  N     . THR A 1 11 ? -6.942  -1.714  -4.639  1.00 9.57  ? 41   THR A N     1 
ATOM   70  C  CA    . THR A 1 11 ? -5.621  -1.152  -4.354  1.00 9.85  ? 41   THR A CA    1 
ATOM   71  C  C     . THR A 1 11 ? -5.678  -0.510  -2.979  1.00 9.27  ? 41   THR A C     1 
ATOM   72  O  O     . THR A 1 11 ? -6.696  0.112   -2.607  1.00 10.27 ? 41   THR A O     1 
ATOM   73  C  CB    . THR A 1 11 ? -5.299  -0.111  -5.426  1.00 9.94  ? 41   THR A CB    1 
ATOM   74  O  OG1   . THR A 1 11 ? -5.446  -0.719  -6.709  1.00 11.17 ? 41   THR A OG1   1 
ATOM   75  C  CG2   . THR A 1 11 ? -3.896  0.442   -5.307  1.00 10.77 ? 41   THR A CG2   1 
ATOM   76  N  N     . VAL A 1 12 ? -4.580  -0.643  -2.231  1.00 9.20  ? 42   VAL A N     1 
ATOM   77  C  CA    . VAL A 1 12 ? -4.464  -0.066  -0.871  1.00 9.47  ? 42   VAL A CA    1 
ATOM   78  C  C     . VAL A 1 12 ? -3.256  0.848   -0.830  1.00 7.98  ? 42   VAL A C     1 
ATOM   79  O  O     . VAL A 1 12 ? -2.151  0.437   -1.209  1.00 9.11  ? 42   VAL A O     1 
ATOM   80  C  CB    . VAL A 1 12 ? -4.331  -1.178  0.199   1.00 9.87  ? 42   VAL A CB    1 
ATOM   81  C  CG1   . VAL A 1 12 ? -4.187  -0.582  1.612   1.00 11.91 ? 42   VAL A CG1   1 
ATOM   82  C  CG2   . VAL A 1 12 ? -5.574  -2.083  0.178   1.00 12.24 ? 42   VAL A CG2   1 
ATOM   83  N  N     . PHE A 1 13 ? -3.443  2.098   -0.411  1.00 7.84  ? 43   PHE A N     1 
ATOM   84  C  CA    . PHE A 1 13 ? -2.309  2.980   -0.054  1.00 7.33  ? 43   PHE A CA    1 
ATOM   85  C  C     . PHE A 1 13 ? -1.662  2.537   1.217   1.00 8.30  ? 43   PHE A C     1 
ATOM   86  O  O     . PHE A 1 13 ? -2.356  2.264   2.233   1.00 8.36  ? 43   PHE A O     1 
ATOM   87  C  CB    . PHE A 1 13 ? -2.809  4.423   0.086   1.00 7.66  ? 43   PHE A CB    1 
ATOM   88  C  CG    . PHE A 1 13 ? -1.812  5.372   0.704   1.00 6.54  ? 43   PHE A CG    1 
ATOM   89  C  CD1   . PHE A 1 13 ? -0.970  6.136   -0.109  1.00 8.53  ? 43   PHE A CD1   1 
ATOM   90  C  CD2   . PHE A 1 13 ? -1.767  5.540   2.092   1.00 7.40  ? 43   PHE A CD2   1 
ATOM   91  C  CE1   . PHE A 1 13 ? -0.074  7.067   0.444   1.00 9.21  ? 43   PHE A CE1   1 
ATOM   92  C  CE2   . PHE A 1 13 ? -0.841  6.492   2.685   1.00 9.05  ? 43   PHE A CE2   1 
ATOM   93  C  CZ    . PHE A 1 13 ? -0.002  7.232   1.829   1.00 8.59  ? 43   PHE A CZ    1 
ATOM   94  N  N     . VAL A 1 14 ? -0.321  2.495   1.195   1.00 8.76  ? 44   VAL A N     1 
ATOM   95  C  CA    . VAL A 1 14 ? 0.418   2.123   2.402   1.00 9.09  ? 44   VAL A CA    1 
ATOM   96  C  C     . VAL A 1 14 ? 1.438   3.223   2.654   1.00 9.78  ? 44   VAL A C     1 
ATOM   97  O  O     . VAL A 1 14 ? 2.349   3.451   1.807   1.00 11.26 ? 44   VAL A O     1 
ATOM   98  C  CB    . VAL A 1 14 ? 1.138   0.778   2.219   1.00 9.91  ? 44   VAL A CB    1 
ATOM   99  C  CG1   . VAL A 1 14 ? 1.904   0.390   3.488   1.00 12.00 ? 44   VAL A CG1   1 
ATOM   100 C  CG2   . VAL A 1 14 ? 0.132   -0.304  1.852   1.00 10.06 ? 44   VAL A CG2   1 
ATOM   101 N  N     . GLY A 1 15 ? 1.285   3.922   3.777   1.00 10.92 ? 45   GLY A N     1 
ATOM   102 C  CA    . GLY A 1 15 ? 2.297   4.945   4.114   1.00 12.02 ? 45   GLY A CA    1 
ATOM   103 C  C     . GLY A 1 15 ? 3.023   4.593   5.410   1.00 13.24 ? 45   GLY A C     1 
ATOM   104 O  O     . GLY A 1 15 ? 2.694   3.616   6.104   1.00 13.22 ? 45   GLY A O     1 
ATOM   105 N  N     . GLY A 1 16 ? 4.026   5.398   5.750   1.00 14.36 ? 46   GLY A N     1 
ATOM   106 C  CA    . GLY A 1 16 ? 4.868   5.024   6.884   1.00 16.02 ? 46   GLY A CA    1 
ATOM   107 C  C     . GLY A 1 16 ? 5.778   3.859   6.547   1.00 16.38 ? 46   GLY A C     1 
ATOM   108 O  O     . GLY A 1 16 ? 6.174   3.119   7.448   1.00 18.08 ? 46   GLY A O     1 
ATOM   109 N  N     . ILE A 1 17 ? 6.146   3.712   5.271   1.00 16.36 ? 47   ILE A N     1 
ATOM   110 C  CA    . ILE A 1 17 ? 7.064   2.633   4.860   1.00 17.04 ? 47   ILE A CA    1 
ATOM   111 C  C     . ILE A 1 17 ? 8.489   3.072   5.172   1.00 18.33 ? 47   ILE A C     1 
ATOM   112 O  O     . ILE A 1 17 ? 8.998   4.024   4.592   1.00 18.70 ? 47   ILE A O     1 
ATOM   113 C  CB    . ILE A 1 17 ? 6.969   2.295   3.367   1.00 15.91 ? 47   ILE A CB    1 
ATOM   114 C  CG1   . ILE A 1 17 ? 5.534   1.856   3.004   1.00 15.70 ? 47   ILE A CG1   1 
ATOM   115 C  CG2   . ILE A 1 17 ? 7.920   1.156   3.035   1.00 16.89 ? 47   ILE A CG2   1 
ATOM   116 C  CD1   . ILE A 1 17 ? 5.321   1.674   1.509   1.00 14.86 ? 47   ILE A CD1   1 
ATOM   117 N  N     . ASP A 1 18 ? 9.126   2.371   6.098   1.00 19.56 ? 48   ASP A N     1 
ATOM   118 C  CA    . ASP A 1 18 ? 10.478  2.786   6.491   1.00 20.93 ? 48   ASP A CA    1 
ATOM   119 C  C     . ASP A 1 18 ? 11.508  2.245   5.496   1.00 21.92 ? 48   ASP A C     1 
ATOM   120 O  O     . ASP A 1 18 ? 11.198  1.384   4.675   1.00 21.08 ? 48   ASP A O     1 
ATOM   121 C  CB    . ASP A 1 18 ? 10.792  2.296   7.891   1.00 21.40 ? 48   ASP A CB    1 
ATOM   122 C  CG    . ASP A 1 18 ? 10.872  0.798   7.953   1.00 22.53 ? 48   ASP A CG    1 
ATOM   123 O  OD1   . ASP A 1 18 ? 11.979  0.224   7.715   1.00 25.80 ? 48   ASP A OD1   1 
ATOM   124 O  OD2   . ASP A 1 18 ? 9.805   0.203   8.231   1.00 22.63 ? 48   ASP A OD2   1 
ATOM   125 N  N     . VAL A 1 19 ? 12.738  2.738   5.594   1.00 23.72 ? 49   VAL A N     1 
ATOM   126 C  CA    . VAL A 1 19 ? 13.760  2.441   4.594   1.00 25.39 ? 49   VAL A CA    1 
ATOM   127 C  C     . VAL A 1 19 ? 14.176  0.975   4.586   1.00 25.29 ? 49   VAL A C     1 
ATOM   128 O  O     . VAL A 1 19 ? 14.781  0.518   3.626   1.00 26.73 ? 49   VAL A O     1 
ATOM   129 C  CB    . VAL A 1 19 ? 15.018  3.359   4.748   1.00 26.62 ? 49   VAL A CB    1 
ATOM   130 C  CG1   . VAL A 1 19 ? 15.628  3.220   6.133   1.00 27.69 ? 49   VAL A CG1   1 
ATOM   131 C  CG2   . VAL A 1 19 ? 16.074  3.011   3.693   1.00 27.83 ? 49   VAL A CG2   1 
ATOM   132 N  N     . ARG A 1 20 ? 13.882  0.254   5.649   1.00 24.48 ? 50   ARG A N     1 
ATOM   133 C  CA    . ARG A 1 20 ? 14.230  -1.172  5.681   1.00 23.73 ? 50   ARG A CA    1 
ATOM   134 C  C     . ARG A 1 20 ? 13.068  -2.069  5.283   1.00 22.44 ? 50   ARG A C     1 
ATOM   135 O  O     . ARG A 1 20 ? 13.152  -3.288  5.401   1.00 22.76 ? 50   ARG A O     1 
ATOM   136 C  CB    . ARG A 1 20 ? 14.774  -1.585  7.053   1.00 24.22 ? 50   ARG A CB    1 
ATOM   137 C  CG    . ARG A 1 20 ? 15.854  -0.639  7.552   0.50 25.29 ? 50   ARG A CG    1 
ATOM   138 C  CD    . ARG A 1 20 ? 17.055  -1.363  8.112   0.50 27.05 ? 50   ARG A CD    1 
ATOM   139 N  NE    . ARG A 1 20 ? 18.164  -0.422  8.187   0.50 27.02 ? 50   ARG A NE    1 
ATOM   140 C  CZ    . ARG A 1 20 ? 19.252  -0.510  7.441   0.50 29.54 ? 50   ARG A CZ    1 
ATOM   141 N  NH1   . ARG A 1 20 ? 19.389  -1.539  6.622   0.50 27.30 ? 50   ARG A NH1   1 
ATOM   142 N  NH2   . ARG A 1 20 ? 20.209  0.406   7.551   0.50 27.12 ? 50   ARG A NH2   1 
ATOM   143 N  N     . MET A 1 21 ? 11.979  -1.483  4.802   1.00 20.91 ? 51   MET A N     1 
ATOM   144 C  CA    . MET A 1 21 ? 10.849  -2.297  4.387   1.00 19.93 ? 51   MET A CA    1 
ATOM   145 C  C     . MET A 1 21 ? 10.766  -2.306  2.860   1.00 19.35 ? 51   MET A C     1 
ATOM   146 O  O     . MET A 1 21 ? 10.437  -1.267  2.218   1.00 20.04 ? 51   MET A O     1 
ATOM   147 C  CB    . MET A 1 21 ? 9.564   -1.744  5.006   1.00 20.02 ? 51   MET A CB    1 
ATOM   148 C  CG    . MET A 1 21 ? 8.344   -2.618  4.727   1.00 21.50 ? 51   MET A CG    1 
ATOM   149 S  SD    . MET A 1 21 ? 6.843   -1.848  5.365   1.00 24.98 ? 51   MET A SD    1 
ATOM   150 C  CE    . MET A 1 21 ? 7.325   -1.393  7.015   1.00 26.13 ? 51   MET A CE    1 
ATOM   151 N  N     . ASP A 1 22 ? 11.042  -3.464  2.264   1.00 17.78 ? 52   ASP A N     1 
ATOM   152 C  CA    . ASP A 1 22 ? 11.027  -3.553  0.819   1.00 16.61 ? 52   ASP A CA    1 
ATOM   153 C  C     . ASP A 1 22 ? 9.712   -4.056  0.217   1.00 15.33 ? 52   ASP A C     1 
ATOM   154 O  O     . ASP A 1 22 ? 8.801   -4.491  0.944   1.00 14.88 ? 52   ASP A O     1 
ATOM   155 C  CB    . ASP A 1 22 ? 12.230  -4.292  0.261   1.00 17.61 ? 52   ASP A CB    1 
ATOM   156 C  CG    . ASP A 1 22 ? 12.250  -5.787  0.571   1.00 18.22 ? 52   ASP A CG    1 
ATOM   157 O  OD1   . ASP A 1 22 ? 11.244  -6.407  0.995   1.00 20.02 ? 52   ASP A OD1   1 
ATOM   158 O  OD2   . ASP A 1 22 ? 13.336  -6.379  0.355   1.00 23.31 ? 52   ASP A OD2   1 
ATOM   159 N  N     . GLU A 1 23 ? 9.604   -3.986  -1.108  1.00 14.61 ? 53   GLU A N     1 
ATOM   160 C  CA    . GLU A 1 23 ? 8.354   -4.404  -1.738  1.00 13.25 ? 53   GLU A CA    1 
ATOM   161 C  C     . GLU A 1 23 ? 8.022   -5.849  -1.454  1.00 13.63 ? 53   GLU A C     1 
ATOM   162 O  O     . GLU A 1 23 ? 6.831   -6.209  -1.271  1.00 14.20 ? 53   GLU A O     1 
ATOM   163 C  CB    . GLU A 1 23 ? 8.413   -4.146  -3.255  1.00 13.60 ? 53   GLU A CB    1 
ATOM   164 C  CG    . GLU A 1 23 ? 8.402   -2.670  -3.608  1.00 15.60 ? 53   GLU A CG    1 
ATOM   165 C  CD    . GLU A 1 23 ? 8.555   -2.349  -5.107  1.00 16.99 ? 53   GLU A CD    1 
ATOM   166 O  OE1   . GLU A 1 23 ? 8.429   -1.141  -5.419  1.00 16.04 ? 53   GLU A OE1   1 
ATOM   167 O  OE2   . GLU A 1 23 ? 8.811   -3.269  -5.948  1.00 16.03 ? 53   GLU A OE2   1 
ATOM   168 N  N     . THR A 1 24 ? 9.047   -6.712  -1.404  1.00 13.77 ? 54   THR A N     1 
ATOM   169 C  CA    . THR A 1 24 ? 8.759   -8.134  -1.181  1.00 14.05 ? 54   THR A CA    1 
ATOM   170 C  C     . THR A 1 24 ? 8.175   -8.416  0.228   1.00 13.06 ? 54   THR A C     1 
ATOM   171 O  O     . THR A 1 24 ? 7.265   -9.238  0.403   1.00 12.70 ? 54   THR A O     1 
ATOM   172 C  CB    . THR A 1 24 ? 10.016  -8.978  -1.386  1.00 14.67 ? 54   THR A CB    1 
ATOM   173 O  OG1   . THR A 1 24 ? 10.484  -8.771  -2.724  1.00 17.79 ? 54   THR A OG1   1 
ATOM   174 C  CG2   . THR A 1 24 ? 9.735   -10.475 -1.134  1.00 16.62 ? 54   THR A CG2   1 
ATOM   175 N  N     . GLU A 1 25 ? 8.671   -7.704  1.246   1.00 13.48 ? 55   GLU A N     1 
ATOM   176 C  CA    . GLU A 1 25 ? 8.167   -7.865  2.591   1.00 12.84 ? 55   GLU A CA    1 
ATOM   177 C  C     . GLU A 1 25 ? 6.689   -7.419  2.678   1.00 12.58 ? 55   GLU A C     1 
ATOM   178 O  O     . GLU A 1 25 ? 5.860   -8.090  3.294   1.00 13.65 ? 55   GLU A O     1 
ATOM   179 C  CB    . GLU A 1 25 ? 9.051   -7.112  3.599   1.00 13.10 ? 55   GLU A CB    1 
ATOM   180 C  CG    . GLU A 1 25 ? 8.644   -7.481  5.012   1.00 14.28 ? 55   GLU A CG    1 
ATOM   181 C  CD    . GLU A 1 25 ? 9.559   -6.929  6.052   1.00 16.23 ? 55   GLU A CD    1 
ATOM   182 O  OE1   . GLU A 1 25 ? 9.404   -7.354  7.210   1.00 17.79 ? 55   GLU A OE1   1 
ATOM   183 O  OE2   . GLU A 1 25 ? 10.423  -6.080  5.728   1.00 17.22 ? 55   GLU A OE2   1 
ATOM   184 N  N     . ILE A 1 26 ? 6.358   -6.311  2.029   1.00 12.22 ? 56   ILE A N     1 
ATOM   185 C  CA    . ILE A 1 26 ? 4.983   -5.851  1.989   1.00 11.43 ? 56   ILE A CA    1 
ATOM   186 C  C     . ILE A 1 26 ? 4.091   -6.838  1.263   1.00 12.15 ? 56   ILE A C     1 
ATOM   187 O  O     . ILE A 1 26 ? 3.003   -7.189  1.763   1.00 11.92 ? 56   ILE A O     1 
ATOM   188 C  CB    . ILE A 1 26 ? 4.919   -4.469  1.301   1.00 10.90 ? 56   ILE A CB    1 
ATOM   189 C  CG1   . ILE A 1 26 ? 5.694   -3.462  2.149   1.00 12.22 ? 56   ILE A CG1   1 
ATOM   190 C  CG2   . ILE A 1 26 ? 3.457   -4.022  1.109   1.00 10.87 ? 56   ILE A CG2   1 
ATOM   191 C  CD1   . ILE A 1 26 ? 5.898   -2.110  1.509   1.00 14.21 ? 56   ILE A CD1   1 
ATOM   192 N  N     . ARG A 1 27 ? 4.560   -7.340  0.115   1.00 12.24 ? 57   ARG A N     1 
ATOM   193 C  CA    . ARG A 1 27 ? 3.788   -8.358  -0.644  1.00 13.36 ? 57   ARG A CA    1 
ATOM   194 C  C     . ARG A 1 27 ? 3.493   -9.565  0.236   1.00 13.72 ? 57   ARG A C     1 
ATOM   195 O  O     . ARG A 1 27 ? 2.369   -10.076 0.259   1.00 14.14 ? 57   ARG A O     1 
ATOM   196 C  CB    . ARG A 1 27 ? 4.583   -8.789  -1.870  1.00 14.02 ? 57   ARG A CB    1 
ATOM   197 C  CG    . ARG A 1 27 ? 4.012   -10.018 -2.592  1.00 15.23 ? 57   ARG A CG    1 
ATOM   198 C  CD    . ARG A 1 27 ? 4.941   -10.468 -3.732  1.00 18.70 ? 57   ARG A CD    1 
ATOM   199 N  NE    . ARG A 1 27 ? 4.717   -9.579  -4.865  1.00 21.82 ? 57   ARG A NE    1 
ATOM   200 C  CZ    . ARG A 1 27 ? 3.687   -9.715  -5.710  1.00 23.87 ? 57   ARG A CZ    1 
ATOM   201 N  NH1   . ARG A 1 27 ? 2.840   -10.738 -5.553  1.00 26.10 ? 57   ARG A NH1   1 
ATOM   202 N  NH2   . ARG A 1 27 ? 3.511   -8.849  -6.712  1.00 24.61 ? 57   ARG A NH2   1 
ATOM   203 N  N     . SER A 1 28 ? 4.494   -10.028 0.990   1.00 14.85 ? 58   SER A N     1 
ATOM   204 C  CA    . SER A 1 28 ? 4.357   -11.231 1.792   1.00 15.52 ? 58   SER A CA    1 
ATOM   205 C  C     . SER A 1 28 ? 3.299   -11.078 2.874   1.00 15.04 ? 58   SER A C     1 
ATOM   206 O  O     . SER A 1 28 ? 2.542   -12.006 3.147   1.00 15.86 ? 58   SER A O     1 
ATOM   207 C  CB    . SER A 1 28 ? 5.706   -11.594 2.434   1.00 16.60 ? 58   SER A CB    1 
ATOM   208 O  OG    . SER A 1 28 ? 6.597   -11.955 1.391   1.00 20.94 ? 58   SER A OG    1 
ATOM   209 N  N     . PHE A 1 29 ? 3.218   -9.899  3.466   1.00 14.23 ? 59   PHE A N     1 
ATOM   210 C  CA    . PHE A 1 29 ? 2.157   -9.654  4.412   1.00 14.27 ? 59   PHE A CA    1 
ATOM   211 C  C     . PHE A 1 29 ? 0.764   -9.613  3.766   1.00 13.57 ? 59   PHE A C     1 
ATOM   212 O  O     . PHE A 1 29 ? -0.198  -10.290 4.224   1.00 13.54 ? 59   PHE A O     1 
ATOM   213 C  CB    . PHE A 1 29 ? 2.327   -8.384  5.194   1.00 15.27 ? 59   PHE A CB    1 
ATOM   214 C  CG    . PHE A 1 29 ? 1.271   -8.247  6.236   1.00 16.62 ? 59   PHE A CG    1 
ATOM   215 C  CD1   . PHE A 1 29 ? 0.095   -7.541  5.973   1.00 17.30 ? 59   PHE A CD1   1 
ATOM   216 C  CD2   . PHE A 1 29 ? 1.369   -8.964  7.421   1.00 20.07 ? 59   PHE A CD2   1 
ATOM   217 C  CE1   . PHE A 1 29 ? -0.905  -7.483  6.906   1.00 19.87 ? 59   PHE A CE1   1 
ATOM   218 C  CE2   . PHE A 1 29 ? 0.353   -8.883  8.382   1.00 22.41 ? 59   PHE A CE2   1 
ATOM   219 C  CZ    . PHE A 1 29 ? -0.785  -8.137  8.110   1.00 21.33 ? 59   PHE A CZ    1 
ATOM   220 N  N     . PHE A 1 30 ? 0.646   -8.824  2.716   1.00 11.92 ? 60   PHE A N     1 
ATOM   221 C  CA    . PHE A 1 30 ? -0.671  -8.604  2.113   1.00 11.13 ? 60   PHE A CA    1 
ATOM   222 C  C     . PHE A 1 30 ? -1.232  -9.821  1.374   1.00 10.67 ? 60   PHE A C     1 
ATOM   223 O  O     . PHE A 1 30 ? -2.402  -9.824  1.017   1.00 10.70 ? 60   PHE A O     1 
ATOM   224 C  CB    . PHE A 1 30 ? -0.646  -7.374  1.231   1.00 11.13 ? 60   PHE A CB    1 
ATOM   225 C  CG    . PHE A 1 30 ? -0.733  -6.093  1.979   1.00 10.43 ? 60   PHE A CG    1 
ATOM   226 C  CD1   . PHE A 1 30 ? 0.402   -5.466  2.485   1.00 11.17 ? 60   PHE A CD1   1 
ATOM   227 C  CD2   . PHE A 1 30 ? -1.967  -5.508  2.217   1.00 12.06 ? 60   PHE A CD2   1 
ATOM   228 C  CE1   . PHE A 1 30 ? 0.272   -4.255  3.222   1.00 12.70 ? 60   PHE A CE1   1 
ATOM   229 C  CE2   . PHE A 1 30 ? -2.062  -4.313  2.923   1.00 12.67 ? 60   PHE A CE2   1 
ATOM   230 C  CZ    . PHE A 1 30 ? -0.965  -3.720  3.451   1.00 12.72 ? 60   PHE A CZ    1 
ATOM   231 N  N     . ALA A 1 31 ? -0.390  -10.839 1.146   1.00 11.10 ? 61   ALA A N     1 
ATOM   232 C  CA    . ALA A 1 31 ? -0.839  -12.070 0.524   1.00 10.89 ? 61   ALA A CA    1 
ATOM   233 C  C     . ALA A 1 31 ? -1.968  -12.725 1.322   1.00 11.02 ? 61   ALA A C     1 
ATOM   234 O  O     . ALA A 1 31 ? -2.707  -13.557 0.774   1.00 11.55 ? 61   ALA A O     1 
ATOM   235 C  CB    . ALA A 1 31 ? 0.326   -13.029 0.307   1.00 12.23 ? 61   ALA A CB    1 
ATOM   236 N  N     . ARG A 1 32 ? -2.113  -12.386 2.603   1.00 10.98 ? 62   ARG A N     1 
ATOM   237 C  CA    . ARG A 1 32 ? -3.242  -12.912 3.393   1.00 10.85 ? 62   ARG A CA    1 
ATOM   238 C  C     . ARG A 1 32 ? -4.623  -12.494 2.858   1.00 10.69 ? 62   ARG A C     1 
ATOM   239 O  O     . ARG A 1 32 ? -5.600  -13.162 3.107   1.00 11.47 ? 62   ARG A O     1 
ATOM   240 C  CB    . ARG A 1 32 ? -3.101  -12.560 4.870   1.00 12.19 ? 62   ARG A CB    1 
ATOM   241 C  CG    . ARG A 1 32 ? -3.341  -11.108 5.153   1.00 12.29 ? 62   ARG A CG    1 
ATOM   242 C  CD    . ARG A 1 32 ? -2.995  -10.781 6.604   1.00 14.32 ? 62   ARG A CD    1 
ATOM   243 N  NE    . ARG A 1 32 ? -3.848  -11.456 7.590   1.00 16.39 ? 62   ARG A NE    1 
ATOM   244 C  CZ    . ARG A 1 32 ? -3.478  -12.519 8.309   1.00 18.60 ? 62   ARG A CZ    1 
ATOM   245 N  NH1   . ARG A 1 32 ? -2.277  -13.065 8.115   1.00 21.17 ? 62   ARG A NH1   1 
ATOM   246 N  NH2   . ARG A 1 32 ? -4.319  -13.069 9.188   1.00 20.48 ? 62   ARG A NH2   1 
ATOM   247 N  N     . TYR A 1 33 ? -4.643  -11.406 2.092   1.00 11.19 ? 63   TYR A N     1 
ATOM   248 C  CA    . TYR A 1 33 ? -5.878  -10.863 1.514   1.00 11.57 ? 63   TYR A CA    1 
ATOM   249 C  C     . TYR A 1 33 ? -6.144  -11.249 0.086   1.00 11.97 ? 63   TYR A C     1 
ATOM   250 O  O     . TYR A 1 33 ? -7.230  -10.985 -0.439  1.00 13.01 ? 63   TYR A O     1 
ATOM   251 C  CB    . TYR A 1 33 ? -5.903  -9.332  1.603   1.00 12.08 ? 63   TYR A CB    1 
ATOM   252 C  CG    . TYR A 1 33 ? -5.759  -8.862  2.996   1.00 14.55 ? 63   TYR A CG    1 
ATOM   253 C  CD1   . TYR A 1 33 ? -6.737  -9.195  3.941   1.00 17.25 ? 63   TYR A CD1   1 
ATOM   254 C  CD2   . TYR A 1 33 ? -4.665  -8.085  3.399   1.00 16.32 ? 63   TYR A CD2   1 
ATOM   255 C  CE1   . TYR A 1 33 ? -6.628  -8.800  5.210   1.00 21.65 ? 63   TYR A CE1   1 
ATOM   256 C  CE2   . TYR A 1 33 ? -4.551  -7.660  4.718   1.00 20.51 ? 63   TYR A CE2   1 
ATOM   257 C  CZ    . TYR A 1 33 ? -5.551  -8.024  5.597   1.00 21.78 ? 63   TYR A CZ    1 
ATOM   258 O  OH    . TYR A 1 33 ? -5.523  -7.657  6.901   1.00 26.65 ? 63   TYR A OH    1 
ATOM   259 N  N     . GLY A 1 34 ? -5.167  -11.835 -0.579  1.00 11.71 ? 64   GLY A N     1 
ATOM   260 C  CA    . GLY A 1 34 ? -5.360  -12.040 -1.996  1.00 12.25 ? 64   GLY A CA    1 
ATOM   261 C  C     . GLY A 1 34 ? -4.091  -12.310 -2.730  1.00 11.78 ? 64   GLY A C     1 
ATOM   262 O  O     . GLY A 1 34 ? -3.023  -12.425 -2.130  1.00 12.18 ? 64   GLY A O     1 
ATOM   263 N  N     . SER A 1 35 ? -4.214  -12.425 -4.040  1.00 11.27 ? 65   SER A N     1 
ATOM   264 C  CA    . SER A 1 35 ? -3.053  -12.629 -4.902  1.00 11.31 ? 65   SER A CA    1 
ATOM   265 C  C     . SER A 1 35 ? -2.599  -11.214 -5.293  1.00 10.61 ? 65   SER A C     1 
ATOM   266 O  O     . SER A 1 35 ? -3.292  -10.498 -6.038  1.00 10.99 ? 65   SER A O     1 
ATOM   267 C  CB    . SER A 1 35 ? -3.396  -13.452 -6.143  1.00 12.43 ? 65   SER A CB    1 
ATOM   268 O  OG    . SER A 1 35 ? -2.230  -13.582 -6.963  1.00 16.35 ? 65   SER A OG    1 
ATOM   269 N  N     . VAL A 1 36 ? -1.455  -10.805 -4.739  1.00 10.97 ? 66   VAL A N     1 
ATOM   270 C  CA    . VAL A 1 36 ? -0.943  -9.464  -4.933  1.00 11.19 ? 66   VAL A CA    1 
ATOM   271 C  C     . VAL A 1 36 ? -0.436  -9.337  -6.367  1.00 11.41 ? 66   VAL A C     1 
ATOM   272 O  O     . VAL A 1 36 ? 0.409   -10.130 -6.803  1.00 12.42 ? 66   VAL A O     1 
ATOM   273 C  CB    . VAL A 1 36 ? 0.163   -9.153  -3.886  1.00 11.59 ? 66   VAL A CB    1 
ATOM   274 C  CG1   . VAL A 1 36 ? 0.878   -7.789  -4.248  1.00 12.43 ? 66   VAL A CG1   1 
ATOM   275 C  CG2   . VAL A 1 36 ? -0.414  -9.133  -2.490  1.00 12.07 ? 66   VAL A CG2   1 
ATOM   276 N  N     . LYS A 1 37 ? -0.961  -8.342  -7.081  1.00 11.74 ? 67   LYS A N     1 
ATOM   277 C  CA    . LYS A 1 37 ? -0.571  -8.026  -8.430  1.00 12.52 ? 67   LYS A CA    1 
ATOM   278 C  C     . LYS A 1 37 ? 0.709   -7.193  -8.443  1.00 13.12 ? 67   LYS A C     1 
ATOM   279 O  O     . LYS A 1 37 ? 1.660   -7.515  -9.174  1.00 15.21 ? 67   LYS A O     1 
ATOM   280 C  CB    . LYS A 1 37 ? -1.710  -7.320  -9.186  1.00 13.26 ? 67   LYS A CB    1 
ATOM   281 C  CG    . LYS A 1 37 ? -1.391  -6.802  -10.571 1.00 16.10 ? 67   LYS A CG    1 
ATOM   282 C  CD    . LYS A 1 37 ? -2.693  -6.381  -11.268 1.00 19.58 ? 67   LYS A CD    1 
ATOM   283 C  CE    . LYS A 1 37 ? -3.549  -5.412  -10.473 1.00 22.99 ? 67   LYS A CE    1 
ATOM   284 N  NZ    . LYS A 1 37 ? -4.714  -4.899  -11.237 1.00 25.74 ? 67   LYS A NZ    1 
ATOM   285 N  N     . GLU A 1 38 ? 0.756   -6.145  -7.629  1.00 13.22 ? 68   GLU A N     1 
ATOM   286 C  CA    . GLU A 1 38 ? 1.931   -5.246  -7.648  1.00 13.64 ? 68   GLU A CA    1 
ATOM   287 C  C     . GLU A 1 38 ? 2.061   -4.609  -6.282  1.00 12.57 ? 68   GLU A C     1 
ATOM   288 O  O     . GLU A 1 38 ? 1.048   -4.252  -5.674  1.00 11.60 ? 68   GLU A O     1 
ATOM   289 C  CB    . GLU A 1 38 ? 1.699   -4.147  -8.685  1.00 15.62 ? 68   GLU A CB    1 
ATOM   290 C  CG    . GLU A 1 38 ? 2.773   -3.124  -8.756  1.00 19.05 ? 68   GLU A CG    1 
ATOM   291 C  CD    . GLU A 1 38 ? 2.505   -2.145  -9.867  1.00 23.82 ? 68   GLU A CD    1 
ATOM   292 O  OE1   . GLU A 1 38 ? 1.455   -1.446  -9.783  1.00 28.05 ? 68   GLU A OE1   1 
ATOM   293 O  OE2   . GLU A 1 38 ? 3.324   -2.055  -10.805 1.00 26.54 ? 68   GLU A OE2   1 
ATOM   294 N  N     . VAL A 1 39 ? 3.287   -4.484  -5.797  1.00 11.63 ? 69   VAL A N     1 
ATOM   295 C  CA    . VAL A 1 39 ? 3.596   -3.557  -4.715  1.00 11.39 ? 69   VAL A CA    1 
ATOM   296 C  C     . VAL A 1 39 ? 4.512   -2.544  -5.335  1.00 11.97 ? 69   VAL A C     1 
ATOM   297 O  O     . VAL A 1 39 ? 5.514   -2.898  -5.949  1.00 12.20 ? 69   VAL A O     1 
ATOM   298 C  CB    . VAL A 1 39 ? 4.298   -4.232  -3.510  1.00 11.77 ? 69   VAL A CB    1 
ATOM   299 C  CG1   . VAL A 1 39 ? 4.613   -3.194  -2.428  1.00 14.31 ? 69   VAL A CG1   1 
ATOM   300 C  CG2   . VAL A 1 39 ? 3.421   -5.352  -2.943  1.00 13.49 ? 69   VAL A CG2   1 
ATOM   301 N  N     . LYS A 1 40 ? 4.163   -1.292  -5.196  1.00 11.38 ? 70   LYS A N     1 
ATOM   302 C  CA    . LYS A 1 40 ? 5.017   -0.236  -5.719  1.00 12.53 ? 70   LYS A CA    1 
ATOM   303 C  C     . LYS A 1 40 ? 5.278   0.797   -4.640  1.00 12.91 ? 70   LYS A C     1 
ATOM   304 O  O     . LYS A 1 40 ? 4.355   1.482   -4.195  1.00 13.05 ? 70   LYS A O     1 
ATOM   305 C  CB    . LYS A 1 40 ? 4.358   0.438   -6.898  1.00 14.36 ? 70   LYS A CB    1 
ATOM   306 C  CG    . LYS A 1 40 ? 5.330   1.298   -7.634  1.00 19.01 ? 70   LYS A CG    1 
ATOM   307 C  CD    . LYS A 1 40 ? 4.631   1.867   -8.849  1.00 26.43 ? 70   LYS A CD    1 
ATOM   308 C  CE    . LYS A 1 40 ? 5.613   2.531   -9.771  1.00 26.97 ? 70   LYS A CE    1 
ATOM   309 N  NZ    . LYS A 1 40 ? 6.508   1.626   -10.570 1.00 34.49 ? 70   LYS A NZ    1 
ATOM   310 N  N     . ILE A 1 41 ? 6.522   0.881   -4.209  1.00 13.43 ? 71   ILE A N     1 
ATOM   311 C  CA    . ILE A 1 41 ? 6.956   1.941   -3.314  1.00 13.61 ? 71   ILE A CA    1 
ATOM   312 C  C     . ILE A 1 41 ? 7.313   3.137   -4.186  1.00 13.07 ? 71   ILE A C     1 
ATOM   313 O  O     . ILE A 1 41 ? 8.109   3.061   -5.174  1.00 13.82 ? 71   ILE A O     1 
ATOM   314 C  CB    . ILE A 1 41 ? 8.163   1.507   -2.438  1.00 14.18 ? 71   ILE A CB    1 
ATOM   315 C  CG1   . ILE A 1 41 ? 7.718   0.381   -1.493  1.00 14.72 ? 71   ILE A CG1   1 
ATOM   316 C  CG2   . ILE A 1 41 ? 8.771   2.707   -1.684  1.00 14.97 ? 71   ILE A CG2   1 
ATOM   317 C  CD1   . ILE A 1 41 ? 8.859   -0.297  -0.688  1.00 17.61 ? 71   ILE A CD1   1 
ATOM   318 N  N     . ILE A 1 42 ? 6.720   4.290   -3.862  1.00 12.49 ? 72   ILE A N     1 
ATOM   319 C  CA    . ILE A 1 42 ? 6.950   5.485   -4.674  1.00 13.26 ? 72   ILE A CA    1 
ATOM   320 C  C     . ILE A 1 42 ? 8.308   6.107   -4.350  1.00 14.54 ? 72   ILE A C     1 
ATOM   321 O  O     . ILE A 1 42 ? 8.624   6.390   -3.196  1.00 13.89 ? 72   ILE A O     1 
ATOM   322 C  CB    . ILE A 1 42 ? 5.826   6.529   -4.508  1.00 12.34 ? 72   ILE A CB    1 
ATOM   323 C  CG1   . ILE A 1 42 ? 4.466   5.896   -4.839  1.00 12.52 ? 72   ILE A CG1   1 
ATOM   324 C  CG2   . ILE A 1 42 ? 6.068   7.744   -5.469  1.00 14.21 ? 72   ILE A CG2   1 
ATOM   325 C  CD1   . ILE A 1 42 ? 4.347   5.293   -6.275  1.00 11.67 ? 72   ILE A CD1   1 
ATOM   326 N  N     . THR A 1 43 ? 9.147   6.254   -5.375  1.00 16.65 ? 73   THR A N     1 
ATOM   327 C  CA    . THR A 1 43 ? 10.472  6.855   -5.168  1.00 19.60 ? 73   THR A CA    1 
ATOM   328 C  C     . THR A 1 43 ? 10.630  8.055   -6.060  1.00 21.12 ? 73   THR A C     1 
ATOM   329 O  O     . THR A 1 43 ? 9.958   8.171   -7.084  1.00 22.35 ? 73   THR A O     1 
ATOM   330 C  CB    . THR A 1 43 ? 11.613  5.828   -5.451  1.00 20.54 ? 73   THR A CB    1 
ATOM   331 O  OG1   . THR A 1 43 ? 11.561  5.419   -6.803  1.00 22.93 ? 73   THR A OG1   1 
ATOM   332 C  CG2   . THR A 1 43 ? 11.445  4.595   -4.612  1.00 20.72 ? 73   THR A CG2   1 
ATOM   333 N  N     . ASP A 1 44 ? 11.493  8.979   -5.673  1.00 22.20 ? 74   ASP A N     1 
ATOM   334 C  CA    . ASP A 1 44 ? 11.901  10.036  -6.609  1.00 24.10 ? 74   ASP A CA    1 
ATOM   335 C  C     . ASP A 1 44 ? 12.846  9.446   -7.668  1.00 25.23 ? 74   ASP A C     1 
ATOM   336 O  O     . ASP A 1 44 ? 13.220  8.265   -7.591  1.00 24.91 ? 74   ASP A O     1 
ATOM   337 C  CB    . ASP A 1 44 ? 12.467  11.259  -5.869  1.00 25.35 ? 74   ASP A CB    1 
ATOM   338 C  CG    . ASP A 1 44 ? 13.851  11.027  -5.269  1.00 25.51 ? 74   ASP A CG    1 
ATOM   339 O  OD1   . ASP A 1 44 ? 14.596  10.113  -5.694  1.00 26.89 ? 74   ASP A OD1   1 
ATOM   340 O  OD2   . ASP A 1 44 ? 14.235  11.799  -4.364  1.00 30.34 ? 74   ASP A OD2   1 
ATOM   341 N  N     . ARG A 1 45 ? 13.239  10.243  -8.659  1.00 26.73 ? 75   ARG A N     1 
ATOM   342 C  CA    . ARG A 1 45 ? 14.020  9.733   -9.822  1.00 28.03 ? 75   ARG A CA    1 
ATOM   343 C  C     . ARG A 1 45 ? 15.428  9.182   -9.457  1.00 28.51 ? 75   ARG A C     1 
ATOM   344 O  O     . ARG A 1 45 ? 16.064  8.473   -10.271 1.00 28.93 ? 75   ARG A O     1 
ATOM   345 C  CB    . ARG A 1 45 ? 14.124  10.805  -10.931 1.00 28.63 ? 75   ARG A CB    1 
ATOM   346 N  N     . THR A 1 46 ? 15.888  9.483   -8.237  1.00 28.34 ? 76   THR A N     1 
ATOM   347 C  CA    . THR A 1 46 ? 17.186  9.011   -7.749  1.00 28.53 ? 76   THR A CA    1 
ATOM   348 C  C     . THR A 1 46 ? 17.018  7.826   -6.804  1.00 27.58 ? 76   THR A C     1 
ATOM   349 O  O     . THR A 1 46 ? 17.995  7.382   -6.181  1.00 28.09 ? 76   THR A O     1 
ATOM   350 C  CB    . THR A 1 46 ? 17.969  10.133  -7.087  1.00 29.24 ? 76   THR A CB    1 
ATOM   351 O  OG1   . THR A 1 46 ? 17.097  10.938  -6.287  1.00 31.23 ? 76   THR A OG1   1 
ATOM   352 C  CG2   . THR A 1 46 ? 18.551  11.022  -8.145  1.00 30.53 ? 76   THR A CG2   1 
ATOM   353 N  N     . GLY A 1 47 ? 15.785  7.315   -6.733  1.00 26.28 ? 77   GLY A N     1 
ATOM   354 C  CA    . GLY A 1 47 ? 15.438  6.114   -5.985  1.00 25.88 ? 77   GLY A CA    1 
ATOM   355 C  C     . GLY A 1 47 ? 15.387  6.328   -4.501  1.00 25.36 ? 77   GLY A C     1 
ATOM   356 O  O     . GLY A 1 47 ? 15.532  5.373   -3.706  1.00 26.45 ? 77   GLY A O     1 
ATOM   357 N  N     . VAL A 1 48 ? 15.179  7.584   -4.114  1.00 23.51 ? 78   VAL A N     1 
ATOM   358 C  CA    . VAL A 1 48 ? 14.902  7.850   -2.749  1.00 22.18 ? 78   VAL A CA    1 
ATOM   359 C  C     . VAL A 1 48 ? 13.400  7.625   -2.507  1.00 20.42 ? 78   VAL A C     1 
ATOM   360 O  O     . VAL A 1 48 ? 12.541  8.241   -3.112  1.00 19.64 ? 78   VAL A O     1 
ATOM   361 C  CB    . VAL A 1 48 ? 15.431  9.207   -2.320  1.00 22.49 ? 78   VAL A CB    1 
ATOM   362 C  CG1   . VAL A 1 48 ? 15.052  9.505   -0.863  1.00 23.88 ? 78   VAL A CG1   1 
ATOM   363 C  CG2   . VAL A 1 48 ? 16.967  9.199   -2.462  1.00 23.73 ? 78   VAL A CG2   1 
ATOM   364 N  N     . SER A 1 49 ? 13.095  6.696   -1.641  1.00 19.66 ? 79   SER A N     1 
ATOM   365 C  CA    . SER A 1 49 ? 11.710  6.414   -1.348  1.00 18.23 ? 79   SER A CA    1 
ATOM   366 C  C     . SER A 1 49 ? 11.042  7.639   -0.764  1.00 17.41 ? 79   SER A C     1 
ATOM   367 O  O     . SER A 1 49 ? 11.645  8.375   0.019   1.00 18.31 ? 79   SER A O     1 
ATOM   368 C  CB    . SER A 1 49 ? 11.619  5.265   -0.346  1.00 18.70 ? 79   SER A CB    1 
ATOM   369 O  OG    . SER A 1 49 ? 10.283  5.092   0.119   1.00 17.45 ? 79   SER A OG    1 
ATOM   370 N  N     . LYS A 1 50 ? 9.772   7.814   -1.132  1.00 15.35 ? 80   LYS A N     1 
ATOM   371 C  CA    . LYS A 1 50 ? 8.936   8.834   -0.531  1.00 14.97 ? 80   LYS A CA    1 
ATOM   372 C  C     . LYS A 1 50 ? 8.216   8.319   0.707   1.00 14.12 ? 80   LYS A C     1 
ATOM   373 O  O     . LYS A 1 50 ? 7.462   9.070   1.350   1.00 14.65 ? 80   LYS A O     1 
ATOM   374 C  CB    . LYS A 1 50 ? 7.933   9.333   -1.564  1.00 14.57 ? 80   LYS A CB    1 
ATOM   375 C  CG    . LYS A 1 50 ? 8.645   10.033  -2.737  1.00 17.11 ? 80   LYS A CG    1 
ATOM   376 C  CD    . LYS A 1 50 ? 7.679   10.810  -3.530  1.00 20.88 ? 80   LYS A CD    1 
ATOM   377 C  CE    . LYS A 1 50 ? 8.382   11.392  -4.699  1.00 23.66 ? 80   LYS A CE    1 
ATOM   378 N  NZ    . LYS A 1 50 ? 7.444   12.155  -5.527  1.00 27.57 ? 80   LYS A NZ    1 
ATOM   379 N  N     . GLY A 1 51 ? 8.424   7.054   1.055   1.00 13.09 ? 81   GLY A N     1 
ATOM   380 C  CA    . GLY A 1 51 ? 7.901   6.516   2.316   1.00 12.24 ? 81   GLY A CA    1 
ATOM   381 C  C     . GLY A 1 51 ? 6.447   6.040   2.228   1.00 11.74 ? 81   GLY A C     1 
ATOM   382 O  O     . GLY A 1 51 ? 5.803   5.767   3.270   1.00 12.26 ? 81   GLY A O     1 
ATOM   383 N  N     . TYR A 1 52 ? 5.935   5.953   0.994   1.00 10.13 ? 82   TYR A N     1 
ATOM   384 C  CA    . TYR A 1 52 ? 4.581   5.399   0.801   1.00 9.81  ? 82   TYR A CA    1 
ATOM   385 C  C     . TYR A 1 52 ? 4.546   4.599   -0.498  1.00 10.26 ? 82   TYR A C     1 
ATOM   386 O  O     . TYR A 1 52 ? 5.403   4.749   -1.380  1.00 10.61 ? 82   TYR A O     1 
ATOM   387 C  CB    . TYR A 1 52 ? 3.510   6.526   0.833   1.00 11.11 ? 82   TYR A CB    1 
ATOM   388 C  CG    . TYR A 1 52 ? 3.499   7.465   -0.377  1.00 11.38 ? 82   TYR A CG    1 
ATOM   389 C  CD1   . TYR A 1 52 ? 4.192   8.694   -0.347  1.00 12.89 ? 82   TYR A CD1   1 
ATOM   390 C  CD2   . TYR A 1 52 ? 2.762   7.163   -1.549  1.00 12.03 ? 82   TYR A CD2   1 
ATOM   391 C  CE1   . TYR A 1 52 ? 4.187   9.555   -1.441  1.00 13.23 ? 82   TYR A CE1   1 
ATOM   392 C  CE2   . TYR A 1 52 ? 2.721   8.017   -2.614  1.00 13.72 ? 82   TYR A CE2   1 
ATOM   393 C  CZ    . TYR A 1 52 ? 3.429   9.230   -2.576  1.00 11.50 ? 82   TYR A CZ    1 
ATOM   394 O  OH    . TYR A 1 52 ? 3.338   10.038  -3.719  1.00 15.83 ? 82   TYR A OH    1 
ATOM   395 N  N     . GLY A 1 53 ? 3.536   3.752   -0.619  1.00 9.92  ? 83   GLY A N     1 
ATOM   396 C  CA    . GLY A 1 53 ? 3.373   2.926   -1.802  1.00 9.94  ? 83   GLY A CA    1 
ATOM   397 C  C     . GLY A 1 53 ? 1.987   2.393   -1.962  1.00 9.17  ? 83   GLY A C     1 
ATOM   398 O  O     . GLY A 1 53 ? 1.080   2.804   -1.229  1.00 10.52 ? 83   GLY A O     1 
ATOM   399 N  N     . PHE A 1 54 ? 1.847   1.449   -2.878  1.00 8.53  ? 84   PHE A N     1 
ATOM   400 C  CA    . PHE A 1 54 ? 0.512   0.929   -3.180  1.00 8.48  ? 84   PHE A CA    1 
ATOM   401 C  C     . PHE A 1 54 ? 0.582   -0.567  -3.376  1.00 8.93  ? 84   PHE A C     1 
ATOM   402 O  O     . PHE A 1 54 ? 1.512   -1.080  -3.970  1.00 10.23 ? 84   PHE A O     1 
ATOM   403 C  CB    . PHE A 1 54 ? -0.037  1.559   -4.453  1.00 8.88  ? 84   PHE A CB    1 
ATOM   404 C  CG    . PHE A 1 54 ? -0.196  3.040   -4.308  1.00 8.34  ? 84   PHE A CG    1 
ATOM   405 C  CD1   . PHE A 1 54 ? -1.391  3.596   -3.839  1.00 11.06 ? 84   PHE A CD1   1 
ATOM   406 C  CD2   . PHE A 1 54 ? 0.886   3.870   -4.560  1.00 11.13 ? 84   PHE A CD2   1 
ATOM   407 C  CE1   . PHE A 1 54 ? -1.528  4.987   -3.663  1.00 10.42 ? 84   PHE A CE1   1 
ATOM   408 C  CE2   . PHE A 1 54 ? 0.780   5.265   -4.376  1.00 11.51 ? 84   PHE A CE2   1 
ATOM   409 C  CZ    . PHE A 1 54 ? -0.429  5.815   -3.941  1.00 11.70 ? 84   PHE A CZ    1 
ATOM   410 N  N     . VAL A 1 55 ? -0.423  -1.237  -2.869  1.00 8.94  ? 85   VAL A N     1 
ATOM   411 C  CA    . VAL A 1 55 ? -0.562  -2.692  -3.034  1.00 9.09  ? 85   VAL A CA    1 
ATOM   412 C  C     . VAL A 1 55 ? -1.841  -2.929  -3.828  1.00 9.01  ? 85   VAL A C     1 
ATOM   413 O  O     . VAL A 1 55 ? -2.925  -2.507  -3.418  1.00 9.02  ? 85   VAL A O     1 
ATOM   414 C  CB    . VAL A 1 55 ? -0.637  -3.428  -1.679  1.00 9.43  ? 85   VAL A CB    1 
ATOM   415 C  CG1   . VAL A 1 55 ? -0.830  -4.942  -1.919  1.00 10.62 ? 85   VAL A CG1   1 
ATOM   416 C  CG2   . VAL A 1 55 ? 0.596   -3.107  -0.847  1.00 11.85 ? 85   VAL A CG2   1 
ATOM   417 N  N     . SER A 1 56 ? -1.737  -3.636  -4.947  1.00 9.07  ? 86   SER A N     1 
ATOM   418 C  CA    A SER A 1 56 ? -2.933  -3.949  -5.756  0.77 9.11  ? 86   SER A CA    1 
ATOM   419 C  CA    B SER A 1 56 ? -2.903  -3.944  -5.774  0.23 9.89  ? 86   SER A CA    1 
ATOM   420 C  C     . SER A 1 56 ? -3.064  -5.451  -5.846  1.00 9.65  ? 86   SER A C     1 
ATOM   421 O  O     . SER A 1 56 ? -2.072  -6.171  -5.731  1.00 10.63 ? 86   SER A O     1 
ATOM   422 C  CB    A SER A 1 56 ? -2.850  -3.331  -7.148  0.77 9.06  ? 86   SER A CB    1 
ATOM   423 C  CB    B SER A 1 56 ? -2.741  -3.347  -7.171  0.23 10.68 ? 86   SER A CB    1 
ATOM   424 O  OG    A SER A 1 56 ? -1.704  -3.778  -7.799  0.77 10.37 ? 86   SER A OG    1 
ATOM   425 O  OG    B SER A 1 56 ? -2.712  -1.931  -7.099  0.23 12.13 ? 86   SER A OG    1 
ATOM   426 N  N     . PHE A 1 57 ? -4.292  -5.891  -6.071  1.00 9.84  ? 87   PHE A N     1 
ATOM   427 C  CA    . PHE A 1 57 ? -4.609  -7.311  -6.075  1.00 9.99  ? 87   PHE A CA    1 
ATOM   428 C  C     . PHE A 1 57 ? -5.242  -7.742  -7.364  1.00 10.72 ? 87   PHE A C     1 
ATOM   429 O  O     . PHE A 1 57 ? -5.979  -6.979  -7.982  1.00 12.26 ? 87   PHE A O     1 
ATOM   430 C  CB    . PHE A 1 57 ? -5.602  -7.584  -4.957  1.00 9.64  ? 87   PHE A CB    1 
ATOM   431 C  CG    . PHE A 1 57 ? -5.029  -7.400  -3.579  1.00 8.70  ? 87   PHE A CG    1 
ATOM   432 C  CD1   . PHE A 1 57 ? -5.064  -6.163  -2.935  1.00 9.78  ? 87   PHE A CD1   1 
ATOM   433 C  CD2   . PHE A 1 57 ? -4.392  -8.460  -2.960  1.00 9.71  ? 87   PHE A CD2   1 
ATOM   434 C  CE1   . PHE A 1 57 ? -4.546  -6.041  -1.631  1.00 9.46  ? 87   PHE A CE1   1 
ATOM   435 C  CE2   . PHE A 1 57 ? -3.884  -8.353  -1.631  1.00 9.59  ? 87   PHE A CE2   1 
ATOM   436 C  CZ    . PHE A 1 57 ? -3.930  -7.131  -0.990  1.00 10.77 ? 87   PHE A CZ    1 
ATOM   437 N  N     . TYR A 1 58 ? -5.045  -9.012  -7.726  1.00 11.23 ? 88   TYR A N     1 
ATOM   438 C  CA    . TYR A 1 58 ? -5.779  -9.604  -8.855  1.00 11.52 ? 88   TYR A CA    1 
ATOM   439 C  C     . TYR A 1 58 ? -7.254  -9.900  -8.510  1.00 11.76 ? 88   TYR A C     1 
ATOM   440 O  O     . TYR A 1 58 ? -8.154  -9.720  -9.326  1.00 13.73 ? 88   TYR A O     1 
ATOM   441 C  CB    . TYR A 1 58 ? -5.110  -10.911 -9.294  1.00 12.14 ? 88   TYR A CB    1 
ATOM   442 C  CG    . TYR A 1 58 ? -3.814  -10.730 -10.027 1.00 13.32 ? 88   TYR A CG    1 
ATOM   443 C  CD1   . TYR A 1 58 ? -3.792  -10.162 -11.301 1.00 15.74 ? 88   TYR A CD1   1 
ATOM   444 C  CD2   . TYR A 1 58 ? -2.607  -11.165 -9.453  1.00 15.34 ? 88   TYR A CD2   1 
ATOM   445 C  CE1   . TYR A 1 58 ? -2.601  -9.995  -11.984 1.00 17.67 ? 88   TYR A CE1   1 
ATOM   446 C  CE2   . TYR A 1 58 ? -1.408  -11.030 -10.123 1.00 16.09 ? 88   TYR A CE2   1 
ATOM   447 C  CZ    . TYR A 1 58 ? -1.381  -10.427 -11.371 1.00 18.10 ? 88   TYR A CZ    1 
ATOM   448 O  OH    . TYR A 1 58 ? -0.151  -10.307 -12.025 1.00 20.95 ? 88   TYR A OH    1 
ATOM   449 N  N     . ASN A 1 59 ? -7.461  -10.366 -7.301  1.00 11.44 ? 89   ASN A N     1 
ATOM   450 C  CA    . ASN A 1 59 ? -8.811  -10.648 -6.803  1.00 10.58 ? 89   ASN A CA    1 
ATOM   451 C  C     . ASN A 1 59 ? -9.500  -9.371  -6.346  1.00 10.87 ? 89   ASN A C     1 
ATOM   452 O  O     . ASN A 1 59 ? -8.838  -8.401  -6.015  1.00 11.84 ? 89   ASN A O     1 
ATOM   453 C  CB    . ASN A 1 59 ? -8.793  -11.707 -5.671  1.00 11.01 ? 89   ASN A CB    1 
ATOM   454 C  CG    . ASN A 1 59 ? -7.925  -11.293 -4.496  1.00 8.89  ? 89   ASN A CG    1 
ATOM   455 O  OD1   . ASN A 1 59 ? -6.723  -10.981 -4.658  1.00 10.87 ? 89   ASN A OD1   1 
ATOM   456 N  ND2   . ASN A 1 59 ? -8.499  -11.343 -3.303  1.00 9.25  ? 89   ASN A ND2   1 
ATOM   457 N  N     . ASP A 1 60 ? -10.819 -9.389  -6.308  1.00 10.60 ? 90   ASP A N     1 
ATOM   458 C  CA    . ASP A 1 60 ? -11.537 -8.300  -5.630  1.00 10.59 ? 90   ASP A CA    1 
ATOM   459 C  C     . ASP A 1 60 ? -11.286 -8.435  -4.148  1.00 10.93 ? 90   ASP A C     1 
ATOM   460 O  O     . ASP A 1 60 ? -11.511 -9.522  -3.541  1.00 11.61 ? 90   ASP A O     1 
ATOM   461 C  CB    . ASP A 1 60 ? -13.040 -8.372  -5.883  1.00 10.76 ? 90   ASP A CB    1 
ATOM   462 C  CG    . ASP A 1 60 ? -13.468 -7.806  -7.240  1.00 14.44 ? 90   ASP A CG    1 
ATOM   463 O  OD1   . ASP A 1 60 ? -12.632 -7.384  -8.075  1.00 16.08 ? 90   ASP A OD1   1 
ATOM   464 O  OD2   . ASP A 1 60 ? -14.715 -7.790  -7.469  1.00 19.08 ? 90   ASP A OD2   1 
ATOM   465 N  N     . VAL A 1 61 ? -10.904 -7.304  -3.540  1.00 10.71 ? 91   VAL A N     1 
ATOM   466 C  CA    . VAL A 1 61 ? -10.714 -7.237  -2.088  1.00 10.13 ? 91   VAL A CA    1 
ATOM   467 C  C     . VAL A 1 61 ? -11.642 -6.146  -1.532  1.00 10.87 ? 91   VAL A C     1 
ATOM   468 O  O     . VAL A 1 61 ? -12.049 -5.229  -2.268  1.00 12.28 ? 91   VAL A O     1 
ATOM   469 C  CB    . VAL A 1 61 ? -9.234  -6.929  -1.690  1.00 9.43  ? 91   VAL A CB    1 
ATOM   470 C  CG1   . VAL A 1 61 ? -8.359  -8.110  -2.034  1.00 10.44 ? 91   VAL A CG1   1 
ATOM   471 C  CG2   . VAL A 1 61 ? -8.730  -5.662  -2.388  1.00 10.58 ? 91   VAL A CG2   1 
ATOM   472 N  N     . ASP A 1 62 ? -11.956 -6.263  -0.262  1.00 10.67 ? 92   ASP A N     1 
ATOM   473 C  CA    . ASP A 1 62 ? -12.699 -5.227  0.407   1.00 11.26 ? 92   ASP A CA    1 
ATOM   474 C  C     . ASP A 1 62 ? -11.659 -4.240  0.995   1.00 10.73 ? 92   ASP A C     1 
ATOM   475 O  O     . ASP A 1 62 ? -11.143 -4.444  2.104   1.00 11.01 ? 92   ASP A O     1 
ATOM   476 C  CB    . ASP A 1 62 ? -13.543 -5.847  1.516   1.00 12.23 ? 92   ASP A CB    1 
ATOM   477 C  CG    . ASP A 1 62 ? -14.431 -4.816  2.205   1.00 13.70 ? 92   ASP A CG    1 
ATOM   478 O  OD1   . ASP A 1 62 ? -14.183 -3.607  2.006   1.00 13.72 ? 92   ASP A OD1   1 
ATOM   479 O  OD2   . ASP A 1 62 ? -15.346 -5.212  2.977   1.00 14.10 ? 92   ASP A OD2   1 
ATOM   480 N  N     . VAL A 1 63 ? -11.361 -3.183  0.238   1.00 10.84 ? 93   VAL A N     1 
ATOM   481 C  CA    . VAL A 1 63 ? -10.408 -2.157  0.663   1.00 10.77 ? 93   VAL A CA    1 
ATOM   482 C  C     . VAL A 1 63 ? -10.779 -1.557  2.014   1.00 11.63 ? 93   VAL A C     1 
ATOM   483 O  O     . VAL A 1 63 ? -9.909  -1.321  2.862   1.00 11.76 ? 93   VAL A O     1 
ATOM   484 C  CB    . VAL A 1 63 ? -10.221 -1.107  -0.469  1.00 10.77 ? 93   VAL A CB    1 
ATOM   485 C  CG1   . VAL A 1 63 ? -9.417  0.088   0.006   1.00 11.48 ? 93   VAL A CG1   1 
ATOM   486 C  CG2   . VAL A 1 63 ? -9.542  -1.754  -1.682  1.00 12.48 ? 93   VAL A CG2   1 
ATOM   487 N  N     . GLN A 1 64 ? -12.075 -1.335  2.258   1.00 12.11 ? 94   GLN A N     1 
ATOM   488 C  CA    . GLN A 1 64 ? -12.477 -0.761  3.551   1.00 12.95 ? 94   GLN A CA    1 
ATOM   489 C  C     . GLN A 1 64 ? -12.067 -1.647  4.737   1.00 13.11 ? 94   GLN A C     1 
ATOM   490 O  O     . GLN A 1 64 ? -11.626 -1.158  5.783   1.00 14.49 ? 94   GLN A O     1 
ATOM   491 C  CB    . GLN A 1 64 ? -13.992 -0.557  3.562   1.00 14.58 ? 94   GLN A CB    1 
ATOM   492 C  CG    . GLN A 1 64 ? -14.418 0.471   2.540   1.00 16.36 ? 94   GLN A CG    1 
ATOM   493 C  CD    . GLN A 1 64 ? -14.246 1.880   3.076   1.00 18.30 ? 94   GLN A CD    1 
ATOM   494 O  OE1   . GLN A 1 64 ? -13.539 2.717   2.497   1.00 21.62 ? 94   GLN A OE1   1 
ATOM   495 N  NE2   . GLN A 1 64 ? -14.862 2.127   4.222   1.00 16.83 ? 94   GLN A NE2   1 
ATOM   496 N  N     . LYS A 1 65 ? -12.249 -2.952  4.583   1.00 13.63 ? 95   LYS A N     1 
ATOM   497 C  CA    . LYS A 1 65 ? -11.826 -3.864  5.642   1.00 14.50 ? 95   LYS A CA    1 
ATOM   498 C  C     . LYS A 1 65 ? -10.297 -3.934  5.763   1.00 14.13 ? 95   LYS A C     1 
ATOM   499 O  O     . LYS A 1 65 ? -9.763  -3.912  6.881   1.00 14.91 ? 95   LYS A O     1 
ATOM   500 C  CB    . LYS A 1 65 ? -12.393 -5.281  5.424   1.00 15.78 ? 95   LYS A CB    1 
ATOM   501 C  CG    . LYS A 1 65 ? -13.872 -5.454  5.586   1.00 20.20 ? 95   LYS A CG    1 
ATOM   502 C  CD    . LYS A 1 65 ? -14.443 -4.979  6.901   1.00 25.26 ? 95   LYS A CD    1 
ATOM   503 C  CE    . LYS A 1 65 ? -13.938 -5.742  8.050   1.00 26.62 ? 95   LYS A CE    1 
ATOM   504 N  NZ    . LYS A 1 65 ? -14.774 -5.348  9.228   1.00 28.96 ? 95   LYS A NZ    1 
ATOM   505 N  N     . ILE A 1 66 ? -9.586  -4.014  4.637   1.00 13.14 ? 96   ILE A N     1 
ATOM   506 C  CA    . ILE A 1 66 ? -8.128  -4.077  4.717   1.00 12.47 ? 96   ILE A CA    1 
ATOM   507 C  C     . ILE A 1 66 ? -7.555  -2.854  5.431   1.00 12.34 ? 96   ILE A C     1 
ATOM   508 O  O     . ILE A 1 66 ? -6.619  -2.965  6.239   1.00 12.72 ? 96   ILE A O     1 
ATOM   509 C  CB    . ILE A 1 66 ? -7.479  -4.294  3.351   1.00 11.94 ? 96   ILE A CB    1 
ATOM   510 C  CG1   . ILE A 1 66 ? -7.866  -5.673  2.792   1.00 10.86 ? 96   ILE A CG1   1 
ATOM   511 C  CG2   . ILE A 1 66 ? -5.932  -4.173  3.452   1.00 12.77 ? 96   ILE A CG2   1 
ATOM   512 C  CD1   . ILE A 1 66 ? -7.453  -5.812  1.336   1.00 13.30 ? 96   ILE A CD1   1 
ATOM   513 N  N     . VAL A 1 67 ? -8.131  -1.695  5.158   1.00 11.90 ? 97   VAL A N     1 
ATOM   514 C  CA    . VAL A 1 67 ? -7.510  -0.489  5.723   1.00 11.89 ? 97   VAL A CA    1 
ATOM   515 C  C     . VAL A 1 67 ? -7.747  -0.389  7.244   1.00 12.04 ? 97   VAL A C     1 
ATOM   516 O  O     . VAL A 1 67 ? -7.125  0.450   7.914   1.00 12.57 ? 97   VAL A O     1 
ATOM   517 C  CB    . VAL A 1 67 ? -7.875  0.822   4.962   1.00 12.96 ? 97   VAL A CB    1 
ATOM   518 C  CG1   . VAL A 1 67 ? -7.615  0.793   3.452   1.00 13.63 ? 97   VAL A CG1   1 
ATOM   519 C  CG2   . VAL A 1 67 ? -9.247  1.280   5.314   1.00 15.20 ? 97   VAL A CG2   1 
ATOM   520 N  N     . GLU A 1 68 ? -8.659  -1.193  7.801   1.00 12.84 ? 98   GLU A N     1 
ATOM   521 C  CA    . GLU A 1 68 ? -8.802  -1.261  9.268   1.00 14.54 ? 98   GLU A CA    1 
ATOM   522 C  C     . GLU A 1 68 ? -7.668  -1.980  9.930   1.00 15.80 ? 98   GLU A C     1 
ATOM   523 O  O     . GLU A 1 68 ? -7.526  -1.927  11.156  1.00 17.01 ? 98   GLU A O     1 
ATOM   524 C  CB    . GLU A 1 68 ? -10.105 -1.981  9.657   1.00 14.63 ? 98   GLU A CB    1 
ATOM   525 C  CG    . GLU A 1 68 ? -11.320 -1.262  9.182   1.00 15.54 ? 98   GLU A CG    1 
ATOM   526 C  CD    . GLU A 1 68 ? -12.605 -2.014  9.389   1.00 17.81 ? 98   GLU A CD    1 
ATOM   527 O  OE1   . GLU A 1 68 ? -12.597 -3.133  9.907   1.00 20.29 ? 98   GLU A OE1   1 
ATOM   528 O  OE2   . GLU A 1 68 ? -13.641 -1.467  9.006   1.00 18.98 ? 98   GLU A OE2   1 
ATOM   529 N  N     . SER A 1 69 ? -6.886  -2.710  9.135   1.00 16.33 ? 99   SER A N     1 
ATOM   530 C  CA    . SER A 1 69 ? -5.837  -3.574  9.686   1.00 16.79 ? 99   SER A CA    1 
ATOM   531 C  C     . SER A 1 69 ? -4.774  -2.739  10.367  1.00 16.75 ? 99   SER A C     1 
ATOM   532 O  O     . SER A 1 69 ? -4.411  -1.655  9.901   1.00 17.65 ? 99   SER A O     1 
ATOM   533 C  CB    . SER A 1 69 ? -5.204  -4.368  8.563   1.00 16.79 ? 99   SER A CB    1 
ATOM   534 O  OG    . SER A 1 69 ? -6.160  -5.321  8.093   1.00 20.35 ? 99   SER A OG    1 
ATOM   535 N  N     . GLN A 1 70 ? -4.283  -3.241  11.473  1.00 17.53 ? 100  GLN A N     1 
ATOM   536 C  CA    . GLN A 1 70 ? -3.249  -2.526  12.220  1.00 18.69 ? 100  GLN A CA    1 
ATOM   537 C  C     . GLN A 1 70 ? -1.964  -3.295  12.033  1.00 19.25 ? 100  GLN A C     1 
ATOM   538 O  O     . GLN A 1 70 ? -1.722  -4.278  12.689  1.00 20.07 ? 100  GLN A O     1 
ATOM   539 C  CB    . GLN A 1 70 ? -3.665  -2.409  13.704  1.00 19.40 ? 100  GLN A CB    1 
ATOM   540 C  CG    . GLN A 1 70 ? -5.088  -1.827  13.911  1.00 23.82 ? 100  GLN A CG    1 
ATOM   541 C  CD    . GLN A 1 70 ? -5.136  -0.315  13.843  1.00 27.15 ? 100  GLN A CD    1 
ATOM   542 O  OE1   . GLN A 1 70 ? -4.640  0.349   14.761  1.00 32.01 ? 100  GLN A OE1   1 
ATOM   543 N  NE2   . GLN A 1 70 ? -5.722  0.246   12.790  1.00 30.08 ? 100  GLN A NE2   1 
ATOM   544 N  N     . ILE A 1 71 ? -1.147  -2.865  11.083  1.00 20.00 ? 101  ILE A N     1 
ATOM   545 C  CA    . ILE A 1 71 ? -0.008  -3.642  10.622  1.00 21.19 ? 101  ILE A CA    1 
ATOM   546 C  C     . ILE A 1 71 ? 1.234   -2.978  11.177  1.00 22.64 ? 101  ILE A C     1 
ATOM   547 O  O     . ILE A 1 71 ? 1.465   -1.763  10.954  1.00 23.22 ? 101  ILE A O     1 
ATOM   548 C  CB    . ILE A 1 71 ? 0.031   -3.671  9.087   1.00 20.82 ? 101  ILE A CB    1 
ATOM   549 C  CG1   . ILE A 1 71 ? -1.320  -4.173  8.551   1.00 20.67 ? 101  ILE A CG1   1 
ATOM   550 C  CG2   . ILE A 1 71 ? 1.204   -4.513  8.593   1.00 20.59 ? 101  ILE A CG2   1 
ATOM   551 C  CD1   . ILE A 1 71 ? -1.488  -4.069  7.032   1.00 21.67 ? 101  ILE A CD1   1 
ATOM   552 N  N     . ASN A 1 72 ? 2.034   -3.750  11.906  1.00 24.70 ? 102  ASN A N     1 
ATOM   553 C  CA    A ASN A 1 72 ? 3.196   -3.195  12.562  0.62 26.05 ? 102  ASN A CA    1 
ATOM   554 C  CA    B ASN A 1 72 ? 3.201   -3.190  12.564  0.38 26.29 ? 102  ASN A CA    1 
ATOM   555 C  C     . ASN A 1 72 ? 4.411   -4.094  12.381  1.00 27.22 ? 102  ASN A C     1 
ATOM   556 O  O     . ASN A 1 72 ? 4.612   -5.037  13.172  1.00 28.64 ? 102  ASN A O     1 
ATOM   557 C  CB    A ASN A 1 72 ? 2.888   -2.868  14.047  0.62 26.26 ? 102  ASN A CB    1 
ATOM   558 C  CB    B ASN A 1 72 ? 2.883   -2.915  14.041  0.38 26.90 ? 102  ASN A CB    1 
ATOM   559 C  CG    A ASN A 1 72 ? 2.428   -4.097  14.880  0.62 26.87 ? 102  ASN A CG    1 
ATOM   560 C  CG    B ASN A 1 72 ? 3.981   -2.141  14.745  0.38 28.92 ? 102  ASN A CG    1 
ATOM   561 O  OD1   A ASN A 1 72 ? 2.042   -5.144  14.359  0.62 27.81 ? 102  ASN A OD1   1 
ATOM   562 O  OD1   B ASN A 1 72 ? 4.914   -1.657  14.112  0.38 30.54 ? 102  ASN A OD1   1 
ATOM   563 N  ND2   A ASN A 1 72 ? 2.451   -3.933  16.199  0.62 27.13 ? 102  ASN A ND2   1 
ATOM   564 N  ND2   B ASN A 1 72 ? 3.877   -2.030  16.070  0.38 30.13 ? 102  ASN A ND2   1 
ATOM   565 N  N     . PHE A 1 73 ? 5.233   -3.812  11.354  1.00 27.96 ? 103  PHE A N     1 
ATOM   566 C  CA    . PHE A 1 73 ? 6.468   -4.637  11.163  1.00 28.90 ? 103  PHE A CA    1 
ATOM   567 C  C     . PHE A 1 73 ? 7.620   -4.135  11.978  1.00 29.19 ? 103  PHE A C     1 
ATOM   568 O  O     . PHE A 1 73 ? 8.343   -4.926  12.576  1.00 29.79 ? 103  PHE A O     1 
ATOM   569 C  CB    . PHE A 1 73 ? 7.007   -4.661  9.719   1.00 29.19 ? 103  PHE A CB    1 
ATOM   570 C  CG    . PHE A 1 73 ? 6.042   -5.163  8.705   1.00 30.22 ? 103  PHE A CG    1 
ATOM   571 C  CD1   . PHE A 1 73 ? 4.978   -5.987  9.063   1.00 31.69 ? 103  PHE A CD1   1 
ATOM   572 C  CD2   . PHE A 1 73 ? 6.223   -4.825  7.367   1.00 30.73 ? 103  PHE A CD2   1 
ATOM   573 C  CE1   . PHE A 1 73 ? 4.098   -6.439  8.100   1.00 32.14 ? 103  PHE A CE1   1 
ATOM   574 C  CE2   . PHE A 1 73 ? 5.345   -5.273  6.409   1.00 30.53 ? 103  PHE A CE2   1 
ATOM   575 C  CZ    . PHE A 1 73 ? 4.275   -6.069  6.772   1.00 33.13 ? 103  PHE A CZ    1 
ATOM   576 N  N     . HIS A 1 74 ? 7.863   -2.853  11.930  1.00 29.47 ? 104  HIS A N     1 
ATOM   577 C  CA    . HIS A 1 74 ? 9.160   -2.341  12.320  1.00 29.16 ? 104  HIS A CA    1 
ATOM   578 C  C     . HIS A 1 74 ? 8.969   -1.348  13.434  0.70 29.31 ? 104  HIS A C     1 
ATOM   579 O  O     . HIS A 1 74 ? 9.794   -0.460  13.644  0.70 29.78 ? 104  HIS A O     1 
ATOM   580 C  CB    . HIS A 1 74 ? 9.938   -1.790  11.104  1.00 28.56 ? 104  HIS A CB    1 
ATOM   581 C  CG    . HIS A 1 74 ? 10.239  -2.824  10.050  1.00 26.47 ? 104  HIS A CG    1 
ATOM   582 N  ND1   . HIS A 1 74 ? 10.467  -2.498  8.731   1.00 24.27 ? 104  HIS A ND1   1 
ATOM   583 C  CD2   . HIS A 1 74 ? 10.363  -4.174  10.129  1.00 23.56 ? 104  HIS A CD2   1 
ATOM   584 C  CE1   . HIS A 1 74 ? 10.725  -3.599  8.039   1.00 22.92 ? 104  HIS A CE1   1 
ATOM   585 N  NE2   . HIS A 1 74 ? 10.632  -4.636  8.855   1.00 20.21 ? 104  HIS A NE2   1 
ATOM   586 N  N     . GLY A 1 75 ? 7.877   -1.550  14.163  0.70 29.01 ? 105  GLY A N     1 
ATOM   587 C  CA    . GLY A 1 75 ? 7.642   -0.850  15.424  0.70 28.41 ? 105  GLY A CA    1 
ATOM   588 C  C     . GLY A 1 75 ? 6.670   0.312   15.306  0.70 27.95 ? 105  GLY A C     1 
ATOM   589 O  O     . GLY A 1 75 ? 6.359   0.983   16.293  0.70 28.09 ? 105  GLY A O     1 
ATOM   590 N  N     . LYS A 1 76 ? 6.185   0.555   14.093  1.00 27.50 ? 106  LYS A N     1 
ATOM   591 C  CA    . LYS A 1 76 ? 5.199   1.604   13.877  1.00 26.70 ? 106  LYS A CA    1 
ATOM   592 C  C     . LYS A 1 76 ? 4.075   1.063   12.998  1.00 26.23 ? 106  LYS A C     1 
ATOM   593 O  O     . LYS A 1 76 ? 4.295   0.266   12.061  1.00 26.82 ? 106  LYS A O     1 
ATOM   594 C  CB    . LYS A 1 76 ? 5.842   2.829   13.251  1.00 26.77 ? 106  LYS A CB    1 
ATOM   595 N  N     . LYS A 1 77 ? 2.867   1.524   13.299  1.00 24.59 ? 107  LYS A N     1 
ATOM   596 C  CA    . LYS A 1 77 ? 1.718   1.101   12.547  1.00 22.92 ? 107  LYS A CA    1 
ATOM   597 C  C     . LYS A 1 77 ? 1.780   1.735   11.170  1.00 20.64 ? 107  LYS A C     1 
ATOM   598 O  O     . LYS A 1 77 ? 2.006   2.947   11.014  1.00 20.92 ? 107  LYS A O     1 
ATOM   599 C  CB    . LYS A 1 77 ? 0.454   1.476   13.295  1.00 23.74 ? 107  LYS A CB    1 
ATOM   600 C  CG    . LYS A 1 77 ? -0.800  0.916   12.716  1.00 25.75 ? 107  LYS A CG    1 
ATOM   601 C  CD    . LYS A 1 77 ? -1.950  1.268   13.589  1.00 29.84 ? 107  LYS A CD    1 
ATOM   602 C  CE    . LYS A 1 77 ? -2.254  2.740   13.524  1.00 29.66 ? 107  LYS A CE    1 
ATOM   603 N  NZ    . LYS A 1 77 ? -3.368  3.053   14.476  1.00 32.91 ? 107  LYS A NZ    1 
ATOM   604 N  N     . LEU A 1 78 ? 1.594   0.910   10.153  1.00 18.03 ? 108  LEU A N     1 
ATOM   605 C  CA    . LEU A 1 78 ? 1.517   1.438   8.816   1.00 15.85 ? 108  LEU A CA    1 
ATOM   606 C  C     . LEU A 1 78 ? 0.244   2.279   8.680   1.00 14.42 ? 108  LEU A C     1 
ATOM   607 O  O     . LEU A 1 78 ? -0.804  1.975   9.266   1.00 14.56 ? 108  LEU A O     1 
ATOM   608 C  CB    . LEU A 1 78 ? 1.522   0.296   7.793   1.00 15.83 ? 108  LEU A CB    1 
ATOM   609 C  CG    . LEU A 1 78 ? 2.848   -0.508  7.725   1.00 18.36 ? 108  LEU A CG    1 
ATOM   610 C  CD1   . LEU A 1 78 ? 2.731   -1.674  6.770   1.00 19.49 ? 108  LEU A CD1   1 
ATOM   611 C  CD2   . LEU A 1 78 ? 4.038   0.382   7.318   1.00 20.93 ? 108  LEU A CD2   1 
ATOM   612 N  N     . LYS A 1 79 ? 0.319   3.257   7.829   1.00 13.81 ? 109  LYS A N     1 
ATOM   613 C  CA    . LYS A 1 79 ? -0.772  4.191   7.602   1.00 13.22 ? 109  LYS A CA    1 
ATOM   614 C  C     . LYS A 1 79 ? -1.517  3.801   6.336   1.00 12.78 ? 109  LYS A C     1 
ATOM   615 O  O     . LYS A 1 79 ? -1.039  4.044   5.202   1.00 14.17 ? 109  LYS A O     1 
ATOM   616 C  CB    . LYS A 1 79 ? -0.215  5.601   7.461   1.00 13.83 ? 109  LYS A CB    1 
ATOM   617 C  CG    . LYS A 1 79 ? 0.471   6.057   8.745   1.00 16.16 ? 109  LYS A CG    1 
ATOM   618 C  CD    . LYS A 1 79 ? 1.288   7.363   8.641   1.00 20.64 ? 109  LYS A CD    1 
ATOM   619 C  CE    . LYS A 1 79 ? 1.681   7.857   10.054  1.00 25.41 ? 109  LYS A CE    1 
ATOM   620 N  NZ    . LYS A 1 79 ? 0.460   8.137   10.933  1.00 27.83 ? 109  LYS A NZ    1 
ATOM   621 N  N     . LEU A 1 80 ? -2.719  3.278   6.497   1.00 11.14 ? 110  LEU A N     1 
ATOM   622 C  CA    . LEU A 1 80 ? -3.412  2.697   5.352   1.00 10.63 ? 110  LEU A CA    1 
ATOM   623 C  C     . LEU A 1 80 ? -4.535  3.586   4.853   1.00 10.05 ? 110  LEU A C     1 
ATOM   624 O  O     . LEU A 1 80 ? -5.101  4.378   5.621   1.00 10.73 ? 110  LEU A O     1 
ATOM   625 C  CB    . LEU A 1 80 ? -3.956  1.302   5.723   1.00 10.84 ? 110  LEU A CB    1 
ATOM   626 C  CG    . LEU A 1 80 ? -2.963  0.262   6.269   1.00 10.40 ? 110  LEU A CG    1 
ATOM   627 C  CD1   . LEU A 1 80 ? -3.686  -1.066  6.586   1.00 12.92 ? 110  LEU A CD1   1 
ATOM   628 C  CD2   . LEU A 1 80 ? -1.797  0.086   5.239   1.00 11.70 ? 110  LEU A CD2   1 
ATOM   629 N  N     . GLY A 1 81 ? -4.836  3.527   3.559   1.00 8.89  ? 111  GLY A N     1 
ATOM   630 C  CA    . GLY A 1 81 ? -6.067  4.189   3.104   1.00 9.38  ? 111  GLY A CA    1 
ATOM   631 C  C     . GLY A 1 81 ? -6.491  3.636   1.755   1.00 8.85  ? 111  GLY A C     1 
ATOM   632 O  O     . GLY A 1 81 ? -5.731  2.926   1.102   1.00 9.76  ? 111  GLY A O     1 
ATOM   633 N  N     . PRO A 1 82 ? -7.712  3.962   1.299   1.00 9.02  ? 112  PRO A N     1 
ATOM   634 C  CA    . PRO A 1 82 ? -8.072  3.709   -0.075  1.00 9.12  ? 112  PRO A CA    1 
ATOM   635 C  C     . PRO A 1 82 ? -7.063  4.418   -0.983  1.00 9.12  ? 112  PRO A C     1 
ATOM   636 O  O     . PRO A 1 82 ? -6.476  5.449   -0.585  1.00 9.86  ? 112  PRO A O     1 
ATOM   637 C  CB    . PRO A 1 82 ? -9.474  4.341   -0.193  1.00 9.32  ? 112  PRO A CB    1 
ATOM   638 C  CG    . PRO A 1 82 ? -9.981  4.238   1.210   1.00 9.21  ? 112  PRO A CG    1 
ATOM   639 C  CD    . PRO A 1 82 ? -8.800  4.636   2.011   1.00 8.75  ? 112  PRO A CD    1 
ATOM   640 N  N     . ALA A 1 83 ? -6.820  3.848   -2.153  1.00 9.41  ? 113  ALA A N     1 
ATOM   641 C  CA    . ALA A 1 83 ? -5.871  4.403   -3.101  1.00 9.50  ? 113  ALA A CA    1 
ATOM   642 C  C     . ALA A 1 83 ? -6.607  5.356   -4.040  1.00 10.57 ? 113  ALA A C     1 
ATOM   643 O  O     . ALA A 1 83 ? -7.603  4.987   -4.681  1.00 11.77 ? 113  ALA A O     1 
ATOM   644 C  CB    . ALA A 1 83 ? -5.194  3.298   -3.888  1.00 10.30 ? 113  ALA A CB    1 
ATOM   645 N  N     . ILE A 1 84 ? -6.088  6.571   -4.141  1.00 10.79 ? 114  ILE A N     1 
ATOM   646 C  CA    . ILE A 1 84 ? -6.692  7.575   -5.013  1.00 11.19 ? 114  ILE A CA    1 
ATOM   647 C  C     . ILE A 1 84 ? -5.632  8.112   -5.992  1.00 11.97 ? 114  ILE A C     1 
ATOM   648 O  O     . ILE A 1 84 ? -4.503  8.481   -5.586  1.00 12.22 ? 114  ILE A O     1 
ATOM   649 C  CB    . ILE A 1 84 ? -7.279  8.770   -4.159  1.00 11.23 ? 114  ILE A CB    1 
ATOM   650 C  CG1   . ILE A 1 84 ? -8.476  8.288   -3.267  1.00 11.12 ? 114  ILE A CG1   1 
ATOM   651 C  CG2   . ILE A 1 84 ? -7.631  9.982   -4.988  1.00 12.85 ? 114  ILE A CG2   1 
ATOM   652 C  CD1   . ILE A 1 84 ? -9.053  9.318   -2.306  1.00 13.07 ? 114  ILE A CD1   1 
ATOM   653 N  N     . ARG A 1 85 ? -5.996  8.183   -7.266  1.00 13.10 ? 115  ARG A N     1 
ATOM   654 C  CA    . ARG A 1 85 ? -5.152  8.870   -8.218  1.00 14.44 ? 115  ARG A CA    1 
ATOM   655 C  C     . ARG A 1 85 ? -5.698  10.283  -8.381  1.00 15.44 ? 115  ARG A C     1 
ATOM   656 O  O     . ARG A 1 85 ? -6.834  10.475  -8.847  1.00 16.20 ? 115  ARG A O     1 
ATOM   657 C  CB    . ARG A 1 85 ? -5.131  8.122   -9.538  1.00 15.44 ? 115  ARG A CB    1 
ATOM   658 C  CG    . ARG A 1 85 ? -4.214  6.939   -9.472  1.00 16.77 ? 115  ARG A CG    1 
ATOM   659 C  CD    . ARG A 1 85 ? -4.071  6.260   -10.848 1.00 19.81 ? 115  ARG A CD    1 
ATOM   660 N  NE    . ARG A 1 85 ? -3.175  5.118   -10.764 1.00 20.90 ? 115  ARG A NE    1 
ATOM   661 C  CZ    . ARG A 1 85 ? -1.849  5.206   -10.816 1.00 22.44 ? 115  ARG A CZ    1 
ATOM   662 N  NH1   . ARG A 1 85 ? -1.272  6.384   -10.988 1.00 23.33 ? 115  ARG A NH1   1 
ATOM   663 N  NH2   . ARG A 1 85 ? -1.104  4.111   -10.725 1.00 22.95 ? 115  ARG A NH2   1 
ATOM   664 N  N     . LYS A 1 86 ? -4.901  11.276  -7.994  1.00 16.79 ? 116  LYS A N     1 
ATOM   665 C  CA    . LYS A 1 86 ? -5.362  12.661  -8.083  1.00 19.36 ? 116  LYS A CA    1 
ATOM   666 C  C     . LYS A 1 86 ? -5.357  13.035  -9.570  1.00 21.87 ? 116  LYS A C     1 
ATOM   667 O  O     . LYS A 1 86 ? -4.468  12.602  -10.304 1.00 22.54 ? 116  LYS A O     1 
ATOM   668 C  CB    . LYS A 1 86 ? -4.486  13.594  -7.239  1.00 19.26 ? 116  LYS A CB    1 
ATOM   669 C  CG    . LYS A 1 86 ? -4.561  13.356  -5.717  1.00 21.16 ? 116  LYS A CG    1 
ATOM   670 C  CD    . LYS A 1 86 ? -3.710  14.379  -4.940  1.00 25.75 ? 116  LYS A CD    1 
ATOM   671 C  CE    . LYS A 1 86 ? -3.680  14.072  -3.457  1.00 27.03 ? 116  LYS A CE    1 
ATOM   672 N  NZ    . LYS A 1 86 ? -2.684  14.888  -2.696  1.00 26.28 ? 116  LYS A NZ    1 
ATOM   673 N  N     . GLN A 1 87 ? -6.382  13.790  -9.993  1.00 24.93 ? 117  GLN A N     1 
ATOM   674 C  CA    . GLN A 1 87 ? -6.734  14.017  -11.422 1.00 27.91 ? 117  GLN A CA    1 
ATOM   675 C  C     . GLN A 1 87 ? -6.903  15.512  -11.630 1.00 28.78 ? 117  GLN A C     1 
ATOM   676 O  O     . GLN A 1 87 ? -6.624  16.293  -10.694 1.00 30.11 ? 117  GLN A O     1 
ATOM   677 C  CB    . GLN A 1 87 ? -8.041  13.282  -11.805 1.00 29.26 ? 117  GLN A CB    1 
ATOM   678 C  CG    . GLN A 1 87 ? -7.879  11.768  -12.152 1.00 32.76 ? 117  GLN A CG    1 
ATOM   679 C  CD    . GLN A 1 87 ? -9.137  11.137  -12.776 1.00 37.09 ? 117  GLN A CD    1 
ATOM   680 O  OE1   . GLN A 1 87 ? -10.245 11.271  -12.251 1.00 39.57 ? 117  GLN A OE1   1 
ATOM   681 N  NE2   . GLN A 1 87 ? -8.956  10.426  -13.887 1.00 38.75 ? 117  GLN A NE2   1 
ATOM   682 O  "O3'" . U   B 2 2  ? 5.749   12.099  4.004   0.80 30.47 ? 2    U   B "O3'" 1 
ATOM   683 P  P     . G   B 2 3  ? 4.711   13.055  3.216   0.80 31.66 ? 3    G   B P     1 
ATOM   684 O  OP1   . G   B 2 3  ? 5.190   13.220  1.805   0.80 32.31 ? 3    G   B OP1   1 
ATOM   685 O  OP2   . G   B 2 3  ? 4.226   14.155  4.071   0.80 31.86 ? 3    G   B OP2   1 
ATOM   686 O  "O5'" . G   B 2 3  ? 3.442   12.122  3.127   1.00 23.30 ? 3    G   B "O5'" 1 
ATOM   687 C  "C5'" . G   B 2 3  ? 3.292   11.284  2.022   1.00 19.65 ? 3    G   B "C5'" 1 
ATOM   688 C  "C4'" . G   B 2 3  ? 1.818   11.015  1.848   1.00 14.50 ? 3    G   B "C4'" 1 
ATOM   689 O  "O4'" . G   B 2 3  ? 1.305   10.239  2.969   1.00 13.74 ? 3    G   B "O4'" 1 
ATOM   690 C  "C3'" . G   B 2 3  ? 0.939   12.264  1.767   1.00 12.75 ? 3    G   B "C3'" 1 
ATOM   691 O  "O3'" . G   B 2 3  ? -0.066  12.052  0.764   1.00 13.41 ? 3    G   B "O3'" 1 
ATOM   692 C  "C2'" . G   B 2 3  ? 0.271   12.275  3.124   1.00 11.87 ? 3    G   B "C2'" 1 
ATOM   693 O  "O2'" . G   B 2 3  ? -0.967  13.012  3.165   1.00 13.05 ? 3    G   B "O2'" 1 
ATOM   694 C  "C1'" . G   B 2 3  ? 0.062   10.786  3.363   1.00 12.03 ? 3    G   B "C1'" 1 
ATOM   695 N  N9    . G   B 2 3  ? -0.160  10.502  4.775   1.00 11.73 ? 3    G   B N9    1 
ATOM   696 C  C8    . G   B 2 3  ? 0.507   11.024  5.879   1.00 12.96 ? 3    G   B C8    1 
ATOM   697 N  N7    . G   B 2 3  ? 0.073   10.584  7.023   1.00 12.55 ? 3    G   B N7    1 
ATOM   698 C  C5    . G   B 2 3  ? -0.955  9.703   6.669   1.00 11.71 ? 3    G   B C5    1 
ATOM   699 C  C6    . G   B 2 3  ? -1.819  8.900   7.464   1.00 11.26 ? 3    G   B C6    1 
ATOM   700 O  O6    . G   B 2 3  ? -1.843  8.827   8.676   1.00 13.29 ? 3    G   B O6    1 
ATOM   701 N  N1    . G   B 2 3  ? -2.719  8.124   6.717   1.00 10.92 ? 3    G   B N1    1 
ATOM   702 C  C2    . G   B 2 3  ? -2.770  8.156   5.342   1.00 9.41  ? 3    G   B C2    1 
ATOM   703 N  N2    . G   B 2 3  ? -3.697  7.366   4.770   1.00 10.97 ? 3    G   B N2    1 
ATOM   704 N  N3    . G   B 2 3  ? -1.996  8.915   4.587   1.00 10.70 ? 3    G   B N3    1 
ATOM   705 C  C4    . G   B 2 3  ? -1.102  9.635   5.316   1.00 10.83 ? 3    G   B C4    1 
ATOM   706 P  P     . U   B 2 4  ? -0.344  13.062  -0.422  1.00 15.29 ? 4    U   B P     1 
ATOM   707 O  OP1   . U   B 2 4  ? 0.847   13.919  -0.605  1.00 18.65 ? 4    U   B OP1   1 
ATOM   708 O  OP2   . U   B 2 4  ? -1.649  13.726  -0.182  1.00 17.21 ? 4    U   B OP2   1 
ATOM   709 O  "O5'" . U   B 2 4  ? -0.634  12.079  -1.656  1.00 14.04 ? 4    U   B "O5'" 1 
ATOM   710 C  "C5'" . U   B 2 4  ? 0.458   11.281  -2.177  1.00 14.28 ? 4    U   B "C5'" 1 
ATOM   711 C  "C4'" . U   B 2 4  ? -0.175  10.246  -3.082  1.00 12.38 ? 4    U   B "C4'" 1 
ATOM   712 O  "O4'" . U   B 2 4  ? -0.774  9.215   -2.268  1.00 11.49 ? 4    U   B "O4'" 1 
ATOM   713 C  "C3'" . U   B 2 4  ? -1.334  10.778  -3.967  1.00 12.14 ? 4    U   B "C3'" 1 
ATOM   714 O  "O3'" . U   B 2 4  ? -1.388  10.112  -5.231  1.00 11.73 ? 4    U   B "O3'" 1 
ATOM   715 C  "C2'" . U   B 2 4  ? -2.578  10.453  -3.133  1.00 11.05 ? 4    U   B "C2'" 1 
ATOM   716 O  "O2'" . U   B 2 4  ? -3.808  10.400  -3.844  1.00 11.49 ? 4    U   B "O2'" 1 
ATOM   717 C  "C1'" . U   B 2 4  ? -2.164  9.109   -2.585  1.00 10.30 ? 4    U   B "C1'" 1 
ATOM   718 N  N1    . U   B 2 4  ? -2.852  8.719   -1.328  1.00 9.91  ? 4    U   B N1    1 
ATOM   719 C  C2    . U   B 2 4  ? -3.740  7.635   -1.379  1.00 9.96  ? 4    U   B C2    1 
ATOM   720 O  O2    . U   B 2 4  ? -3.940  7.033   -2.419  1.00 10.58 ? 4    U   B O2    1 
ATOM   721 N  N3    . U   B 2 4  ? -4.336  7.287   -0.198  1.00 9.68  ? 4    U   B N3    1 
ATOM   722 C  C4    . U   B 2 4  ? -4.146  7.884   1.020   1.00 9.72  ? 4    U   B C4    1 
ATOM   723 O  O4    . U   B 2 4  ? -4.744  7.427   1.999   1.00 9.60  ? 4    U   B O4    1 
ATOM   724 C  C5    . U   B 2 4  ? -3.203  8.979   1.011   1.00 9.62  ? 4    U   B C5    1 
ATOM   725 C  C6    . U   B 2 4  ? -2.626  9.381   -0.129  1.00 9.56  ? 4    U   B C6    1 
ATOM   726 P  P     . U   B 2 5  ? -1.139  10.850  -6.612  1.00 14.20 ? 5    U   B P     1 
ATOM   727 O  OP1   . U   B 2 5  ? -0.684  12.254  -6.360  1.00 17.12 ? 5    U   B OP1   1 
ATOM   728 O  OP2   . U   B 2 5  ? -2.296  10.590  -7.471  1.00 14.95 ? 5    U   B OP2   1 
ATOM   729 O  "O5'" . U   B 2 5  ? 0.044   9.987   -7.236  1.00 14.14 ? 5    U   B "O5'" 1 
ATOM   730 C  "C5'" . U   B 2 5  ? 1.331   10.010  -6.614  1.00 15.59 ? 5    U   B "C5'" 1 
ATOM   731 C  "C4'" . U   B 2 5  ? 2.141   8.839   -7.089  1.00 15.29 ? 5    U   B "C4'" 1 
ATOM   732 O  "O4'" . U   B 2 5  ? 1.575   7.574   -6.628  1.00 15.16 ? 5    U   B "O4'" 1 
ATOM   733 C  "C3'" . U   B 2 5  ? 2.236   8.793   -8.611  1.00 16.73 ? 5    U   B "C3'" 1 
ATOM   734 O  "O3'" . U   B 2 5  ? 3.505   8.253   -8.935  1.00 19.53 ? 5    U   B "O3'" 1 
ATOM   735 C  "C2'" . U   B 2 5  ? 1.161   7.785   -8.948  1.00 16.56 ? 5    U   B "C2'" 1 
ATOM   736 O  "O2'" . U   B 2 5  ? 1.402   7.060   -10.125 1.00 17.18 ? 5    U   B "O2'" 1 
ATOM   737 C  "C1'" . U   B 2 5  ? 1.314   6.812   -7.787  1.00 15.45 ? 5    U   B "C1'" 1 
ATOM   738 N  N1    . U   B 2 5  ? 0.027   6.102   -7.534  1.00 14.13 ? 5    U   B N1    1 
ATOM   739 C  C2    . U   B 2 5  ? 0.014   4.710   -7.660  1.00 14.72 ? 5    U   B C2    1 
ATOM   740 O  O2    . U   B 2 5  ? 1.004   4.037   -7.976  1.00 17.68 ? 5    U   B O2    1 
ATOM   741 N  N3    . U   B 2 5  ? -1.201  4.103   -7.410  1.00 14.61 ? 5    U   B N3    1 
ATOM   742 C  C4    . U   B 2 5  ? -2.370  4.747   -7.060  1.00 14.35 ? 5    U   B C4    1 
ATOM   743 O  O4    . U   B 2 5  ? -3.365  4.033   -6.884  1.00 16.58 ? 5    U   B O4    1 
ATOM   744 C  C5    . U   B 2 5  ? -2.286  6.187   -6.923  1.00 13.88 ? 5    U   B C5    1 
ATOM   745 C  C6    . U   B 2 5  ? -1.106  6.811   -7.157  1.00 14.54 ? 5    U   B C6    1 
ATOM   746 P  P     . U   B 2 6  ? 4.684   9.215   -9.421  1.00 21.74 ? 6    U   B P     1 
ATOM   747 O  OP1   . U   B 2 6  ? 5.850   8.338   -9.560  1.00 24.20 ? 6    U   B OP1   1 
ATOM   748 O  OP2   . U   B 2 6  ? 4.785   10.421  -8.579  1.00 24.39 ? 6    U   B OP2   1 
ATOM   749 O  "O5'" . U   B 2 6  ? 4.219   9.580   -10.919 1.00 22.55 ? 6    U   B "O5'" 1 
ATOM   750 C  "C5'" . U   B 2 6  ? 5.063   10.381  -11.801 1.00 24.59 ? 6    U   B "C5'" 1 
ATOM   751 C  "C4'" . U   B 2 6  ? 4.279   10.906  -12.987 1.00 26.87 ? 6    U   B "C4'" 1 
ATOM   752 O  "O4'" . U   B 2 6  ? 3.896   9.793   -13.847 1.00 27.47 ? 6    U   B "O4'" 1 
ATOM   753 C  "C3'" . U   B 2 6  ? 2.974   11.632  -12.648 1.00 28.15 ? 6    U   B "C3'" 1 
ATOM   754 O  "O3'" . U   B 2 6  ? 2.848   12.733  -13.574 1.00 30.92 ? 6    U   B "O3'" 1 
ATOM   755 C  "C2'" . U   B 2 6  ? 1.915   10.547  -12.878 1.00 27.22 ? 6    U   B "C2'" 1 
ATOM   756 O  "O2'" . U   B 2 6  ? 0.658   11.045  -13.288 1.00 27.22 ? 6    U   B "O2'" 1 
ATOM   757 C  "C1'" . U   B 2 6  ? 2.507   9.825   -14.081 1.00 26.95 ? 6    U   B "C1'" 1 
ATOM   758 N  N1    . U   B 2 6  ? 2.049   8.414   -14.302 1.00 27.11 ? 6    U   B N1    1 
ATOM   759 C  C2    . U   B 2 6  ? 1.636   8.018   -15.568 1.00 28.27 ? 6    U   B C2    1 
ATOM   760 O  O2    . U   B 2 6  ? 1.609   8.756   -16.534 1.00 29.55 ? 6    U   B O2    1 
ATOM   761 N  N3    . U   B 2 6  ? 1.243   6.707   -15.677 1.00 28.74 ? 6    U   B N3    1 
ATOM   762 C  C4    . U   B 2 6  ? 1.227   5.774   -14.640 1.00 28.79 ? 6    U   B C4    1 
ATOM   763 O  O4    . U   B 2 6  ? 0.856   4.634   -14.875 1.00 29.50 ? 6    U   B O4    1 
ATOM   764 C  C5    . U   B 2 6  ? 1.666   6.243   -13.348 1.00 28.43 ? 6    U   B C5    1 
ATOM   765 C  C6    . U   B 2 6  ? 2.044   7.523   -13.232 1.00 27.59 ? 6    U   B C6    1 
HETATM 766 ZN ZN    . ZN  C 3 .  ? 10.759  -6.659  8.420   1.00 15.75 ? 1118 ZN  A ZN    1 
HETATM 767 O  O     . HOH D 4 .  ? -6.726  16.562  -7.925  1.00 32.41 ? 2001 HOH A O     1 
HETATM 768 O  O     . HOH D 4 .  ? -8.370  18.855  -8.186  1.00 46.34 ? 2002 HOH A O     1 
HETATM 769 O  O     . HOH D 4 .  ? -13.622 7.491   -7.797  1.00 27.05 ? 2003 HOH A O     1 
HETATM 770 O  O     . HOH D 4 .  ? -12.985 2.143   -7.095  1.00 29.17 ? 2004 HOH A O     1 
HETATM 771 O  O     . HOH D 4 .  ? -7.165  -0.743  -9.763  1.00 42.23 ? 2005 HOH A O     1 
HETATM 772 O  O     . HOH D 4 .  ? -11.887 -1.727  -4.493  1.00 21.35 ? 2006 HOH A O     1 
HETATM 773 O  O     . HOH D 4 .  ? -13.423 -4.742  -5.439  1.00 39.21 ? 2007 HOH A O     1 
HETATM 774 O  O     . HOH D 4 .  ? -8.224  -6.245  -9.434  1.00 30.01 ? 2008 HOH A O     1 
HETATM 775 O  O     . HOH D 4 .  ? -8.698  1.833   -3.155  1.00 9.74  ? 2009 HOH A O     1 
HETATM 776 O  O     . HOH D 4 .  ? -4.610  17.634  -6.968  1.00 49.65 ? 2010 HOH A O     1 
HETATM 777 O  O     . HOH D 4 .  ? -7.698  20.787  -6.425  1.00 48.49 ? 2011 HOH A O     1 
HETATM 778 O  O     . HOH D 4 .  ? -15.770 5.846   -6.705  1.00 26.66 ? 2012 HOH A O     1 
HETATM 779 O  O     . HOH D 4 .  ? -15.342 3.418   -6.571  1.00 40.57 ? 2013 HOH A O     1 
HETATM 780 O  O     . HOH D 4 .  ? -12.918 0.963   -4.615  1.00 26.22 ? 2014 HOH A O     1 
HETATM 781 O  O     . HOH D 4 .  ? 7.340   1.028   9.280   1.00 39.91 ? 2015 HOH A O     1 
HETATM 782 O  O     . HOH D 4 .  ? -13.993 -1.609  -5.800  1.00 35.67 ? 2016 HOH A O     1 
HETATM 783 O  O     . HOH D 4 .  ? -11.395 1.173   -2.662  1.00 21.51 ? 2017 HOH A O     1 
HETATM 784 O  O     . HOH D 4 .  ? 13.065  4.881   7.534   1.00 35.49 ? 2018 HOH A O     1 
HETATM 785 O  O     . HOH D 4 .  ? -15.261 2.771   -3.635  1.00 74.23 ? 2019 HOH A O     1 
HETATM 786 O  O     . HOH D 4 .  ? 11.517  1.184   1.498   1.00 28.90 ? 2020 HOH A O     1 
HETATM 787 O  O     . HOH D 4 .  ? 11.186  -0.274  -4.130  1.00 41.00 ? 2021 HOH A O     1 
HETATM 788 O  O     . HOH D 4 .  ? 11.614  -2.549  -2.610  1.00 28.21 ? 2022 HOH A O     1 
HETATM 789 O  O     . HOH D 4 .  ? 8.408   -9.359  -4.488  1.00 28.02 ? 2023 HOH A O     1 
HETATM 790 O  O     . HOH D 4 .  ? 6.088   -9.833  5.503   1.00 29.21 ? 2024 HOH A O     1 
HETATM 791 O  O     . HOH D 4 .  ? 12.250  -5.642  3.896   1.00 20.27 ? 2025 HOH A O     1 
HETATM 792 O  O     . HOH D 4 .  ? 6.976   5.410   -12.422 1.00 39.09 ? 2026 HOH A O     1 
HETATM 793 O  O     . HOH D 4 .  ? 9.553   8.458   -11.172 1.00 49.51 ? 2027 HOH A O     1 
HETATM 794 O  O     . HOH D 4 .  ? 0.107   -12.248 6.020   1.00 31.74 ? 2028 HOH A O     1 
HETATM 795 O  O     . HOH D 4 .  ? -2.452  -16.176 1.910   1.00 23.46 ? 2029 HOH A O     1 
HETATM 796 O  O     . HOH D 4 .  ? -1.934  -15.155 10.089  1.00 32.09 ? 2030 HOH A O     1 
HETATM 797 O  O     . HOH D 4 .  ? -8.389  -12.981 2.906   1.00 11.92 ? 2031 HOH A O     1 
HETATM 798 O  O     . HOH D 4 .  ? -9.574  -10.612 0.896   1.00 17.24 ? 2032 HOH A O     1 
HETATM 799 O  O     . HOH D 4 .  ? -14.452 -0.549  -0.636  1.00 29.41 ? 2033 HOH A O     1 
HETATM 800 O  O     . HOH D 4 .  ? -17.659 -1.171  3.206   1.00 47.40 ? 2034 HOH A O     1 
HETATM 801 O  O     . HOH D 4 .  ? -10.463 -8.655  4.293   1.00 24.62 ? 2035 HOH A O     1 
HETATM 802 O  O     . HOH D 4 .  ? 0.455   -12.965 -6.835  1.00 29.73 ? 2036 HOH A O     1 
HETATM 803 O  O     . HOH D 4 .  ? -9.883  -8.039  7.334   1.00 39.01 ? 2037 HOH A O     1 
HETATM 804 O  O     . HOH D 4 .  ? 2.140   -10.064 -10.102 1.00 38.70 ? 2038 HOH A O     1 
HETATM 805 O  O     . HOH D 4 .  ? -6.032  -7.286  -12.349 1.00 33.85 ? 2039 HOH A O     1 
HETATM 806 O  O     . HOH D 4 .  ? -11.945 -2.339  13.519  1.00 51.82 ? 2040 HOH A O     1 
HETATM 807 O  O     . HOH D 4 .  ? 5.645   -3.070  -10.179 1.00 26.56 ? 2041 HOH A O     1 
HETATM 808 O  O     . HOH D 4 .  ? 1.025   1.105   -9.797  1.00 42.39 ? 2042 HOH A O     1 
HETATM 809 O  O     . HOH D 4 .  ? 5.582   -6.318  -6.421  1.00 31.52 ? 2043 HOH A O     1 
HETATM 810 O  O     . HOH D 4 .  ? 8.436   2.960   -11.619 1.00 30.75 ? 2044 HOH A O     1 
HETATM 811 O  O     . HOH D 4 .  ? 9.264   1.171   -6.637  1.00 32.75 ? 2045 HOH A O     1 
HETATM 812 O  O     . HOH D 4 .  ? 8.023   5.258   -7.902  1.00 29.96 ? 2046 HOH A O     1 
HETATM 813 O  O     . HOH D 4 .  ? 11.318  2.888   -7.718  1.00 25.17 ? 2047 HOH A O     1 
HETATM 814 O  O     . HOH D 4 .  ? 10.192  3.991   -9.572  1.00 28.32 ? 2048 HOH A O     1 
HETATM 815 O  O     . HOH D 4 .  ? 10.861  6.904   -9.639  1.00 38.68 ? 2049 HOH A O     1 
HETATM 816 O  O     . HOH D 4 .  ? 12.244  11.292  -1.822  1.00 43.52 ? 2050 HOH A O     1 
HETATM 817 O  O     . HOH D 4 .  ? 17.927  9.179   -12.271 1.00 26.42 ? 2051 HOH A O     1 
HETATM 818 O  O     . HOH D 4 .  ? 18.639  4.943   -4.763  1.00 47.09 ? 2052 HOH A O     1 
HETATM 819 O  O     . HOH D 4 .  ? 17.970  5.329   -1.888  1.00 36.19 ? 2053 HOH A O     1 
HETATM 820 O  O     . HOH D 4 .  ? 15.131  5.227   -0.093  1.00 44.88 ? 2054 HOH A O     1 
HETATM 821 O  O     . HOH D 4 .  ? 10.787  3.621   2.161   1.00 35.68 ? 2055 HOH A O     1 
HETATM 822 O  O     . HOH D 4 .  ? 7.770   10.163  -7.807  1.00 41.34 ? 2056 HOH A O     1 
HETATM 823 O  O     . HOH D 4 .  ? 4.204   12.473  -3.306  1.00 28.18 ? 2057 HOH A O     1 
HETATM 824 O  O     . HOH D 4 .  ? -1.297  -2.493  -10.106 1.00 31.75 ? 2058 HOH A O     1 
HETATM 825 O  O     . HOH D 4 .  ? -3.720  0.032   -8.698  1.00 23.03 ? 2059 HOH A O     1 
HETATM 826 O  O     . HOH D 4 .  ? 0.146   -1.197  -6.766  1.00 18.18 ? 2060 HOH A O     1 
HETATM 827 O  O     . HOH D 4 .  ? -7.342  -9.416  -12.102 1.00 47.36 ? 2061 HOH A O     1 
HETATM 828 O  O     . HOH D 4 .  ? -15.184 -6.253  -9.639  1.00 39.71 ? 2062 HOH A O     1 
HETATM 829 O  O     . HOH D 4 .  ? -13.097 -2.546  -2.061  1.00 17.96 ? 2063 HOH A O     1 
HETATM 830 O  O     . HOH D 4 .  ? -10.930 -8.265  1.378   1.00 16.19 ? 2064 HOH A O     1 
HETATM 831 O  O     . HOH D 4 .  ? -16.873 -3.655  4.488   1.00 28.87 ? 2065 HOH A O     1 
HETATM 832 O  O     . HOH D 4 .  ? -16.050 -2.060  0.886   1.00 23.02 ? 2066 HOH A O     1 
HETATM 833 O  O     . HOH D 4 .  ? -16.709 0.774   5.493   1.00 34.27 ? 2067 HOH A O     1 
HETATM 834 O  O     . HOH D 4 .  ? -12.823 1.803   -0.352  1.00 26.98 ? 2068 HOH A O     1 
HETATM 835 O  O     . HOH D 4 .  ? -16.044 4.171   5.539   1.00 18.57 ? 2069 HOH A O     1 
HETATM 836 O  O     . HOH D 4 .  ? -9.125  -5.684  8.721   1.00 24.58 ? 2070 HOH A O     1 
HETATM 837 O  O     . HOH D 4 .  ? -15.785 -1.895  6.502   1.00 38.40 ? 2071 HOH A O     1 
HETATM 838 O  O     . HOH D 4 .  ? -8.953  -0.576  12.890  1.00 40.97 ? 2072 HOH A O     1 
HETATM 839 O  O     . HOH D 4 .  ? -10.872 -5.266  10.652  1.00 26.55 ? 2073 HOH A O     1 
HETATM 840 O  O     . HOH D 4 .  ? -5.326  0.846   9.857   1.00 14.95 ? 2074 HOH A O     1 
HETATM 841 O  O     . HOH D 4 .  ? 0.920   -6.768  11.774  1.00 38.83 ? 2075 HOH A O     1 
HETATM 842 O  O     . HOH D 4 .  ? 7.221   -7.145  13.776  1.00 37.10 ? 2076 HOH A O     1 
HETATM 843 O  O     . HOH D 4 .  ? 6.164   -0.803  10.596  1.00 25.09 ? 2077 HOH A O     1 
HETATM 844 O  O     . HOH D 4 .  ? -5.441  3.625   13.225  1.00 43.03 ? 2078 HOH A O     1 
HETATM 845 O  O     . HOH D 4 .  ? 1.229   5.217   12.289  1.00 40.58 ? 2079 HOH A O     1 
HETATM 846 O  O     . HOH D 4 .  ? -1.773  -0.587  9.625   1.00 19.45 ? 2080 HOH A O     1 
HETATM 847 O  O     . HOH D 4 .  ? -3.607  2.872   9.287   1.00 10.99 ? 2081 HOH A O     1 
HETATM 848 O  O     . HOH D 4 .  ? -3.568  2.348   -9.949  1.00 44.56 ? 2082 HOH A O     1 
HETATM 849 O  O     . HOH D 4 .  ? -2.164  8.772   -12.040 1.00 36.87 ? 2083 HOH A O     1 
HETATM 850 O  O     . HOH D 4 .  ? -3.935  12.274  -13.177 1.00 53.40 ? 2084 HOH A O     1 
HETATM 851 O  O     . HOH D 4 .  ? -12.080 12.729  -11.566 1.00 46.55 ? 2085 HOH A O     1 
HETATM 852 O  O     . HOH D 4 .  ? 12.669  -7.049  7.984   1.00 14.55 ? 2086 HOH A O     1 
HETATM 853 O  O     . HOH E 4 .  ? 5.893   9.370   3.620   1.00 24.18 ? 2001 HOH B O     1 
HETATM 854 O  O     . HOH E 4 .  ? 3.349   8.271   4.454   1.00 27.28 ? 2002 HOH B O     1 
HETATM 855 O  O     . HOH E 4 .  ? -3.468  11.889  2.619   1.00 22.22 ? 2003 HOH B O     1 
HETATM 856 O  O     . HOH E 4 .  ? 2.220   15.736  3.131   1.00 39.66 ? 2004 HOH B O     1 
HETATM 857 O  O     . HOH E 4 .  ? -1.301  10.372  10.775  1.00 40.06 ? 2005 HOH B O     1 
HETATM 858 O  O     . HOH E 4 .  ? -6.439  10.094  0.314   1.00 16.34 ? 2006 HOH B O     1 
HETATM 859 O  O     . HOH E 4 .  ? -4.216  13.003  0.045   1.00 26.25 ? 2007 HOH B O     1 
HETATM 860 O  O     . HOH E 4 .  ? -5.540  11.372  -1.785  1.00 16.53 ? 2008 HOH B O     1 
HETATM 861 O  O     . HOH E 4 .  ? -1.161  1.182   -7.881  1.00 21.33 ? 2009 HOH B O     1 
HETATM 862 O  O     . HOH E 4 .  ? -0.360  14.289  -4.742  1.00 41.84 ? 2010 HOH B O     1 
HETATM 863 O  O     . HOH E 4 .  ? 3.439   5.237   -10.529 1.00 34.53 ? 2011 HOH B O     1 
HETATM 864 O  O     . HOH E 4 .  ? -2.286  10.587  -10.072 1.00 40.38 ? 2012 HOH B O     1 
HETATM 865 O  O     . HOH E 4 .  ? 4.706   13.854  -15.412 1.00 32.78 ? 2013 HOH B O     1 
HETATM 866 O  O     . HOH E 4 .  ? -0.038  11.869  -10.625 1.00 44.17 ? 2014 HOH B O     1 
HETATM 867 O  O     . HOH E 4 .  ? 5.827   5.756   -9.637  1.00 39.51 ? 2015 HOH B O     1 
HETATM 868 O  O     . HOH E 4 .  ? 3.816   9.264   7.044   1.00 41.73 ? 2016 HOH B O     1 
HETATM 869 O  O     . HOH E 4 .  ? -7.520  13.182  -2.416  1.00 22.87 ? 2017 HOH B O     1 
# 
loop_
_atom_site_anisotrop.id 
_atom_site_anisotrop.type_symbol 
_atom_site_anisotrop.pdbx_label_atom_id 
_atom_site_anisotrop.pdbx_label_alt_id 
_atom_site_anisotrop.pdbx_label_comp_id 
_atom_site_anisotrop.pdbx_label_asym_id 
_atom_site_anisotrop.pdbx_label_seq_id 
_atom_site_anisotrop.pdbx_PDB_ins_code 
_atom_site_anisotrop.U[1][1] 
_atom_site_anisotrop.U[2][2] 
_atom_site_anisotrop.U[3][3] 
_atom_site_anisotrop.U[1][2] 
_atom_site_anisotrop.U[1][3] 
_atom_site_anisotrop.U[2][3] 
_atom_site_anisotrop.pdbx_auth_seq_id 
_atom_site_anisotrop.pdbx_auth_comp_id 
_atom_site_anisotrop.pdbx_auth_asym_id 
_atom_site_anisotrop.pdbx_auth_atom_id 
1   N  N     . LEU A 2  ? 0.3736 0.2916 0.3345 0.0228  0.0075  0.0312  32   LEU A N     
2   C  CA    . LEU A 2  ? 0.3715 0.2956 0.3337 0.0233  0.0016  0.0203  32   LEU A CA    
3   C  C     . LEU A 2  ? 0.3550 0.3012 0.3277 0.0247  0.0035  0.0131  32   LEU A C     
4   O  O     . LEU A 2  ? 0.3675 0.3062 0.3266 0.0262  0.0019  0.0064  32   LEU A O     
5   C  CB    . LEU A 2  ? 0.3791 0.2959 0.3460 0.0219  0.0078  0.0198  32   LEU A CB    
6   C  CG    . LEU A 2  ? 0.4167 0.2882 0.3559 0.0212  -0.0030 0.0201  32   LEU A CG    
7   C  CD1   . LEU A 2  ? 0.4554 0.2883 0.3641 0.0135  0.0039  0.0112  32   LEU A CD1   
8   C  CD2   . LEU A 2  ? 0.4454 0.3308 0.3569 0.0191  0.0063  0.0149  32   LEU A CD2   
9   N  N     . PRO A 3  ? 0.3487 0.2982 0.3091 0.0241  -0.0029 0.0110  33   PRO A N     
10  C  CA    . PRO A 3  ? 0.3322 0.2871 0.3041 0.0213  -0.0099 0.0053  33   PRO A CA    
11  C  C     . PRO A 3  ? 0.3291 0.2848 0.3032 0.0193  -0.0114 0.0074  33   PRO A C     
12  O  O     . PRO A 3  ? 0.3391 0.2742 0.3101 0.0134  -0.0192 -0.0021 33   PRO A O     
13  C  CB    . PRO A 3  ? 0.3281 0.2907 0.2964 0.0188  -0.0105 0.0125  33   PRO A CB    
14  C  CG    . PRO A 3  ? 0.3327 0.2922 0.2934 0.0250  -0.0068 0.0119  33   PRO A CG    
15  C  CD    . PRO A 3  ? 0.3357 0.2951 0.3069 0.0267  -0.0045 0.0039  33   PRO A CD    
16  N  N     . GLU A 4  ? 0.3230 0.2748 0.3030 0.0177  -0.0133 0.0111  34   GLU A N     
17  C  CA    . GLU A 4  ? 0.3212 0.2676 0.3101 0.0159  -0.0125 0.0151  34   GLU A CA    
18  C  C     . GLU A 4  ? 0.2997 0.2509 0.3073 0.0032  -0.0106 0.0147  34   GLU A C     
19  O  O     . GLU A 4  ? 0.2992 0.2616 0.3122 0.0073  -0.0071 0.0149  34   GLU A O     
20  C  CB    . GLU A 4  ? 0.3442 0.2923 0.3164 0.0154  -0.0073 0.0273  34   GLU A CB    
21  C  CG    . GLU A 4  ? 0.3837 0.3309 0.3463 -0.0035 -0.0209 0.0151  34   GLU A CG    
22  C  CD    . GLU A 4  ? 0.4511 0.3535 0.3745 -0.0278 -0.0085 0.0498  34   GLU A CD    
23  O  OE1   . GLU A 4  ? 0.4981 0.4016 0.4343 -0.0284 -0.0141 0.0575  34   GLU A OE1   
24  O  OE2   . GLU A 4  ? 0.4652 0.4235 0.4005 -0.0201 -0.0021 0.0493  34   GLU A OE2   
25  N  N     . GLY A 5  ? 0.2779 0.2295 0.2994 0.0172  -0.0144 0.0084  35   GLY A N     
26  C  CA    . GLY A 5  ? 0.2554 0.2044 0.2897 -0.0004 -0.0184 0.0052  35   GLY A CA    
27  C  C     . GLY A 5  ? 0.2500 0.1972 0.2866 0.0042  -0.0153 0.0026  35   GLY A C     
28  O  O     . GLY A 5  ? 0.2479 0.2069 0.3150 0.0028  -0.0159 -0.0063 35   GLY A O     
29  N  N     . LYS A 6  ? 0.2400 0.1763 0.2595 0.0072  -0.0316 0.0186  36   LYS A N     
30  C  CA    . LYS A 6  ? 0.2434 0.1874 0.2297 0.0023  -0.0374 0.0145  36   LYS A CA    
31  C  C     . LYS A 6  ? 0.2244 0.1718 0.2123 0.0015  -0.0326 0.0062  36   LYS A C     
32  O  O     . LYS A 6  ? 0.2214 0.1758 0.1931 -0.0055 -0.0358 0.0011  36   LYS A O     
33  C  CB    . LYS A 6  ? 0.2713 0.2113 0.2263 0.0086  -0.0326 0.0228  36   LYS A CB    
34  C  CG    . LYS A 6  ? 0.3397 0.2515 0.2665 -0.0225 -0.0314 -0.0070 36   LYS A CG    
35  C  CD    . LYS A 6  ? 0.4482 0.3689 0.2817 -0.0187 -0.0064 -0.0224 36   LYS A CD    
36  C  CE    . LYS A 6  ? 0.4869 0.3204 0.3261 -0.0473 -0.0054 0.0336  36   LYS A CE    
37  N  NZ    . LYS A 6  ? 0.5313 0.4058 0.4274 -0.0428 -0.0322 -0.0360 36   LYS A NZ    
38  N  N     . ILE A 7  ? 0.2203 0.1655 0.1925 0.0058  -0.0337 0.0016  37   ILE A N     
39  C  CA    . ILE A 7  ? 0.2062 0.1599 0.1992 -0.0033 -0.0326 0.0027  37   ILE A CA    
40  C  C     . ILE A 7  ? 0.1889 0.1567 0.1966 -0.0015 -0.0373 0.0040  37   ILE A C     
41  O  O     . ILE A 7  ? 0.1999 0.1786 0.2094 0.0006  -0.0544 0.0054  37   ILE A O     
42  C  CB    . ILE A 7  ? 0.2057 0.1603 0.2110 -0.0047 -0.0287 0.0005  37   ILE A CB    
43  C  CG1   . ILE A 7  ? 0.1901 0.1817 0.1877 -0.0069 -0.0260 -0.0056 37   ILE A CG1   
44  C  CG2   . ILE A 7  ? 0.2158 0.1787 0.2298 -0.0164 -0.0289 0.0234  37   ILE A CG2   
45  C  CD1   . ILE A 7  ? 0.2162 0.2085 0.1876 -0.0205 -0.0006 -0.0079 37   ILE A CD1   
46  N  N     . MET A 8  ? 0.1772 0.1450 0.1919 -0.0064 -0.0343 -0.0039 38   MET A N     
47  C  CA    . MET A 8  ? 0.1762 0.1527 0.1833 -0.0070 -0.0226 -0.0024 38   MET A CA    
48  C  C     . MET A 8  ? 0.1705 0.1438 0.1724 -0.0005 -0.0267 -0.0068 38   MET A C     
49  O  O     . MET A 8  ? 0.1714 0.1391 0.1634 -0.0064 -0.0383 -0.0199 38   MET A O     
50  C  CB    . MET A 8  ? 0.1760 0.1566 0.1925 -0.0042 -0.0156 -0.0024 38   MET A CB    
51  C  CG    . MET A 8  ? 0.2440 0.2011 0.2066 -0.0444 0.0105  0.0094  38   MET A CG    
52  S  SD    . MET A 8  ? 0.3498 0.3190 0.2232 -0.0965 -0.0350 0.0256  38   MET A SD    
53  C  CE    . MET A 8  ? 0.3496 0.3384 0.2845 -0.0353 0.0073  0.0480  38   MET A CE    
54  N  N     . PRO A 9  ? 0.1766 0.1451 0.1818 -0.0054 -0.0274 -0.0059 39   PRO A N     
55  C  CA    . PRO A 9  ? 0.1709 0.1429 0.1750 -0.0080 -0.0254 -0.0078 39   PRO A CA    
56  C  C     . PRO A 9  ? 0.1565 0.1330 0.1695 -0.0126 -0.0129 -0.0099 39   PRO A C     
57  O  O     . PRO A 9  ? 0.1522 0.1343 0.1725 -0.0137 -0.0159 -0.0246 39   PRO A O     
58  C  CB    . PRO A 9  ? 0.1893 0.1566 0.1855 -0.0161 -0.0316 -0.0127 39   PRO A CB    
59  C  CG    . PRO A 9  ? 0.2180 0.1764 0.1958 -0.0468 -0.0234 -0.0132 39   PRO A CG    
60  C  CD    . PRO A 9  ? 0.2051 0.1427 0.1738 -0.0121 -0.0266 -0.0095 39   PRO A CD    
61  N  N     . ASN A 10 ? 0.1359 0.1299 0.1584 -0.0113 -0.0167 -0.0131 40   ASN A N     
62  C  CA    . ASN A 10 ? 0.1250 0.1186 0.1661 -0.0157 -0.0047 -0.0144 40   ASN A CA    
63  C  C     . ASN A 10 ? 0.1113 0.1141 0.1550 -0.0045 0.0019  -0.0153 40   ASN A C     
64  O  O     . ASN A 10 ? 0.1203 0.1026 0.1780 0.0002  0.0020  -0.0110 40   ASN A O     
65  C  CB    . ASN A 10 ? 0.1368 0.1353 0.1747 -0.0122 -0.0102 -0.0234 40   ASN A CB    
66  C  CG    . ASN A 10 ? 0.1502 0.1466 0.1867 -0.0241 -0.0083 -0.0157 40   ASN A CG    
67  O  OD1   . ASN A 10 ? 0.1460 0.1132 0.1762 -0.0098 -0.0133 0.0178  40   ASN A OD1   
68  N  ND2   . ASN A 10 ? 0.2407 0.1943 0.1884 -0.0321 -0.0415 -0.0153 40   ASN A ND2   
69  N  N     . THR A 11 ? 0.1066 0.1172 0.1397 -0.0161 0.0067  -0.0133 41   THR A N     
70  C  CA    . THR A 11 ? 0.1074 0.1241 0.1426 -0.0152 0.0054  -0.0099 41   THR A CA    
71  C  C     . THR A 11 ? 0.0915 0.1213 0.1392 -0.0095 0.0090  -0.0058 41   THR A C     
72  O  O     . THR A 11 ? 0.1119 0.1253 0.1529 0.0151  0.0007  -0.0123 41   THR A O     
73  C  CB    . THR A 11 ? 0.1155 0.1237 0.1384 -0.0249 0.0119  -0.0170 41   THR A CB    
74  O  OG1   . THR A 11 ? 0.1379 0.1470 0.1394 -0.0017 -0.0148 -0.0277 41   THR A OG1   
75  C  CG2   . THR A 11 ? 0.0931 0.1471 0.1690 -0.0096 0.0308  -0.0248 41   THR A CG2   
76  N  N     . VAL A 12 ? 0.1019 0.1273 0.1204 -0.0077 0.0049  0.0009  42   VAL A N     
77  C  CA    . VAL A 12 ? 0.1060 0.1306 0.1232 -0.0073 0.0055  0.0020  42   VAL A CA    
78  C  C     . VAL A 12 ? 0.0935 0.1009 0.1085 0.0071  0.0167  0.0011  42   VAL A C     
79  O  O     . VAL A 12 ? 0.1055 0.1037 0.1369 0.0214  0.0246  -0.0001 42   VAL A O     
80  C  CB    . VAL A 12 ? 0.1049 0.1450 0.1250 -0.0026 0.0155  0.0092  42   VAL A CB    
81  C  CG1   . VAL A 12 ? 0.1401 0.1721 0.1402 0.0044  0.0066  -0.0147 42   VAL A CG1   
82  C  CG2   . VAL A 12 ? 0.1357 0.1511 0.1782 -0.0233 0.0190  0.0119  42   VAL A CG2   
83  N  N     . PHE A 13 ? 0.0893 0.0920 0.1164 -0.0041 0.0101  -0.0043 43   PHE A N     
84  C  CA    . PHE A 13 ? 0.0850 0.0791 0.1142 0.0024  0.0118  -0.0025 43   PHE A CA    
85  C  C     . PHE A 13 ? 0.1011 0.0967 0.1172 0.0025  0.0154  0.0003  43   PHE A C     
86  O  O     . PHE A 13 ? 0.1043 0.0994 0.1137 0.0135  0.0213  -0.0048 43   PHE A O     
87  C  CB    . PHE A 13 ? 0.0869 0.0782 0.1260 0.0020  0.0104  -0.0031 43   PHE A CB    
88  C  CG    . PHE A 13 ? 0.0851 0.0734 0.0901 0.0175  -0.0047 0.0096  43   PHE A CG    
89  C  CD1   . PHE A 13 ? 0.0994 0.0905 0.1339 0.0039  0.0132  0.0103  43   PHE A CD1   
90  C  CD2   . PHE A 13 ? 0.1001 0.0882 0.0927 0.0119  0.0152  -0.0067 43   PHE A CD2   
91  C  CE1   . PHE A 13 ? 0.1260 0.1042 0.1196 -0.0093 0.0266  -0.0037 43   PHE A CE1   
92  C  CE2   . PHE A 13 ? 0.1201 0.1057 0.1180 -0.0137 0.0172  0.0052  43   PHE A CE2   
93  C  CZ    . PHE A 13 ? 0.1342 0.0782 0.1139 0.0076  0.0293  0.0129  43   PHE A CZ    
94  N  N     . VAL A 14 ? 0.1001 0.1022 0.1304 -0.0065 0.0134  0.0021  44   VAL A N     
95  C  CA    . VAL A 14 ? 0.1142 0.1120 0.1191 -0.0089 0.0200  0.0067  44   VAL A CA    
96  C  C     . VAL A 14 ? 0.1096 0.1326 0.1292 -0.0154 0.0149  -0.0017 44   VAL A C     
97  O  O     . VAL A 14 ? 0.1286 0.1496 0.1494 -0.0232 0.0343  -0.0026 44   VAL A O     
98  C  CB    . VAL A 14 ? 0.1263 0.1185 0.1319 -0.0001 0.0046  0.0089  44   VAL A CB    
99  C  CG1   . VAL A 14 ? 0.1782 0.1534 0.1244 0.0177  0.0071  0.0237  44   VAL A CG1   
100 C  CG2   . VAL A 14 ? 0.1257 0.1023 0.1539 0.0042  0.0187  0.0082  44   VAL A CG2   
101 N  N     . GLY A 15 ? 0.1175 0.1447 0.1526 -0.0139 0.0092  -0.0192 45   GLY A N     
102 C  CA    . GLY A 15 ? 0.1414 0.1606 0.1547 -0.0244 -0.0021 -0.0259 45   GLY A CA    
103 C  C     . GLY A 15 ? 0.1465 0.1872 0.1694 -0.0171 -0.0076 -0.0177 45   GLY A C     
104 O  O     . GLY A 15 ? 0.1431 0.1768 0.1821 -0.0020 0.0084  -0.0242 45   GLY A O     
105 N  N     . GLY A 16 ? 0.1585 0.1950 0.1918 -0.0249 -0.0144 -0.0180 46   GLY A N     
106 C  CA    . GLY A 16 ? 0.1730 0.2275 0.2080 -0.0229 -0.0213 0.0018  46   GLY A CA    
107 C  C     . GLY A 16 ? 0.1760 0.2325 0.2138 -0.0191 -0.0280 0.0059  46   GLY A C     
108 O  O     . GLY A 16 ? 0.2081 0.2558 0.2228 -0.0130 -0.0371 0.0151  46   GLY A O     
109 N  N     . ILE A 17 ? 0.1637 0.2406 0.2172 -0.0226 -0.0250 0.0015  47   ILE A N     
110 C  CA    . ILE A 17 ? 0.1773 0.2444 0.2256 -0.0154 -0.0287 0.0022  47   ILE A CA    
111 C  C     . ILE A 17 ? 0.1893 0.2591 0.2479 -0.0303 -0.0270 0.0048  47   ILE A C     
112 O  O     . ILE A 17 ? 0.2011 0.2643 0.2448 -0.0284 -0.0267 0.0153  47   ILE A O     
113 C  CB    . ILE A 17 ? 0.1551 0.2278 0.2215 -0.0113 -0.0266 0.0013  47   ILE A CB    
114 C  CG1   . ILE A 17 ? 0.1557 0.2245 0.2165 -0.0074 -0.0338 0.0083  47   ILE A CG1   
115 C  CG2   . ILE A 17 ? 0.1633 0.2559 0.2225 0.0067  -0.0249 -0.0052 47   ILE A CG2   
116 C  CD1   . ILE A 17 ? 0.1545 0.1983 0.2117 -0.0067 -0.0221 0.0063  47   ILE A CD1   
117 N  N     . ASP A 18 ? 0.2211 0.2668 0.2552 -0.0254 -0.0342 0.0052  48   ASP A N     
118 C  CA    . ASP A 18 ? 0.2301 0.2756 0.2894 -0.0325 -0.0372 0.0096  48   ASP A CA    
119 C  C     . ASP A 18 ? 0.2526 0.2811 0.2989 -0.0218 -0.0311 0.0103  48   ASP A C     
120 O  O     . ASP A 18 ? 0.2378 0.2715 0.2917 -0.0258 -0.0375 0.0211  48   ASP A O     
121 C  CB    . ASP A 18 ? 0.2513 0.2766 0.2850 -0.0267 -0.0309 0.0063  48   ASP A CB    
122 C  CG    . ASP A 18 ? 0.2722 0.2772 0.3064 -0.0367 -0.0225 0.0223  48   ASP A CG    
123 O  OD1   . ASP A 18 ? 0.3349 0.3156 0.3298 0.0250  -0.0007 0.0473  48   ASP A OD1   
124 O  OD2   . ASP A 18 ? 0.2908 0.2524 0.3166 -0.0394 0.0046  0.0095  48   ASP A OD2   
125 N  N     . VAL A 19 ? 0.2636 0.2988 0.3388 -0.0255 -0.0402 0.0186  49   VAL A N     
126 C  CA    . VAL A 19 ? 0.2852 0.3225 0.3567 -0.0129 -0.0321 0.0123  49   VAL A CA    
127 C  C     . VAL A 19 ? 0.2827 0.3254 0.3527 -0.0090 -0.0389 0.0137  49   VAL A C     
128 O  O     . VAL A 19 ? 0.3025 0.3505 0.3626 0.0000  -0.0313 0.0090  49   VAL A O     
129 C  CB    . VAL A 19 ? 0.2980 0.3285 0.3846 -0.0214 -0.0321 0.0125  49   VAL A CB    
130 C  CG1   . VAL A 19 ? 0.3111 0.3490 0.3919 -0.0281 -0.0404 0.0093  49   VAL A CG1   
131 C  CG2   . VAL A 19 ? 0.3215 0.3500 0.3860 -0.0207 -0.0258 0.0045  49   VAL A CG2   
132 N  N     . ARG A 20 ? 0.2685 0.3215 0.3400 0.0003  -0.0497 0.0130  50   ARG A N     
133 C  CA    . ARG A 20 ? 0.2603 0.3205 0.3205 0.0025  -0.0587 0.0132  50   ARG A CA    
134 C  C     . ARG A 20 ? 0.2445 0.3036 0.3045 0.0163  -0.0566 0.0116  50   ARG A C     
135 O  O     . ARG A 20 ? 0.2394 0.3034 0.3219 0.0171  -0.0552 0.0149  50   ARG A O     
136 C  CB    . ARG A 20 ? 0.2658 0.3309 0.3235 0.0041  -0.0653 0.0149  50   ARG A CB    
137 C  CG    . ARG A 20 ? 0.2787 0.3487 0.3334 -0.0086 -0.0699 0.0191  50   ARG A CG    
138 C  CD    . ARG A 20 ? 0.2995 0.4036 0.3245 0.0011  -0.0879 0.0364  50   ARG A CD    
139 N  NE    . ARG A 20 ? 0.2963 0.4225 0.3078 -0.0081 -0.0801 0.0464  50   ARG A NE    
140 C  CZ    . ARG A 20 ? 0.3129 0.4825 0.3268 0.0113  -0.0986 0.0736  50   ARG A CZ    
141 N  NH1   . ARG A 20 ? 0.3178 0.4454 0.2742 0.0041  -0.0938 0.0451  50   ARG A NH1   
142 N  NH2   . ARG A 20 ? 0.2892 0.4315 0.3097 -0.0131 -0.0927 0.0631  50   ARG A NH2   
143 N  N     . MET A 21 ? 0.2325 0.2936 0.2681 0.0137  -0.0494 0.0032  51   MET A N     
144 C  CA    . MET A 21 ? 0.2235 0.2870 0.2468 0.0165  -0.0409 0.0048  51   MET A CA    
145 C  C     . MET A 21 ? 0.2253 0.2689 0.2410 0.0166  -0.0289 0.0101  51   MET A C     
146 O  O     . MET A 21 ? 0.2523 0.2749 0.2340 0.0206  -0.0229 0.0135  51   MET A O     
147 C  CB    . MET A 21 ? 0.2158 0.2906 0.2544 0.0136  -0.0448 -0.0008 51   MET A CB    
148 C  CG    . MET A 21 ? 0.1973 0.3335 0.2862 0.0152  -0.0540 -0.0067 51   MET A CG    
149 S  SD    . MET A 21 ? 0.2337 0.3962 0.3191 0.0371  -0.0199 -0.0089 51   MET A SD    
150 C  CE    . MET A 21 ? 0.2203 0.4415 0.3308 0.0556  -0.0411 -0.0220 51   MET A CE    
151 N  N     . ASP A 22 ? 0.1879 0.2593 0.2281 0.0047  -0.0204 0.0145  52   ASP A N     
152 C  CA    . ASP A 22 ? 0.1625 0.2429 0.2258 -0.0008 -0.0123 0.0218  52   ASP A CA    
153 C  C     . ASP A 22 ? 0.1531 0.2315 0.1977 -0.0047 0.0017  0.0265  52   ASP A C     
154 O  O     . ASP A 22 ? 0.1365 0.2299 0.1988 0.0065  0.0102  0.0209  52   ASP A O     
155 C  CB    . ASP A 22 ? 0.1661 0.2541 0.2488 0.0032  -0.0065 0.0225  52   ASP A CB    
156 C  CG    . ASP A 22 ? 0.1442 0.2546 0.2934 0.0009  -0.0064 0.0277  52   ASP A CG    
157 O  OD1   . ASP A 22 ? 0.1278 0.2750 0.3579 0.0148  0.0050  0.0433  52   ASP A OD1   
158 O  OD2   . ASP A 22 ? 0.1837 0.3037 0.3979 0.0326  0.0279  0.0083  52   ASP A OD2   
159 N  N     . GLU A 23 ? 0.1472 0.2133 0.1943 0.0017  -0.0094 0.0207  53   GLU A N     
160 C  CA    . GLU A 23 ? 0.1499 0.1971 0.1563 0.0010  -0.0040 0.0239  53   GLU A CA    
161 C  C     . GLU A 23 ? 0.1453 0.1903 0.1820 0.0139  -0.0006 0.0193  53   GLU A C     
162 O  O     . GLU A 23 ? 0.1544 0.1916 0.1932 0.0015  0.0064  0.0191  53   GLU A O     
163 C  CB    . GLU A 23 ? 0.1555 0.2079 0.1532 0.0015  -0.0010 0.0410  53   GLU A CB    
164 C  CG    . GLU A 23 ? 0.1821 0.1966 0.2140 0.0025  0.0152  0.0153  53   GLU A CG    
165 C  CD    . GLU A 23 ? 0.2102 0.2279 0.2074 0.0139  0.0226  -0.0077 53   GLU A CD    
166 O  OE1   . GLU A 23 ? 0.1511 0.2329 0.2252 0.0221  0.0269  0.0003  53   GLU A OE1   
167 O  OE2   . GLU A 23 ? 0.1749 0.2123 0.2219 0.0215  0.0383  -0.0001 53   GLU A OE2   
168 N  N     . THR A 24 ? 0.1528 0.1821 0.1879 0.0184  0.0046  0.0210  54   THR A N     
169 C  CA    . THR A 24 ? 0.1543 0.1834 0.1961 0.0168  0.0149  0.0221  54   THR A CA    
170 C  C     . THR A 24 ? 0.1408 0.1742 0.1810 0.0123  0.0017  0.0147  54   THR A C     
171 O  O     . THR A 24 ? 0.1244 0.1748 0.1833 0.0179  0.0041  0.0132  54   THR A O     
172 C  CB    . THR A 24 ? 0.1608 0.1952 0.2013 0.0212  0.0253  0.0146  54   THR A CB    
173 O  OG1   . THR A 24 ? 0.2154 0.2327 0.2278 0.0259  0.0531  0.0462  54   THR A OG1   
174 C  CG2   . THR A 24 ? 0.1842 0.2014 0.2458 0.0370  0.0172  0.0424  54   THR A CG2   
175 N  N     . GLU A 25 ? 0.1555 0.1811 0.1754 0.0118  0.0109  0.0055  55   GLU A N     
176 C  CA    . GLU A 25 ? 0.1282 0.1850 0.1744 0.0029  0.0058  0.0158  55   GLU A CA    
177 C  C     . GLU A 25 ? 0.1346 0.1693 0.1740 0.0121  0.0068  0.0216  55   GLU A C     
178 O  O     . GLU A 25 ? 0.1465 0.1852 0.1869 0.0080  0.0167  0.0214  55   GLU A O     
179 C  CB    . GLU A 25 ? 0.1281 0.2042 0.1653 -0.0003 0.0131  0.0108  55   GLU A CB    
180 C  CG    . GLU A 25 ? 0.1302 0.2544 0.1576 0.0038  -0.0134 0.0415  55   GLU A CG    
181 C  CD    . GLU A 25 ? 0.1496 0.3254 0.1416 -0.0018 -0.0116 0.0323  55   GLU A CD    
182 O  OE1   . GLU A 25 ? 0.1531 0.3668 0.1556 -0.0184 -0.0352 0.0627  55   GLU A OE1   
183 O  OE2   . GLU A 25 ? 0.1438 0.3522 0.1582 -0.0131 -0.0508 0.0680  55   GLU A OE2   
184 N  N     . ILE A 26 ? 0.1278 0.1617 0.1746 0.0073  0.0078  0.0228  56   ILE A N     
185 C  CA    . ILE A 26 ? 0.1193 0.1417 0.1730 -0.0034 0.0024  0.0279  56   ILE A CA    
186 C  C     . ILE A 26 ? 0.1208 0.1463 0.1943 -0.0057 0.0103  0.0134  56   ILE A C     
187 O  O     . ILE A 26 ? 0.1248 0.1515 0.1763 0.0014  0.0235  0.0106  56   ILE A O     
188 C  CB    . ILE A 26 ? 0.0950 0.1425 0.1764 0.0021  -0.0116 0.0327  56   ILE A CB    
189 C  CG1   . ILE A 26 ? 0.1490 0.1583 0.1567 -0.0316 -0.0107 0.0435  56   ILE A CG1   
190 C  CG2   . ILE A 26 ? 0.0997 0.1358 0.1772 0.0264  -0.0012 0.0343  56   ILE A CG2   
191 C  CD1   . ILE A 26 ? 0.1769 0.1756 0.1873 -0.0386 0.0010  0.0651  56   ILE A CD1   
192 N  N     . ARG A 27 ? 0.1268 0.1378 0.2002 -0.0044 -0.0028 -0.0038 57   ARG A N     
193 C  CA    . ARG A 27 ? 0.1276 0.1531 0.2266 -0.0006 -0.0180 -0.0109 57   ARG A CA    
194 C  C     . ARG A 27 ? 0.1190 0.1598 0.2424 0.0062  -0.0161 0.0013  57   ARG A C     
195 O  O     . ARG A 27 ? 0.1113 0.1636 0.2622 0.0106  -0.0106 0.0004  57   ARG A O     
196 C  CB    . ARG A 27 ? 0.1360 0.1709 0.2260 0.0080  -0.0216 -0.0149 57   ARG A CB    
197 C  CG    . ARG A 27 ? 0.1591 0.1934 0.2260 -0.0033 -0.0070 -0.0317 57   ARG A CG    
198 C  CD    . ARG A 27 ? 0.1679 0.2512 0.2911 0.0461  0.0105  -0.0567 57   ARG A CD    
199 N  NE    . ARG A 27 ? 0.2400 0.2887 0.3001 0.0732  0.0167  -0.0413 57   ARG A NE    
200 C  CZ    . ARG A 27 ? 0.2442 0.3346 0.3278 0.0870  0.0042  -0.0412 57   ARG A CZ    
201 N  NH1   . ARG A 27 ? 0.2599 0.3406 0.3910 0.0746  0.0139  -0.0654 57   ARG A NH1   
202 N  NH2   . ARG A 27 ? 0.2570 0.3421 0.3357 0.1130  0.0286  -0.0315 57   ARG A NH2   
203 N  N     . SER A 28 ? 0.1247 0.1737 0.2659 0.0129  -0.0140 0.0209  58   SER A N     
204 C  CA    . SER A 28 ? 0.1351 0.1885 0.2659 0.0098  -0.0061 0.0319  58   SER A CA    
205 C  C     . SER A 28 ? 0.1398 0.1833 0.2482 0.0066  -0.0116 0.0348  58   SER A C     
206 O  O     . SER A 28 ? 0.1410 0.1806 0.2807 0.0053  -0.0106 0.0282  58   SER A O     
207 C  CB    . SER A 28 ? 0.1347 0.1988 0.2971 0.0125  -0.0109 0.0355  58   SER A CB    
208 O  OG    . SER A 28 ? 0.1972 0.2545 0.3436 0.0092  0.0381  0.0377  58   SER A OG    
209 N  N     . PHE A 29 ? 0.1392 0.1916 0.2097 -0.0054 -0.0209 0.0301  59   PHE A N     
210 C  CA    . PHE A 29 ? 0.1495 0.1993 0.1931 -0.0164 -0.0208 0.0256  59   PHE A CA    
211 C  C     . PHE A 29 ? 0.1434 0.1871 0.1849 -0.0147 -0.0192 0.0210  59   PHE A C     
212 O  O     . PHE A 29 ? 0.1583 0.1901 0.1660 -0.0173 -0.0131 0.0180  59   PHE A O     
213 C  CB    . PHE A 29 ? 0.1734 0.2074 0.1991 -0.0245 -0.0183 0.0223  59   PHE A CB    
214 C  CG    . PHE A 29 ? 0.2038 0.2279 0.1996 -0.0435 -0.0051 -0.0053 59   PHE A CG    
215 C  CD1   . PHE A 29 ? 0.1954 0.2145 0.2474 -0.0396 0.0268  -0.0362 59   PHE A CD1   
216 C  CD2   . PHE A 29 ? 0.2827 0.2572 0.2225 -0.0231 0.0045  0.0197  59   PHE A CD2   
217 C  CE1   . PHE A 29 ? 0.2898 0.2585 0.2064 -0.0441 0.0606  -0.0212 59   PHE A CE1   
218 C  CE2   . PHE A 29 ? 0.3061 0.2988 0.2462 -0.0210 0.0283  0.0218  59   PHE A CE2   
219 C  CZ    . PHE A 29 ? 0.3012 0.2690 0.2401 -0.0282 0.0357  0.0061  59   PHE A CZ    
220 N  N     . PHE A 30 ? 0.1174 0.1621 0.1732 -0.0125 -0.0217 0.0083  60   PHE A N     
221 C  CA    . PHE A 30 ? 0.1091 0.1338 0.1797 -0.0040 -0.0127 0.0011  60   PHE A CA    
222 C  C     . PHE A 30 ? 0.0963 0.1284 0.1807 0.0052  -0.0039 -0.0034 60   PHE A C     
223 O  O     . PHE A 30 ? 0.0887 0.1310 0.1867 -0.0054 0.0021  -0.0049 60   PHE A O     
224 C  CB    . PHE A 30 ? 0.1270 0.1377 0.1579 0.0029  -0.0102 -0.0032 60   PHE A CB    
225 C  CG    . PHE A 30 ? 0.1083 0.1252 0.1626 -0.0067 0.0006  0.0038  60   PHE A CG    
226 C  CD1   . PHE A 30 ? 0.1197 0.1378 0.1666 -0.0257 0.0129  -0.0145 60   PHE A CD1   
227 C  CD2   . PHE A 30 ? 0.1339 0.1376 0.1866 0.0242  0.0047  -0.0027 60   PHE A CD2   
228 C  CE1   . PHE A 30 ? 0.1431 0.1331 0.2061 -0.0150 0.0098  -0.0194 60   PHE A CE1   
229 C  CE2   . PHE A 30 ? 0.1180 0.1546 0.2086 0.0055  0.0143  -0.0234 60   PHE A CE2   
230 C  CZ    . PHE A 30 ? 0.1513 0.1522 0.1798 -0.0170 0.0200  -0.0309 60   PHE A CZ    
231 N  N     . ALA A 31 ? 0.1037 0.1198 0.1979 0.0047  0.0065  -0.0061 61   ALA A N     
232 C  CA    . ALA A 31 ? 0.0999 0.1081 0.2055 0.0154  0.0142  -0.0072 61   ALA A CA    
233 C  C     . ALA A 31 ? 0.1094 0.1155 0.1937 0.0106  0.0133  -0.0058 61   ALA A C     
234 O  O     . ALA A 31 ? 0.1324 0.1181 0.1881 -0.0039 0.0142  -0.0048 61   ALA A O     
235 C  CB    . ALA A 31 ? 0.1041 0.1204 0.2401 0.0194  0.0153  -0.0279 61   ALA A CB    
236 N  N     . ARG A 32 ? 0.1091 0.1172 0.1907 0.0101  0.0191  -0.0025 62   ARG A N     
237 C  CA    . ARG A 32 ? 0.1119 0.1125 0.1874 0.0087  0.0070  0.0118  62   ARG A CA    
238 C  C     . ARG A 32 ? 0.1174 0.1086 0.1798 0.0105  0.0042  0.0108  62   ARG A C     
239 O  O     . ARG A 32 ? 0.1285 0.1196 0.1876 0.0015  -0.0024 0.0141  62   ARG A O     
240 C  CB    . ARG A 32 ? 0.1302 0.1368 0.1960 0.0129  0.0120  -0.0005 62   ARG A CB    
241 C  CG    . ARG A 32 ? 0.1473 0.1358 0.1838 0.0041  -0.0171 -0.0024 62   ARG A CG    
242 C  CD    . ARG A 32 ? 0.1719 0.1949 0.1770 -0.0364 -0.0126 -0.0058 62   ARG A CD    
243 N  NE    . ARG A 32 ? 0.2627 0.2025 0.1573 -0.0544 0.0031  -0.0135 62   ARG A NE    
244 C  CZ    . ARG A 32 ? 0.3044 0.2136 0.1888 -0.0299 -0.0342 -0.0212 62   ARG A CZ    
245 N  NH1   . ARG A 32 ? 0.3095 0.2727 0.2219 -0.0184 -0.0288 -0.0416 62   ARG A NH1   
246 N  NH2   . ARG A 32 ? 0.3256 0.2579 0.1945 -0.0654 -0.0233 -0.0417 62   ARG A NH2   
247 N  N     . TYR A 33 ? 0.1223 0.1157 0.1869 0.0047  0.0059  0.0223  63   TYR A N     
248 C  CA    . TYR A 33 ? 0.1325 0.1134 0.1934 0.0071  0.0004  0.0193  63   TYR A CA    
249 C  C     . TYR A 33 ? 0.1409 0.1171 0.1965 -0.0020 0.0024  0.0131  63   TYR A C     
250 O  O     . TYR A 33 ? 0.1335 0.1402 0.2205 -0.0089 0.0027  0.0159  63   TYR A O     
251 C  CB    . TYR A 33 ? 0.1436 0.1129 0.2022 0.0046  0.0044  0.0205  63   TYR A CB    
252 C  CG    . TYR A 33 ? 0.2042 0.1501 0.1983 0.0505  0.0219  0.0133  63   TYR A CG    
253 C  CD1   . TYR A 33 ? 0.2600 0.1947 0.2006 0.0486  0.0505  0.0075  63   TYR A CD1   
254 C  CD2   . TYR A 33 ? 0.2451 0.1684 0.2064 0.0417  0.0041  -0.0116 63   TYR A CD2   
255 C  CE1   . TYR A 33 ? 0.3549 0.2319 0.2355 0.0616  0.0030  -0.0368 63   TYR A CE1   
256 C  CE2   . TYR A 33 ? 0.3458 0.2088 0.2244 0.0663  -0.0093 -0.0380 63   TYR A CE2   
257 C  CZ    . TYR A 33 ? 0.3533 0.2163 0.2579 0.0618  0.0031  -0.0247 63   TYR A CZ    
258 O  OH    . TYR A 33 ? 0.4440 0.2955 0.2728 0.0621  -0.0007 -0.0548 63   TYR A OH    
259 N  N     . GLY A 34 ? 0.1456 0.1329 0.1663 -0.0200 0.0071  0.0014  64   GLY A N     
260 C  CA    . GLY A 34 ? 0.1499 0.1517 0.1636 -0.0065 0.0047  0.0021  64   GLY A CA    
261 C  C     . GLY A 34 ? 0.1354 0.1387 0.1732 -0.0140 0.0017  0.0059  64   GLY A C     
262 O  O     . GLY A 34 ? 0.1499 0.1528 0.1599 -0.0100 -0.0065 0.0170  64   GLY A O     
263 N  N     . SER A 35 ? 0.1319 0.1237 0.1723 -0.0103 0.0083  -0.0021 65   SER A N     
264 C  CA    . SER A 35 ? 0.1345 0.1108 0.1842 -0.0018 0.0132  -0.0138 65   SER A CA    
265 C  C     . SER A 35 ? 0.1270 0.1043 0.1715 -0.0020 0.0050  -0.0145 65   SER A C     
266 O  O     . SER A 35 ? 0.1363 0.0992 0.1819 -0.0027 0.0024  -0.0152 65   SER A O     
267 C  CB    . SER A 35 ? 0.1372 0.1336 0.2013 -0.0062 0.0195  -0.0328 65   SER A CB    
268 O  OG    . SER A 35 ? 0.1956 0.1710 0.2545 0.0114  0.0702  -0.0589 65   SER A OG    
269 N  N     . VAL A 36 ? 0.1326 0.1058 0.1783 -0.0189 0.0184  -0.0236 66   VAL A N     
270 C  CA    . VAL A 36 ? 0.1277 0.1209 0.1766 -0.0276 0.0262  -0.0246 66   VAL A CA    
271 C  C     . VAL A 36 ? 0.1249 0.1321 0.1765 -0.0180 0.0320  -0.0317 66   VAL A C     
272 O  O     . VAL A 36 ? 0.1497 0.1416 0.1804 -0.0063 0.0455  -0.0408 66   VAL A O     
273 C  CB    . VAL A 36 ? 0.1243 0.1235 0.1924 -0.0268 0.0184  -0.0157 66   VAL A CB    
274 C  CG1   . VAL A 36 ? 0.1321 0.1296 0.2105 -0.0416 0.0399  -0.0330 66   VAL A CG1   
275 C  CG2   . VAL A 36 ? 0.1208 0.1532 0.1844 -0.0422 0.0065  -0.0148 66   VAL A CG2   
276 N  N     . LYS A 37 ? 0.1343 0.1472 0.1646 -0.0176 0.0405  -0.0232 67   LYS A N     
277 C  CA    . LYS A 37 ? 0.1530 0.1634 0.1591 -0.0188 0.0414  -0.0284 67   LYS A CA    
278 C  C     . LYS A 37 ? 0.1544 0.1782 0.1659 -0.0219 0.0428  -0.0354 67   LYS A C     
279 O  O     . LYS A 37 ? 0.1747 0.1955 0.2075 -0.0176 0.0602  -0.0593 67   LYS A O     
280 C  CB    . LYS A 37 ? 0.1586 0.1839 0.1611 -0.0155 0.0398  -0.0230 67   LYS A CB    
281 C  CG    . LYS A 37 ? 0.2219 0.2129 0.1766 -0.0392 0.0426  -0.0071 67   LYS A CG    
282 C  CD    . LYS A 37 ? 0.2693 0.2742 0.2000 -0.0208 0.0031  0.0056  67   LYS A CD    
283 C  CE    . LYS A 37 ? 0.2860 0.3100 0.2771 0.0047  0.0222  -0.0009 67   LYS A CE    
284 N  NZ    . LYS A 37 ? 0.3018 0.3504 0.3258 -0.0031 -0.0060 0.0210  67   LYS A NZ    
285 N  N     . GLU A 38 ? 0.1512 0.1674 0.1835 -0.0162 0.0332  -0.0345 68   GLU A N     
286 C  CA    . GLU A 38 ? 0.1496 0.1873 0.1813 -0.0231 0.0395  -0.0305 68   GLU A CA    
287 C  C     . GLU A 38 ? 0.1309 0.1670 0.1793 -0.0144 0.0363  -0.0295 68   GLU A C     
288 O  O     . GLU A 38 ? 0.1110 0.1581 0.1716 -0.0235 0.0331  -0.0328 68   GLU A O     
289 C  CB    . GLU A 38 ? 0.1785 0.2085 0.2065 -0.0179 0.0346  -0.0170 68   GLU A CB    
290 C  CG    . GLU A 38 ? 0.1986 0.2617 0.2634 -0.0417 0.0430  0.0252  68   GLU A CG    
291 C  CD    . GLU A 38 ? 0.2352 0.3352 0.3344 -0.0079 0.0413  0.0886  68   GLU A CD    
292 O  OE1   . GLU A 38 ? 0.2307 0.4173 0.4177 0.0108  0.0610  0.0953  68   GLU A OE1   
293 O  OE2   . GLU A 38 ? 0.2576 0.4073 0.3434 -0.0162 0.0547  0.0876  68   GLU A OE2   
294 N  N     . VAL A 39 ? 0.1314 0.1444 0.1657 -0.0187 0.0354  -0.0173 69   VAL A N     
295 C  CA    . VAL A 39 ? 0.1337 0.1397 0.1594 -0.0228 0.0338  -0.0076 69   VAL A CA    
296 C  C     . VAL A 39 ? 0.1395 0.1442 0.1710 -0.0202 0.0494  -0.0088 69   VAL A C     
297 O  O     . VAL A 39 ? 0.1426 0.1594 0.1613 -0.0113 0.0509  -0.0062 69   VAL A O     
298 C  CB    . VAL A 39 ? 0.1343 0.1505 0.1624 -0.0107 0.0320  -0.0051 69   VAL A CB    
299 C  CG1   . VAL A 39 ? 0.1797 0.1715 0.1925 -0.0303 0.0169  -0.0184 69   VAL A CG1   
300 C  CG2   . VAL A 39 ? 0.1521 0.1741 0.1862 -0.0244 0.0399  0.0001  69   VAL A CG2   
301 N  N     . LYS A 40 ? 0.1361 0.1336 0.1624 -0.0313 0.0405  -0.0158 70   LYS A N     
302 C  CA    . LYS A 40 ? 0.1521 0.1419 0.1821 -0.0388 0.0473  -0.0237 70   LYS A CA    
303 C  C     . LYS A 40 ? 0.1432 0.1511 0.1959 -0.0319 0.0482  -0.0381 70   LYS A C     
304 O  O     . LYS A 40 ? 0.1361 0.1647 0.1949 -0.0295 0.0492  -0.0456 70   LYS A O     
305 C  CB    . LYS A 40 ? 0.1934 0.1643 0.1878 -0.0320 0.0308  -0.0217 70   LYS A CB    
306 C  CG    . LYS A 40 ? 0.2367 0.2217 0.2639 -0.0596 0.0480  -0.0031 70   LYS A CG    
307 C  CD    . LYS A 40 ? 0.3723 0.3258 0.3060 -0.0171 0.0084  0.0326  70   LYS A CD    
308 C  CE    . LYS A 40 ? 0.3508 0.3264 0.3475 0.0589  0.1577  -0.0578 70   LYS A CE    
309 N  NZ    . LYS A 40 ? 0.4433 0.4412 0.4257 -0.0196 0.0369  0.0846  70   LYS A NZ    
310 N  N     . ILE A 41 ? 0.1418 0.1553 0.2131 -0.0267 0.0439  -0.0318 71   ILE A N     
311 C  CA    . ILE A 41 ? 0.1557 0.1652 0.1961 -0.0231 0.0454  -0.0280 71   ILE A CA    
312 C  C     . ILE A 41 ? 0.1372 0.1705 0.1890 -0.0295 0.0598  -0.0281 71   ILE A C     
313 O  O     . ILE A 41 ? 0.1671 0.1704 0.1875 -0.0454 0.0764  -0.0305 71   ILE A O     
314 C  CB    . ILE A 41 ? 0.1598 0.1739 0.2050 -0.0195 0.0443  -0.0148 71   ILE A CB    
315 C  CG1   . ILE A 41 ? 0.1758 0.1832 0.2004 -0.0051 0.0259  0.0059  71   ILE A CG1   
316 C  CG2   . ILE A 41 ? 0.1536 0.2008 0.2143 -0.0228 0.0310  -0.0262 71   ILE A CG2   
317 C  CD1   . ILE A 41 ? 0.1996 0.1707 0.2988 0.0336  -0.0057 -0.0201 71   ILE A CD1   
318 N  N     . ILE A 42 ? 0.1261 0.1618 0.1866 -0.0328 0.0502  -0.0234 72   ILE A N     
319 C  CA    . ILE A 42 ? 0.1400 0.1692 0.1944 -0.0263 0.0397  -0.0101 72   ILE A CA    
320 C  C     . ILE A 42 ? 0.1457 0.1879 0.2186 -0.0346 0.0395  -0.0129 72   ILE A C     
321 O  O     . ILE A 42 ? 0.1383 0.1807 0.2084 -0.0332 0.0427  0.0046  72   ILE A O     
322 C  CB    . ILE A 42 ? 0.1246 0.1688 0.1752 -0.0270 0.0420  0.0031  72   ILE A CB    
323 C  CG1   . ILE A 42 ? 0.1500 0.1451 0.1805 -0.0370 0.0221  -0.0037 72   ILE A CG1   
324 C  CG2   . ILE A 42 ? 0.1558 0.1730 0.2111 -0.0509 0.0291  0.0180  72   ILE A CG2   
325 C  CD1   . ILE A 42 ? 0.1372 0.1627 0.1432 -0.0295 0.0153  0.0367  72   ILE A CD1   
326 N  N     . THR A 43 ? 0.1621 0.2204 0.2500 -0.0570 0.0522  -0.0029 73   THR A N     
327 C  CA    . THR A 43 ? 0.1781 0.2703 0.2964 -0.0607 0.0282  -0.0170 73   THR A CA    
328 C  C     . THR A 43 ? 0.2102 0.2916 0.3007 -0.0623 0.0185  -0.0063 73   THR A C     
329 O  O     . THR A 43 ? 0.2076 0.3255 0.3159 -0.0750 0.0083  0.0025  73   THR A O     
330 C  CB    . THR A 43 ? 0.1979 0.2752 0.3071 -0.0503 0.0380  -0.0171 73   THR A CB    
331 O  OG1   . THR A 43 ? 0.2268 0.3187 0.3258 -0.0345 0.0285  -0.0439 73   THR A OG1   
332 C  CG2   . THR A 43 ? 0.2235 0.2588 0.3049 -0.0344 0.0428  -0.0301 73   THR A CG2   
333 N  N     . ASP A 44 ? 0.2091 0.3146 0.3198 -0.0709 0.0131  -0.0162 74   ASP A N     
334 C  CA    . ASP A 44 ? 0.2598 0.3199 0.3358 -0.0689 0.0115  -0.0121 74   ASP A CA    
335 C  C     . ASP A 44 ? 0.2744 0.3444 0.3396 -0.0580 0.0140  -0.0166 74   ASP A C     
336 O  O     . ASP A 44 ? 0.2740 0.3447 0.3275 -0.0639 0.0186  -0.0167 74   ASP A O     
337 C  CB    . ASP A 44 ? 0.2796 0.3285 0.3547 -0.0678 0.0063  -0.0259 74   ASP A CB    
338 C  CG    . ASP A 44 ? 0.2693 0.3150 0.3846 -0.0724 0.0094  -0.0391 74   ASP A CG    
339 O  OD1   . ASP A 44 ? 0.3017 0.2936 0.4262 -0.1037 0.0213  -0.0908 74   ASP A OD1   
340 O  OD2   . ASP A 44 ? 0.3717 0.3489 0.4323 -0.0452 0.0105  -0.0987 74   ASP A OD2   
341 N  N     . ARG A 45 ? 0.3064 0.3616 0.3475 -0.0402 0.0232  -0.0065 75   ARG A N     
342 C  CA    . ARG A 45 ? 0.3312 0.3733 0.3602 -0.0181 0.0296  -0.0100 75   ARG A CA    
343 C  C     . ARG A 45 ? 0.3400 0.3780 0.3648 -0.0042 0.0324  -0.0134 75   ARG A C     
344 O  O     . ARG A 45 ? 0.3482 0.3852 0.3656 -0.0014 0.0402  -0.0106 75   ARG A O     
345 C  CB    . ARG A 45 ? 0.3407 0.3809 0.3660 -0.0164 0.0298  -0.0034 75   ARG A CB    
346 N  N     . THR A 46 ? 0.3406 0.3724 0.3637 0.0035  0.0345  -0.0180 76   THR A N     
347 C  CA    . THR A 46 ? 0.3422 0.3772 0.3645 0.0038  0.0354  -0.0202 76   THR A CA    
348 C  C     . THR A 46 ? 0.3265 0.3740 0.3474 0.0095  0.0370  -0.0263 76   THR A C     
349 O  O     . THR A 46 ? 0.3369 0.3811 0.3490 0.0178  0.0377  -0.0259 76   THR A O     
350 C  CB    . THR A 46 ? 0.3450 0.3923 0.3735 -0.0043 0.0330  -0.0234 76   THR A CB    
351 O  OG1   . THR A 46 ? 0.3604 0.4154 0.4106 0.0062  0.0466  -0.0327 76   THR A OG1   
352 C  CG2   . THR A 46 ? 0.3706 0.3932 0.3960 -0.0091 0.0325  -0.0089 76   THR A CG2   
353 N  N     . GLY A 47 ? 0.3134 0.3541 0.3310 0.0195  0.0422  -0.0260 77   GLY A N     
354 C  CA    . GLY A 47 ? 0.2875 0.3563 0.3395 0.0155  0.0413  -0.0241 77   GLY A CA    
355 C  C     . GLY A 47 ? 0.2685 0.3545 0.3403 0.0102  0.0420  -0.0172 77   GLY A C     
356 O  O     . GLY A 47 ? 0.2890 0.3630 0.3528 0.0168  0.0406  -0.0097 77   GLY A O     
357 N  N     . VAL A 48 ? 0.2145 0.3501 0.3285 -0.0062 0.0416  -0.0209 78   VAL A N     
358 C  CA    . VAL A 48 ? 0.1703 0.3491 0.3233 -0.0198 0.0379  -0.0131 78   VAL A CA    
359 C  C     . VAL A 48 ? 0.1616 0.3172 0.2970 -0.0184 0.0339  -0.0059 78   VAL A C     
360 O  O     . VAL A 48 ? 0.1414 0.3112 0.2933 -0.0271 0.0365  -0.0056 78   VAL A O     
361 C  CB    . VAL A 48 ? 0.1655 0.3559 0.3331 -0.0241 0.0415  -0.0183 78   VAL A CB    
362 C  CG1   . VAL A 48 ? 0.1777 0.4015 0.3281 -0.0333 0.0296  -0.0226 78   VAL A CG1   
363 C  CG2   . VAL A 48 ? 0.1611 0.3889 0.3514 -0.0464 0.0343  -0.0183 78   VAL A CG2   
364 N  N     . SER A 49 ? 0.1539 0.3080 0.2848 -0.0206 0.0250  -0.0099 79   SER A N     
365 C  CA    . SER A 49 ? 0.1573 0.2781 0.2572 -0.0242 0.0288  -0.0144 79   SER A CA    
366 C  C     . SER A 49 ? 0.1466 0.2674 0.2472 -0.0351 0.0153  -0.0240 79   SER A C     
367 O  O     . SER A 49 ? 0.1456 0.2933 0.2565 -0.0443 0.0037  -0.0331 79   SER A O     
368 C  CB    . SER A 49 ? 0.1660 0.2856 0.2588 -0.0232 0.0312  -0.0074 79   SER A CB    
369 O  OG    . SER A 49 ? 0.1725 0.2636 0.2267 -0.0176 0.0400  -0.0179 79   SER A OG    
370 N  N     . LYS A 50 ? 0.1334 0.2315 0.2184 -0.0328 0.0319  -0.0256 80   LYS A N     
371 C  CA    . LYS A 50 ? 0.1421 0.2132 0.2132 -0.0319 0.0257  -0.0230 80   LYS A CA    
372 C  C     . LYS A 50 ? 0.1319 0.1943 0.2104 -0.0259 0.0285  -0.0320 80   LYS A C     
373 O  O     . LYS A 50 ? 0.1407 0.1983 0.2172 -0.0262 0.0331  -0.0463 80   LYS A O     
374 C  CB    . LYS A 50 ? 0.1439 0.2117 0.1975 -0.0263 0.0344  -0.0216 80   LYS A CB    
375 C  CG    . LYS A 50 ? 0.1746 0.2458 0.2294 -0.0474 0.0402  0.0029  80   LYS A CG    
376 C  CD    . LYS A 50 ? 0.2674 0.3099 0.2156 -0.0160 0.0092  0.0156  80   LYS A CD    
377 C  CE    . LYS A 50 ? 0.3158 0.3352 0.2479 -0.0529 0.0121  0.0429  80   LYS A CE    
378 N  NZ    . LYS A 50 ? 0.3660 0.3744 0.3071 -0.0172 -0.0163 0.0488  80   LYS A NZ    
379 N  N     . GLY A 51 ? 0.1186 0.1937 0.1851 -0.0356 0.0174  -0.0218 81   GLY A N     
380 C  CA    . GLY A 51 ? 0.1161 0.1804 0.1685 -0.0319 0.0066  -0.0226 81   GLY A CA    
381 C  C     . GLY A 51 ? 0.1171 0.1695 0.1592 -0.0301 0.0081  -0.0194 81   GLY A C     
382 O  O     . GLY A 51 ? 0.1235 0.1762 0.1660 -0.0288 0.0117  -0.0147 81   GLY A O     
383 N  N     . TYR A 52 ? 0.0969 0.1296 0.1584 -0.0173 0.0054  -0.0175 82   TYR A N     
384 C  CA    . TYR A 52 ? 0.0907 0.1243 0.1577 -0.0068 0.0102  -0.0195 82   TYR A CA    
385 C  C     . TYR A 52 ? 0.1038 0.1305 0.1554 -0.0100 0.0101  -0.0195 82   TYR A C     
386 O  O     . TYR A 52 ? 0.1143 0.1224 0.1662 -0.0224 0.0171  -0.0208 82   TYR A O     
387 C  CB    . TYR A 52 ? 0.1238 0.1294 0.1686 0.0111  0.0125  -0.0162 82   TYR A CB    
388 C  CG    . TYR A 52 ? 0.1173 0.1462 0.1688 0.0023  0.0167  -0.0072 82   TYR A CG    
389 C  CD1   . TYR A 52 ? 0.1388 0.1378 0.2129 0.0066  0.0293  -0.0106 82   TYR A CD1   
390 C  CD2   . TYR A 52 ? 0.1435 0.1480 0.1655 0.0108  0.0190  -0.0213 82   TYR A CD2   
391 C  CE1   . TYR A 52 ? 0.1382 0.1535 0.2108 0.0190  0.0161  -0.0071 82   TYR A CE1   
392 C  CE2   . TYR A 52 ? 0.1578 0.1559 0.2075 0.0017  0.0223  0.0049  82   TYR A CE2   
393 C  CZ    . TYR A 52 ? 0.1163 0.1608 0.1596 0.0061  0.0413  0.0382  82   TYR A CZ    
394 O  OH    . TYR A 52 ? 0.2139 0.1897 0.1976 0.0197  -0.0019 0.0640  82   TYR A OH    
395 N  N     . GLY A 53 ? 0.1157 0.1152 0.1458 -0.0098 0.0124  -0.0264 83   GLY A N     
396 C  CA    . GLY A 53 ? 0.1067 0.1158 0.1551 -0.0187 0.0077  -0.0317 83   GLY A CA    
397 C  C     . GLY A 53 ? 0.1016 0.1156 0.1310 -0.0127 0.0088  -0.0260 83   GLY A C     
398 O  O     . GLY A 53 ? 0.1115 0.1284 0.1596 -0.0060 0.0215  -0.0255 83   GLY A O     
399 N  N     . PHE A 54 ? 0.1025 0.0977 0.1239 -0.0200 0.0115  -0.0147 84   PHE A N     
400 C  CA    . PHE A 54 ? 0.0995 0.0926 0.1300 -0.0150 0.0110  -0.0185 84   PHE A CA    
401 C  C     . PHE A 54 ? 0.1054 0.0926 0.1409 -0.0079 0.0200  -0.0214 84   PHE A C     
402 O  O     . PHE A 54 ? 0.1049 0.1090 0.1744 -0.0113 0.0412  -0.0267 84   PHE A O     
403 C  CB    . PHE A 54 ? 0.1202 0.0918 0.1252 -0.0108 0.0130  -0.0202 84   PHE A CB    
404 C  CG    . PHE A 54 ? 0.1066 0.0860 0.1241 -0.0139 0.0088  -0.0259 84   PHE A CG    
405 C  CD1   . PHE A 54 ? 0.1389 0.1260 0.1551 0.0030  0.0438  -0.0214 84   PHE A CD1   
406 C  CD2   . PHE A 54 ? 0.1408 0.1207 0.1613 -0.0397 0.0210  -0.0257 84   PHE A CD2   
407 C  CE1   . PHE A 54 ? 0.1452 0.1139 0.1368 -0.0220 -0.0047 -0.0062 84   PHE A CE1   
408 C  CE2   . PHE A 54 ? 0.1505 0.1221 0.1643 -0.0104 -0.0046 -0.0257 84   PHE A CE2   
409 C  CZ    . PHE A 54 ? 0.1404 0.1314 0.1725 -0.0218 0.0067  -0.0109 84   PHE A CZ    
410 N  N     . VAL A 55 ? 0.0936 0.0979 0.1481 -0.0137 0.0078  -0.0224 85   VAL A N     
411 C  CA    . VAL A 55 ? 0.1045 0.0945 0.1461 -0.0065 0.0080  -0.0163 85   VAL A CA    
412 C  C     . VAL A 55 ? 0.0957 0.1041 0.1424 -0.0026 0.0146  -0.0189 85   VAL A C     
413 O  O     . VAL A 55 ? 0.1015 0.1162 0.1251 0.0057  0.0224  -0.0187 85   VAL A O     
414 C  CB    . VAL A 55 ? 0.1082 0.0899 0.1600 0.0001  -0.0006 -0.0064 85   VAL A CB    
415 C  CG1   . VAL A 55 ? 0.1197 0.0947 0.1889 -0.0012 0.0045  -0.0306 85   VAL A CG1   
416 C  CG2   . VAL A 55 ? 0.1341 0.1247 0.1912 -0.0025 -0.0240 -0.0172 85   VAL A CG2   
417 N  N     . SER A 56 ? 0.1032 0.1070 0.1343 -0.0077 0.0135  -0.0188 86   SER A N     
418 C  CA    A SER A 56 ? 0.1080 0.1050 0.1330 -0.0130 0.0156  -0.0160 86   SER A CA    
419 C  CA    B SER A 56 ? 0.1193 0.1097 0.1464 -0.0127 0.0051  -0.0157 86   SER A CA    
420 C  C     . SER A 56 ? 0.1158 0.1065 0.1443 -0.0116 0.0161  -0.0178 86   SER A C     
421 O  O     . SER A 56 ? 0.1158 0.1098 0.1781 -0.0119 0.0166  -0.0145 86   SER A O     
422 C  CB    A SER A 56 ? 0.1132 0.0981 0.1331 -0.0108 0.0288  -0.0187 86   SER A CB    
423 C  CB    B SER A 56 ? 0.1259 0.1330 0.1465 -0.0105 0.0104  -0.0133 86   SER A CB    
424 O  OG    A SER A 56 ? 0.1106 0.1555 0.1279 -0.0194 0.0389  -0.0127 86   SER A OG    
425 O  OG    B SER A 56 ? 0.1624 0.1368 0.1616 -0.0111 -0.0112 0.0087  86   SER A OG    
426 N  N     . PHE A 57 ? 0.1227 0.1066 0.1442 -0.0179 0.0132  -0.0197 87   PHE A N     
427 C  CA    . PHE A 57 ? 0.1202 0.1107 0.1484 -0.0199 0.0183  -0.0103 87   PHE A CA    
428 C  C     . PHE A 57 ? 0.1354 0.1165 0.1553 -0.0211 0.0134  -0.0146 87   PHE A C     
429 O  O     . PHE A 57 ? 0.1606 0.1340 0.1710 -0.0107 0.0033  -0.0116 87   PHE A O     
430 C  CB    . PHE A 57 ? 0.1311 0.1159 0.1193 -0.0214 0.0075  -0.0013 87   PHE A CB    
431 C  CG    . PHE A 57 ? 0.0939 0.1242 0.1123 -0.0125 0.0159  0.0061  87   PHE A CG    
432 C  CD1   . PHE A 57 ? 0.1183 0.1354 0.1179 -0.0013 0.0234  -0.0010 87   PHE A CD1   
433 C  CD2   . PHE A 57 ? 0.0989 0.1434 0.1264 0.0043  0.0052  0.0143  87   PHE A CD2   
434 C  CE1   . PHE A 57 ? 0.1032 0.1536 0.1024 -0.0228 0.0324  0.0321  87   PHE A CE1   
435 C  CE2   . PHE A 57 ? 0.1162 0.1275 0.1206 0.0017  0.0067  0.0212  87   PHE A CE2   
436 C  CZ    . PHE A 57 ? 0.1049 0.1373 0.1671 -0.0027 0.0039  -0.0009 87   PHE A CZ    
437 N  N     . TYR A 58 ? 0.1421 0.1223 0.1622 -0.0209 0.0151  -0.0266 88   TYR A N     
438 C  CA    . TYR A 58 ? 0.1501 0.1333 0.1542 -0.0272 0.0161  -0.0258 88   TYR A CA    
439 C  C     . TYR A 58 ? 0.1511 0.1329 0.1626 -0.0263 0.0077  -0.0154 88   TYR A C     
440 O  O     . TYR A 58 ? 0.1870 0.1859 0.1484 -0.0341 -0.0024 -0.0031 88   TYR A O     
441 C  CB    . TYR A 58 ? 0.1648 0.1348 0.1615 -0.0187 0.0161  -0.0212 88   TYR A CB    
442 C  CG    . TYR A 58 ? 0.1531 0.1607 0.1920 -0.0475 0.0083  -0.0612 88   TYR A CG    
443 C  CD1   . TYR A 58 ? 0.1725 0.2288 0.1964 -0.0433 0.0462  -0.0493 88   TYR A CD1   
444 C  CD2   . TYR A 58 ? 0.1581 0.1787 0.2458 -0.0372 -0.0004 -0.0582 88   TYR A CD2   
445 C  CE1   . TYR A 58 ? 0.1746 0.2700 0.2265 -0.0502 0.0600  -0.0652 88   TYR A CE1   
446 C  CE2   . TYR A 58 ? 0.1827 0.1843 0.2441 -0.0353 0.0222  -0.0739 88   TYR A CE2   
447 C  CZ    . TYR A 58 ? 0.1811 0.2790 0.2276 -0.0404 0.0582  -0.0699 88   TYR A CZ    
448 O  OH    . TYR A 58 ? 0.2165 0.3194 0.2599 -0.0492 0.0997  -0.0867 88   TYR A OH    
449 N  N     . ASN A 59 ? 0.1432 0.1258 0.1656 -0.0235 0.0179  -0.0122 89   ASN A N     
450 C  CA    . ASN A 59 ? 0.1319 0.1169 0.1531 -0.0128 0.0134  -0.0055 89   ASN A CA    
451 C  C     . ASN A 59 ? 0.1270 0.1235 0.1625 -0.0115 0.0099  -0.0113 89   ASN A C     
452 O  O     . ASN A 59 ? 0.1319 0.1309 0.1869 -0.0150 0.0096  -0.0126 89   ASN A O     
453 C  CB    . ASN A 59 ? 0.1446 0.1258 0.1477 -0.0154 0.0009  -0.0023 89   ASN A CB    
454 C  CG    . ASN A 59 ? 0.1192 0.0960 0.1222 -0.0302 0.0302  0.0015  89   ASN A CG    
455 O  OD1   . ASN A 59 ? 0.1183 0.1280 0.1667 -0.0349 0.0259  0.0083  89   ASN A OD1   
456 N  ND2   . ASN A 59 ? 0.1312 0.1149 0.1052 -0.0193 0.0153  0.0361  89   ASN A ND2   
457 N  N     . ASP A 60 ? 0.1209 0.1275 0.1543 -0.0076 0.0121  -0.0172 90   ASP A N     
458 C  CA    . ASP A 60 ? 0.1150 0.1241 0.1630 -0.0114 0.0044  -0.0198 90   ASP A CA    
459 C  C     . ASP A 60 ? 0.1212 0.1284 0.1655 -0.0187 0.0120  -0.0057 90   ASP A C     
460 O  O     . ASP A 60 ? 0.1369 0.1309 0.1733 -0.0245 0.0122  0.0000  90   ASP A O     
461 C  CB    . ASP A 60 ? 0.1098 0.1242 0.1745 -0.0045 0.0058  -0.0124 90   ASP A CB    
462 C  CG    . ASP A 60 ? 0.1813 0.1718 0.1954 -0.0036 -0.0305 -0.0073 90   ASP A CG    
463 O  OD1   . ASP A 60 ? 0.1957 0.1586 0.2567 -0.0318 -0.0275 0.0072  90   ASP A OD1   
464 O  OD2   . ASP A 60 ? 0.1943 0.2653 0.2651 0.0119  -0.0533 0.0044  90   ASP A OD2   
465 N  N     . VAL A 61 ? 0.1184 0.1269 0.1613 -0.0130 0.0169  -0.0095 91   VAL A N     
466 C  CA    . VAL A 61 ? 0.1106 0.1177 0.1566 -0.0074 0.0204  -0.0078 91   VAL A CA    
467 C  C     . VAL A 61 ? 0.1220 0.1272 0.1635 -0.0120 0.0323  -0.0174 91   VAL A C     
468 O  O     . VAL A 61 ? 0.1333 0.1466 0.1863 -0.0062 0.0252  -0.0117 91   VAL A O     
469 C  CB    . VAL A 61 ? 0.1112 0.0998 0.1470 -0.0101 0.0278  -0.0104 91   VAL A CB    
470 C  CG1   . VAL A 61 ? 0.1129 0.1217 0.1618 0.0216  0.0208  0.0184  91   VAL A CG1   
471 C  CG2   . VAL A 61 ? 0.1227 0.0997 0.1792 -0.0093 0.0309  0.0078  91   VAL A CG2   
472 N  N     . ASP A 62 ? 0.1200 0.1203 0.1648 -0.0157 0.0358  -0.0202 92   ASP A N     
473 C  CA    . ASP A 62 ? 0.1204 0.1328 0.1744 -0.0158 0.0416  -0.0227 92   ASP A CA    
474 C  C     . ASP A 62 ? 0.1168 0.1306 0.1600 -0.0159 0.0372  -0.0166 92   ASP A C     
475 O  O     . ASP A 62 ? 0.1125 0.1288 0.1769 -0.0012 0.0268  -0.0200 92   ASP A O     
476 C  CB    . ASP A 62 ? 0.1344 0.1447 0.1856 -0.0122 0.0445  -0.0063 92   ASP A CB    
477 C  CG    . ASP A 62 ? 0.1285 0.1588 0.2332 -0.0089 0.0437  -0.0270 92   ASP A CG    
478 O  OD1   . ASP A 62 ? 0.1372 0.1560 0.2281 -0.0043 0.0281  -0.0356 92   ASP A OD1   
479 O  OD2   . ASP A 62 ? 0.1309 0.1366 0.2679 -0.0013 0.0685  -0.0514 92   ASP A OD2   
480 N  N     . VAL A 63 ? 0.1133 0.1233 0.1749 -0.0276 0.0275  -0.0203 93   VAL A N     
481 C  CA    . VAL A 63 ? 0.1114 0.1279 0.1699 -0.0300 0.0230  -0.0157 93   VAL A CA    
482 C  C     . VAL A 63 ? 0.1089 0.1395 0.1935 -0.0291 0.0221  -0.0392 93   VAL A C     
483 O  O     . VAL A 63 ? 0.1346 0.1252 0.1869 -0.0168 0.0026  -0.0355 93   VAL A O     
484 C  CB    . VAL A 63 ? 0.1157 0.1241 0.1691 -0.0309 0.0292  -0.0116 93   VAL A CB    
485 C  CG1   . VAL A 63 ? 0.1205 0.1214 0.1941 -0.0218 0.0211  -0.0261 93   VAL A CG1   
486 C  CG2   . VAL A 63 ? 0.1184 0.1600 0.1954 -0.0360 0.0434  -0.0310 93   VAL A CG2   
487 N  N     . GLN A 64 ? 0.1100 0.1469 0.2030 -0.0207 0.0216  -0.0441 94   GLN A N     
488 C  CA    . GLN A 64 ? 0.1308 0.1483 0.2127 -0.0259 0.0271  -0.0514 94   GLN A CA    
489 C  C     . GLN A 64 ? 0.1394 0.1494 0.2092 -0.0275 0.0303  -0.0501 94   GLN A C     
490 O  O     . GLN A 64 ? 0.1721 0.1472 0.2310 -0.0376 0.0151  -0.0560 94   GLN A O     
491 C  CB    . GLN A 64 ? 0.1331 0.1777 0.2429 -0.0214 0.0286  -0.0600 94   GLN A CB    
492 C  CG    . GLN A 64 ? 0.1543 0.1942 0.2728 -0.0219 0.0209  -0.0456 94   GLN A CG    
493 C  CD    . GLN A 64 ? 0.1771 0.2123 0.3058 -0.0149 0.0186  -0.0705 94   GLN A CD    
494 O  OE1   . GLN A 64 ? 0.1683 0.2709 0.3824 -0.0276 0.0336  -0.0412 94   GLN A OE1   
495 N  NE2   . GLN A 64 ? 0.1508 0.2127 0.2758 -0.0223 0.0002  -0.0484 94   GLN A NE2   
496 N  N     . LYS A 65 ? 0.1550 0.1469 0.2158 -0.0338 0.0262  -0.0429 95   LYS A N     
497 C  CA    . LYS A 65 ? 0.1983 0.1497 0.2029 -0.0386 0.0368  -0.0357 95   LYS A CA    
498 C  C     . LYS A 65 ? 0.2017 0.1421 0.1929 -0.0311 0.0305  -0.0311 95   LYS A C     
499 O  O     . LYS A 65 ? 0.2297 0.1557 0.1810 -0.0314 0.0370  -0.0229 95   LYS A O     
500 C  CB    . LYS A 65 ? 0.2352 0.1567 0.2077 -0.0459 0.0311  -0.0532 95   LYS A CB    
501 C  CG    . LYS A 65 ? 0.2544 0.2373 0.2756 -0.0375 0.0581  -0.0372 95   LYS A CG    
502 C  CD    . LYS A 65 ? 0.3690 0.2880 0.3027 -0.0174 0.0757  -0.0793 95   LYS A CD    
503 C  CE    . LYS A 65 ? 0.4144 0.2739 0.3231 -0.0039 0.0826  -0.0663 95   LYS A CE    
504 N  NZ    . LYS A 65 ? 0.4105 0.2919 0.3978 -0.0058 0.1388  -0.0591 95   LYS A NZ    
505 N  N     . ILE A 66 ? 0.1797 0.1217 0.1978 -0.0241 0.0301  -0.0213 96   ILE A N     
506 C  CA    . ILE A 66 ? 0.1768 0.1160 0.1807 -0.0071 0.0234  -0.0238 96   ILE A CA    
507 C  C     . ILE A 66 ? 0.1702 0.1172 0.1811 -0.0093 0.0289  -0.0196 96   ILE A C     
508 O  O     . ILE A 66 ? 0.1612 0.1213 0.2007 0.0006  0.0262  -0.0341 96   ILE A O     
509 C  CB    . ILE A 66 ? 0.1653 0.1112 0.1770 -0.0035 0.0177  -0.0275 96   ILE A CB    
510 C  CG1   . ILE A 66 ? 0.1694 0.1224 0.1207 0.0039  -0.0145 -0.0269 96   ILE A CG1   
511 C  CG2   . ILE A 66 ? 0.1654 0.1156 0.2039 -0.0073 0.0084  -0.0157 96   ILE A CG2   
512 C  CD1   . ILE A 66 ? 0.2150 0.1735 0.1168 0.0341  -0.0086 -0.0314 96   ILE A CD1   
513 N  N     . VAL A 67 ? 0.1515 0.1186 0.1818 0.0005  0.0371  -0.0333 97   VAL A N     
514 C  CA    . VAL A 67 ? 0.1565 0.1260 0.1690 -0.0049 0.0316  -0.0253 97   VAL A CA    
515 C  C     . VAL A 67 ? 0.1588 0.1286 0.1699 -0.0011 0.0339  -0.0351 97   VAL A C     
516 O  O     . VAL A 67 ? 0.1600 0.1503 0.1672 0.0006  0.0292  -0.0431 97   VAL A O     
517 C  CB    . VAL A 67 ? 0.1745 0.1283 0.1897 0.0022  0.0263  -0.0223 97   VAL A CB    
518 C  CG1   . VAL A 67 ? 0.1497 0.1651 0.2029 0.0042  0.0610  -0.0123 97   VAL A CG1   
519 C  CG2   . VAL A 67 ? 0.1850 0.1958 0.1966 0.0279  0.0299  0.0091  97   VAL A CG2   
520 N  N     . GLU A 68 ? 0.1668 0.1418 0.1792 -0.0090 0.0338  -0.0403 98   GLU A N     
521 C  CA    . GLU A 68 ? 0.1946 0.1700 0.1876 -0.0113 0.0280  -0.0355 98   GLU A CA    
522 C  C     . GLU A 68 ? 0.2121 0.1820 0.2059 -0.0053 0.0190  -0.0326 98   GLU A C     
523 O  O     . GLU A 68 ? 0.2253 0.2061 0.2149 -0.0116 0.0066  -0.0390 98   GLU A O     
524 C  CB    . GLU A 68 ? 0.1933 0.1750 0.1876 -0.0101 0.0321  -0.0335 98   GLU A CB    
525 C  CG    . GLU A 68 ? 0.1859 0.1588 0.2456 -0.0104 0.0473  -0.0233 98   GLU A CG    
526 C  CD    . GLU A 68 ? 0.2184 0.1653 0.2927 -0.0440 0.0298  -0.0262 98   GLU A CD    
527 O  OE1   . GLU A 68 ? 0.2384 0.1810 0.3515 -0.0548 0.0143  0.0028  98   GLU A OE1   
528 O  OE2   . GLU A 68 ? 0.2430 0.1436 0.3345 -0.0273 0.0349  -0.0152 98   GLU A OE2   
529 N  N     . SER A 69 ? 0.2279 0.1904 0.2020 0.0045  0.0144  -0.0339 99   SER A N     
530 C  CA    . SER A 69 ? 0.2405 0.1994 0.1980 0.0036  0.0003  -0.0242 99   SER A CA    
531 C  C     . SER A 69 ? 0.2424 0.2064 0.1875 -0.0023 0.0051  -0.0163 99   SER A C     
532 O  O     . SER A 69 ? 0.2677 0.2101 0.1926 -0.0066 0.0024  -0.0071 99   SER A O     
533 C  CB    . SER A 69 ? 0.2375 0.1957 0.2047 0.0210  -0.0040 -0.0206 99   SER A CB    
534 O  OG    . SER A 69 ? 0.2745 0.2313 0.2672 0.0101  -0.0347 -0.0379 99   SER A OG    
535 N  N     . GLN A 70 ? 0.2599 0.2330 0.1728 -0.0074 0.0132  -0.0127 100  GLN A N     
536 C  CA    . GLN A 70 ? 0.2749 0.2587 0.1763 -0.0165 0.0093  -0.0105 100  GLN A CA    
537 C  C     . GLN A 70 ? 0.2810 0.2635 0.1868 -0.0108 0.0092  -0.0013 100  GLN A C     
538 O  O     . GLN A 70 ? 0.2793 0.2791 0.2040 -0.0042 -0.0003 0.0099  100  GLN A O     
539 C  CB    . GLN A 70 ? 0.2989 0.2647 0.1735 -0.0181 0.0111  -0.0110 100  GLN A CB    
540 C  CG    . GLN A 70 ? 0.3187 0.3602 0.2257 0.0092  0.0201  -0.0343 100  GLN A CG    
541 C  CD    . GLN A 70 ? 0.3799 0.3676 0.2841 0.0061  -0.0114 -0.0380 100  GLN A CD    
542 O  OE1   . GLN A 70 ? 0.4385 0.4799 0.2978 0.0042  -0.0194 -0.0774 100  GLN A OE1   
543 N  NE2   . GLN A 70 ? 0.4068 0.4434 0.2927 0.0195  -0.0256 -0.0498 100  GLN A NE2   
544 N  N     . ILE A 71 ? 0.2780 0.2774 0.2044 -0.0057 0.0185  0.0045  101  ILE A N     
545 C  CA    . ILE A 71 ? 0.2856 0.2960 0.2233 0.0085  0.0184  0.0114  101  ILE A CA    
546 C  C     . ILE A 71 ? 0.2957 0.3193 0.2451 0.0079  0.0086  0.0140  101  ILE A C     
547 O  O     . ILE A 71 ? 0.3069 0.3209 0.2542 0.0053  0.0136  0.0185  101  ILE A O     
548 C  CB    . ILE A 71 ? 0.2819 0.2874 0.2216 0.0062  0.0176  0.0018  101  ILE A CB    
549 C  CG1   . ILE A 71 ? 0.2814 0.2913 0.2123 0.0196  0.0129  -0.0085 101  ILE A CG1   
550 C  CG2   . ILE A 71 ? 0.2684 0.2940 0.2196 -0.0011 0.0242  0.0097  101  ILE A CG2   
551 C  CD1   . ILE A 71 ? 0.3225 0.2945 0.2063 0.0407  0.0253  -0.0264 101  ILE A CD1   
552 N  N     . ASN A 72 ? 0.3174 0.3576 0.2635 0.0307  0.0109  0.0254  102  ASN A N     
553 C  CA    A ASN A 72 ? 0.3251 0.3834 0.2811 0.0310  0.0001  0.0250  102  ASN A CA    
554 C  CA    B ASN A 72 ? 0.3295 0.3853 0.2841 0.0304  -0.0006 0.0229  102  ASN A CA    
555 C  C     . ASN A 72 ? 0.3380 0.3996 0.2965 0.0404  0.0019  0.0243  102  ASN A C     
556 O  O     . ASN A 72 ? 0.3613 0.4168 0.3099 0.0381  0.0057  0.0372  102  ASN A O     
557 C  CB    A ASN A 72 ? 0.3230 0.3895 0.2852 0.0419  0.0022  0.0229  102  ASN A CB    
558 C  CB    B ASN A 72 ? 0.3412 0.3932 0.2876 0.0384  0.0057  0.0253  102  ASN A CB    
559 C  CG    A ASN A 72 ? 0.3167 0.3976 0.3064 0.0422  -0.0021 0.0350  102  ASN A CG    
560 C  CG    B ASN A 72 ? 0.3657 0.4142 0.3188 0.0300  -0.0132 0.0176  102  ASN A CG    
561 O  OD1   A ASN A 72 ? 0.3165 0.3961 0.3437 0.0523  -0.0128 0.0275  102  ASN A OD1   
562 O  OD1   B ASN A 72 ? 0.4068 0.4183 0.3354 0.0132  -0.0070 0.0388  102  ASN A OD1   
563 N  ND2   A ASN A 72 ? 0.3120 0.4099 0.3088 0.0439  -0.0216 0.0390  102  ASN A ND2   
564 N  ND2   B ASN A 72 ? 0.3850 0.4367 0.3231 0.0325  -0.0095 0.0151  102  ASN A ND2   
565 N  N     . PHE A 73 ? 0.3534 0.4168 0.2920 0.0336  0.0006  0.0209  103  PHE A N     
566 C  CA    . PHE A 73 ? 0.3625 0.4322 0.3034 0.0360  0.0015  0.0108  103  PHE A CA    
567 C  C     . PHE A 73 ? 0.3733 0.4303 0.3053 0.0379  -0.0030 0.0094  103  PHE A C     
568 O  O     . PHE A 73 ? 0.3744 0.4416 0.3156 0.0470  0.0015  0.0139  103  PHE A O     
569 C  CB    . PHE A 73 ? 0.3709 0.4412 0.2968 0.0179  -0.0095 0.0019  103  PHE A CB    
570 C  CG    . PHE A 73 ? 0.3984 0.4629 0.2869 -0.0213 -0.0056 0.0045  103  PHE A CG    
571 C  CD1   . PHE A 73 ? 0.4242 0.4700 0.3096 -0.0512 -0.0109 -0.0099 103  PHE A CD1   
572 C  CD2   . PHE A 73 ? 0.4200 0.4692 0.2783 -0.0517 -0.0278 0.0058  103  PHE A CD2   
573 C  CE1   . PHE A 73 ? 0.4156 0.4799 0.3253 -0.0618 -0.0106 -0.0247 103  PHE A CE1   
574 C  CE2   . PHE A 73 ? 0.4256 0.4479 0.2863 -0.0842 -0.0209 -0.0120 103  PHE A CE2   
575 C  CZ    . PHE A 73 ? 0.4443 0.4791 0.3354 -0.0618 -0.0120 -0.0176 103  PHE A CZ    
576 N  N     . HIS A 74 ? 0.3862 0.4239 0.3093 0.0501  -0.0026 0.0020  104  HIS A N     
577 C  CA    . HIS A 74 ? 0.3979 0.4120 0.2979 0.0481  -0.0082 -0.0036 104  HIS A CA    
578 C  C     . HIS A 74 ? 0.4019 0.4079 0.3034 0.0520  -0.0124 -0.0049 104  HIS A C     
579 O  O     . HIS A 74 ? 0.4187 0.4103 0.3024 0.0442  -0.0147 -0.0068 104  HIS A O     
580 C  CB    . HIS A 74 ? 0.3948 0.4009 0.2893 0.0591  -0.0029 -0.0166 104  HIS A CB    
581 C  CG    . HIS A 74 ? 0.3740 0.3890 0.2425 0.0571  -0.0095 0.0029  104  HIS A CG    
582 N  ND1   . HIS A 74 ? 0.3474 0.3605 0.2142 0.0796  -0.0610 -0.0069 104  HIS A ND1   
583 C  CD2   . HIS A 74 ? 0.3430 0.3870 0.1651 0.0789  -0.0079 -0.0313 104  HIS A CD2   
584 C  CE1   . HIS A 74 ? 0.3368 0.3658 0.1680 0.0712  -0.0346 0.0072  104  HIS A CE1   
585 N  NE2   . HIS A 74 ? 0.2777 0.3622 0.1280 0.0776  -0.0418 -0.0058 104  HIS A NE2   
586 N  N     . GLY A 75 ? 0.3952 0.4058 0.3010 0.0564  -0.0171 -0.0089 105  GLY A N     
587 C  CA    . GLY A 75 ? 0.3800 0.4009 0.2983 0.0606  -0.0246 -0.0092 105  GLY A CA    
588 C  C     . GLY A 75 ? 0.3703 0.4004 0.2911 0.0578  -0.0302 -0.0103 105  GLY A C     
589 O  O     . GLY A 75 ? 0.3707 0.4048 0.2917 0.0660  -0.0311 -0.0109 105  GLY A O     
590 N  N     . LYS A 76 ? 0.3620 0.3935 0.2895 0.0563  -0.0284 -0.0094 106  LYS A N     
591 C  CA    . LYS A 76 ? 0.3439 0.3817 0.2888 0.0430  -0.0333 -0.0105 106  LYS A CA    
592 C  C     . LYS A 76 ? 0.3380 0.3753 0.2832 0.0409  -0.0287 -0.0060 106  LYS A C     
593 O  O     . LYS A 76 ? 0.3473 0.3660 0.3056 0.0436  -0.0322 -0.0145 106  LYS A O     
594 C  CB    . LYS A 76 ? 0.3464 0.3819 0.2888 0.0467  -0.0288 -0.0095 106  LYS A CB    
595 N  N     . LYS A 77 ? 0.3167 0.3580 0.2596 0.0200  -0.0320 -0.0023 107  LYS A N     
596 C  CA    . LYS A 77 ? 0.3003 0.3382 0.2321 0.0142  -0.0182 0.0113  107  LYS A CA    
597 C  C     . LYS A 77 ? 0.2636 0.3067 0.2141 0.0137  -0.0228 -0.0008 107  LYS A C     
598 O  O     . LYS A 77 ? 0.2712 0.3173 0.2066 0.0016  -0.0225 0.0079  107  LYS A O     
599 C  CB    . LYS A 77 ? 0.3084 0.3495 0.2439 0.0147  -0.0107 0.0054  107  LYS A CB    
600 C  CG    . LYS A 77 ? 0.3172 0.3678 0.2932 -0.0097 -0.0049 0.0072  107  LYS A CG    
601 C  CD    . LYS A 77 ? 0.3375 0.4153 0.3808 -0.0032 0.0359  -0.0036 107  LYS A CD    
602 C  CE    . LYS A 77 ? 0.3209 0.4118 0.3940 -0.0055 0.0493  0.0035  107  LYS A CE    
603 N  NZ    . LYS A 77 ? 0.3449 0.4648 0.4407 -0.0212 0.0591  -0.0064 107  LYS A NZ    
604 N  N     . LEU A 78 ? 0.2251 0.2724 0.1873 0.0196  -0.0109 0.0157  108  LEU A N     
605 C  CA    . LEU A 78 ? 0.1831 0.2349 0.1841 0.0218  -0.0080 0.0111  108  LEU A CA    
606 C  C     . LEU A 78 ? 0.1648 0.2221 0.1610 0.0120  -0.0002 -0.0049 108  LEU A C     
607 O  O     . LEU A 78 ? 0.1767 0.2132 0.1633 0.0076  0.0022  0.0117  108  LEU A O     
608 C  CB    . LEU A 78 ? 0.1876 0.2411 0.1727 0.0278  -0.0023 0.0133  108  LEU A CB    
609 C  CG    . LEU A 78 ? 0.1947 0.2541 0.2487 0.0343  0.0081  0.0173  108  LEU A CG    
610 C  CD1   . LEU A 78 ? 0.2145 0.2579 0.2677 0.0516  0.0121  0.0054  108  LEU A CD1   
611 C  CD2   . LEU A 78 ? 0.2185 0.2769 0.2999 0.0250  0.0362  0.0312  108  LEU A CD2   
612 N  N     . LYS A 79 ? 0.1477 0.2080 0.1688 0.0040  -0.0073 -0.0098 109  LYS A N     
613 C  CA    . LYS A 79 ? 0.1367 0.1987 0.1667 -0.0045 -0.0031 -0.0139 109  LYS A CA    
614 C  C     . LYS A 79 ? 0.1344 0.1972 0.1539 -0.0129 0.0053  -0.0096 109  LYS A C     
615 O  O     . LYS A 79 ? 0.1432 0.2446 0.1503 -0.0369 0.0022  -0.0122 109  LYS A O     
616 C  CB    . LYS A 79 ? 0.1388 0.1935 0.1931 0.0005  -0.0008 -0.0103 109  LYS A CB    
617 C  CG    . LYS A 79 ? 0.1629 0.2385 0.2124 0.0122  -0.0223 -0.0234 109  LYS A CG    
618 C  CD    . LYS A 79 ? 0.2123 0.2479 0.3238 0.0008  0.0012  -0.0165 109  LYS A CD    
619 C  CE    . LYS A 79 ? 0.3060 0.3278 0.3315 0.0139  -0.0069 -0.0430 109  LYS A CE    
620 N  NZ    . LYS A 79 ? 0.3499 0.3450 0.3623 -0.0019 0.0351  -0.0453 109  LYS A NZ    
621 N  N     . LEU A 80 ? 0.1180 0.1580 0.1471 0.0045  -0.0023 -0.0106 110  LEU A N     
622 C  CA    . LEU A 80 ? 0.1249 0.1401 0.1387 0.0067  0.0073  -0.0077 110  LEU A CA    
623 C  C     . LEU A 80 ? 0.1168 0.1377 0.1273 0.0065  0.0024  -0.0175 110  LEU A C     
624 O  O     . LEU A 80 ? 0.1205 0.1587 0.1285 0.0155  0.0036  -0.0240 110  LEU A O     
625 C  CB    . LEU A 80 ? 0.1334 0.1432 0.1352 0.0067  0.0184  0.0051  110  LEU A CB    
626 C  CG    . LEU A 80 ? 0.1484 0.1309 0.1159 0.0070  0.0611  0.0304  110  LEU A CG    
627 C  CD1   . LEU A 80 ? 0.1923 0.1452 0.1531 -0.0258 0.0434  0.0274  110  LEU A CD1   
628 C  CD2   . LEU A 80 ? 0.1689 0.1562 0.1194 0.0063  0.0721  0.0052  110  LEU A CD2   
629 N  N     . GLY A 81 ? 0.0969 0.1164 0.1244 0.0047  0.0043  -0.0164 111  GLY A N     
630 C  CA    . GLY A 81 ? 0.0966 0.1202 0.1394 0.0029  -0.0003 -0.0177 111  GLY A CA    
631 C  C     . GLY A 81 ? 0.0868 0.1146 0.1348 0.0022  0.0139  -0.0216 111  GLY A C     
632 O  O     . GLY A 81 ? 0.0881 0.1275 0.1551 0.0019  0.0208  -0.0347 111  GLY A O     
633 N  N     . PRO A 82 ? 0.0830 0.1242 0.1353 0.0018  0.0152  -0.0241 112  PRO A N     
634 C  CA    . PRO A 82 ? 0.0886 0.1248 0.1330 0.0053  0.0153  -0.0199 112  PRO A CA    
635 C  C     . PRO A 82 ? 0.1014 0.1074 0.1376 -0.0019 0.0104  -0.0140 112  PRO A C     
636 O  O     . PRO A 82 ? 0.1124 0.1146 0.1475 -0.0118 0.0207  -0.0249 112  PRO A O     
637 C  CB    . PRO A 82 ? 0.0980 0.1217 0.1344 0.0100  0.0144  -0.0191 112  PRO A CB    
638 C  CG    . PRO A 82 ? 0.0837 0.1282 0.1380 -0.0063 0.0211  -0.0092 112  PRO A CG    
639 C  CD    . PRO A 82 ? 0.0898 0.1197 0.1227 0.0067  0.0208  -0.0162 112  PRO A CD    
640 N  N     . ALA A 83 ? 0.1070 0.1120 0.1383 -0.0049 0.0155  -0.0136 113  ALA A N     
641 C  CA    . ALA A 83 ? 0.1252 0.1015 0.1342 -0.0086 0.0100  -0.0030 113  ALA A CA    
642 C  C     . ALA A 83 ? 0.1354 0.1149 0.1509 -0.0060 -0.0041 0.0011  113  ALA A C     
643 O  O     . ALA A 83 ? 0.1518 0.1283 0.1670 -0.0161 -0.0182 -0.0042 113  ALA A O     
644 C  CB    . ALA A 83 ? 0.1270 0.1146 0.1497 -0.0132 0.0174  -0.0176 113  ALA A CB    
645 N  N     . ILE A 84 ? 0.1464 0.1101 0.1535 -0.0009 -0.0077 -0.0007 114  ILE A N     
646 C  CA    . ILE A 84 ? 0.1672 0.1157 0.1421 0.0091  -0.0034 0.0010  114  ILE A CA    
647 C  C     . ILE A 84 ? 0.1735 0.1285 0.1525 0.0027  -0.0072 0.0075  114  ILE A C     
648 O  O     . ILE A 84 ? 0.1750 0.1396 0.1496 -0.0159 -0.0028 -0.0057 114  ILE A O     
649 C  CB    . ILE A 84 ? 0.1682 0.1160 0.1425 0.0203  0.0110  0.0095  114  ILE A CB    
650 C  CG1   . ILE A 84 ? 0.1748 0.1301 0.1173 0.0135  0.0078  0.0068  114  ILE A CG1   
651 C  CG2   . ILE A 84 ? 0.1767 0.1279 0.1835 0.0192  0.0141  0.0334  114  ILE A CG2   
652 C  CD1   . ILE A 84 ? 0.1714 0.1318 0.1932 0.0364  -0.0040 -0.0199 114  ILE A CD1   
653 N  N     . ARG A 85 ? 0.2064 0.1349 0.1562 0.0103  -0.0083 -0.0001 115  ARG A N     
654 C  CA    . ARG A 85 ? 0.2159 0.1539 0.1786 0.0072  -0.0047 0.0100  115  ARG A CA    
655 C  C     . ARG A 85 ? 0.2152 0.1690 0.2021 0.0233  -0.0088 0.0195  115  ARG A C     
656 O  O     . ARG A 85 ? 0.2192 0.1824 0.2138 0.0182  -0.0213 0.0269  115  ARG A O     
657 C  CB    . ARG A 85 ? 0.2380 0.1680 0.1806 0.0120  -0.0036 0.0041  115  ARG A CB    
658 C  CG    . ARG A 85 ? 0.2466 0.1886 0.2020 0.0260  -0.0003 -0.0040 115  ARG A CG    
659 C  CD    . ARG A 85 ? 0.2806 0.2457 0.2264 0.0169  -0.0078 -0.0446 115  ARG A CD    
660 N  NE    . ARG A 85 ? 0.2867 0.2616 0.2456 0.0277  0.0086  -0.0353 115  ARG A NE    
661 C  CZ    . ARG A 85 ? 0.2887 0.2929 0.2708 0.0378  0.0045  -0.0334 115  ARG A CZ    
662 N  NH1   . ARG A 85 ? 0.2948 0.3111 0.2801 0.0214  0.0092  -0.0205 115  ARG A NH1   
663 N  NH2   . ARG A 85 ? 0.3183 0.3255 0.2282 0.0705  0.0099  -0.0103 115  ARG A NH2   
664 N  N     . LYS A 86 ? 0.2361 0.1810 0.2205 0.0094  0.0023  0.0223  116  LYS A N     
665 C  CA    . LYS A 86 ? 0.2836 0.1976 0.2543 0.0193  0.0130  0.0342  116  LYS A CA    
666 C  C     . LYS A 86 ? 0.3227 0.2447 0.2634 0.0153  0.0178  0.0409  116  LYS A C     
667 O  O     . LYS A 86 ? 0.3264 0.2466 0.2832 0.0228  0.0264  0.0477  116  LYS A O     
668 C  CB    . LYS A 86 ? 0.2864 0.1990 0.2463 0.0126  0.0171  0.0353  116  LYS A CB    
669 C  CG    . LYS A 86 ? 0.3314 0.2263 0.2462 -0.0024 0.0074  0.0311  116  LYS A CG    
670 C  CD    . LYS A 86 ? 0.3984 0.2635 0.3164 -0.0240 -0.0088 -0.0101 116  LYS A CD    
671 C  CE    . LYS A 86 ? 0.4136 0.2819 0.3316 -0.0227 -0.0096 0.0063  116  LYS A CE    
672 N  NZ    . LYS A 86 ? 0.3970 0.2882 0.3132 -0.0328 -0.0123 -0.0024 116  LYS A NZ    
673 N  N     . GLN A 87 ? 0.3462 0.2857 0.3151 0.0335  0.0083  0.0425  117  GLN A N     
674 C  CA    . GLN A 87 ? 0.4001 0.3339 0.3262 0.0289  0.0025  0.0363  117  GLN A CA    
675 C  C     . GLN A 87 ? 0.4134 0.3355 0.3445 0.0318  0.0008  0.0338  117  GLN A C     
676 O  O     . GLN A 87 ? 0.4391 0.3516 0.3530 0.0276  -0.0029 0.0272  117  GLN A O     
677 C  CB    . GLN A 87 ? 0.3995 0.3653 0.3468 0.0238  0.0000  0.0363  117  GLN A CB    
678 C  CG    . GLN A 87 ? 0.4556 0.3776 0.4113 0.0374  0.0091  0.0295  117  GLN A CG    
679 C  CD    . GLN A 87 ? 0.4656 0.4729 0.4706 0.0215  -0.0125 0.0300  117  GLN A CD    
680 O  OE1   . GLN A 87 ? 0.4916 0.5098 0.5018 0.0355  0.0185  0.0446  117  GLN A OE1   
681 N  NE2   . GLN A 87 ? 0.4931 0.5076 0.4715 0.0399  -0.0013 0.0244  117  GLN A NE2   
682 O  "O3'" . U   B 2  ? 0.2997 0.3460 0.5118 -0.0550 -0.0792 -0.0683 2    U   B "O3'" 
683 P  P     . G   B 3  ? 0.3096 0.3672 0.5260 -0.1108 -0.0570 -0.0962 3    G   B P     
684 O  OP1   . G   B 3  ? 0.3199 0.3587 0.5489 -0.0952 -0.0180 -0.0870 3    G   B OP1   
685 O  OP2   . G   B 3  ? 0.3030 0.3898 0.5179 -0.0926 -0.0422 -0.0973 3    G   B OP2   
686 O  "O5'" . G   B 3  ? 0.2424 0.2689 0.3740 -0.0487 -0.0321 -0.0853 3    G   B "O5'" 
687 C  "C5'" . G   B 3  ? 0.1945 0.2390 0.3129 -0.0316 -0.0122 -0.0461 3    G   B "C5'" 
688 C  "C4'" . G   B 3  ? 0.1836 0.1781 0.1889 -0.0202 0.0199  -0.0185 3    G   B "C4'" 
689 O  "O4'" . G   B 3  ? 0.1834 0.1555 0.1829 0.0021  0.0251  -0.0204 3    G   B "O4'" 
690 C  "C3'" . G   B 3  ? 0.1805 0.1576 0.1463 -0.0349 0.0202  -0.0185 3    G   B "C3'" 
691 O  "O3'" . G   B 3  ? 0.1754 0.1421 0.1918 -0.0470 0.0042  -0.0373 3    G   B "O3'" 
692 C  "C2'" . G   B 3  ? 0.1949 0.1273 0.1287 -0.0167 0.0082  -0.0293 3    G   B "C2'" 
693 O  "O2'" . G   B 3  ? 0.1996 0.1340 0.1623 -0.0061 -0.0149 -0.0146 3    G   B "O2'" 
694 C  "C1'" . G   B 3  ? 0.1635 0.1302 0.1632 -0.0180 0.0180  -0.0227 3    G   B "C1'" 
695 N  N9    . G   B 3  ? 0.1674 0.1206 0.1578 -0.0173 0.0023  -0.0276 3    G   B N9    
696 C  C8    . G   B 3  ? 0.1646 0.1590 0.1686 -0.0267 0.0072  -0.0473 3    G   B C8    
697 N  N7    . G   B 3  ? 0.1459 0.1347 0.1961 -0.0128 0.0235  -0.0324 3    G   B N7    
698 C  C5    . G   B 3  ? 0.1488 0.1242 0.1716 -0.0010 0.0146  -0.0402 3    G   B C5    
699 C  C6    . G   B 3  ? 0.1515 0.1342 0.1420 0.0079  0.0059  -0.0292 3    G   B C6    
700 O  O6    . G   B 3  ? 0.1803 0.1757 0.1488 -0.0244 0.0252  0.0015  3    G   B O6    
701 N  N1    . G   B 3  ? 0.1133 0.1760 0.1254 0.0193  0.0050  -0.0293 3    G   B N1    
702 C  C2    . G   B 3  ? 0.1136 0.1228 0.1210 0.0060  0.0142  -0.0175 3    G   B C2    
703 N  N2    . G   B 3  ? 0.1099 0.1761 0.1308 0.0007  0.0008  -0.0266 3    G   B N2    
704 N  N3    . G   B 3  ? 0.1164 0.1304 0.1595 -0.0048 0.0258  -0.0229 3    G   B N3    
705 C  C4    . G   B 3  ? 0.1417 0.1049 0.1646 0.0044  0.0157  -0.0312 3    G   B C4    
706 P  P     . U   B 4  ? 0.2120 0.1541 0.2147 -0.0353 0.0010  -0.0301 4    U   B P     
707 O  OP1   . U   B 4  ? 0.2486 0.1779 0.2818 -0.0765 -0.0145 -0.0090 4    U   B OP1   
708 O  OP2   . U   B 4  ? 0.2643 0.1553 0.2342 0.0116  0.0066  -0.0730 4    U   B OP2   
709 O  "O5'" . U   B 4  ? 0.1748 0.1508 0.2076 -0.0327 0.0076  -0.0276 4    U   B "O5'" 
710 C  "C5'" . U   B 4  ? 0.1750 0.1536 0.2139 -0.0338 0.0173  -0.0261 4    U   B "C5'" 
711 C  "C4'" . U   B 4  ? 0.1492 0.1289 0.1922 -0.0258 -0.0066 0.0106  4    U   B "C4'" 
712 O  "O4'" . U   B 4  ? 0.1099 0.1500 0.1763 -0.0031 0.0349  -0.0008 4    U   B "O4'" 
713 C  "C3'" . U   B 4  ? 0.1572 0.1408 0.1632 -0.0168 0.0004  0.0095  4    U   B "C3'" 
714 O  "O3'" . U   B 4  ? 0.1652 0.1131 0.1671 -0.0003 -0.0016 0.0104  4    U   B "O3'" 
715 C  "C2'" . U   B 4  ? 0.1417 0.1030 0.1751 -0.0200 -0.0057 0.0066  4    U   B "C2'" 
716 O  "O2'" . U   B 4  ? 0.1389 0.1484 0.1491 -0.0030 0.0045  -0.0062 4    U   B "O2'" 
717 C  "C1'" . U   B 4  ? 0.1099 0.1285 0.1527 -0.0034 0.0178  0.0217  4    U   B "C1'" 
718 N  N1    . U   B 4  ? 0.1260 0.1116 0.1388 -0.0085 0.0183  0.0036  4    U   B N1    
719 C  C2    . U   B 4  ? 0.1130 0.1125 0.1530 -0.0043 0.0117  -0.0084 4    U   B C2    
720 O  O2    . U   B 4  ? 0.1141 0.1267 0.1609 -0.0222 0.0166  -0.0176 4    U   B O2    
721 N  N3    . U   B 4  ? 0.0980 0.1077 0.1621 0.0194  0.0332  -0.0262 4    U   B N3    
722 C  C4    . U   B 4  ? 0.0991 0.1067 0.1637 -0.0028 0.0456  -0.0238 4    U   B C4    
723 O  O4    . U   B 4  ? 0.1206 0.1068 0.1372 -0.0033 0.0184  -0.0138 4    U   B O4    
724 C  C5    . U   B 4  ? 0.1330 0.0916 0.1408 -0.0104 0.0408  -0.0158 4    U   B C5    
725 C  C6    . U   B 4  ? 0.1226 0.1047 0.1357 0.0215  0.0393  -0.0069 4    U   B C6    
726 P  P     . U   B 5  ? 0.1997 0.1565 0.1832 -0.0026 0.0068  0.0253  5    U   B P     
727 O  OP1   . U   B 5  ? 0.2621 0.1746 0.2136 -0.0431 0.0273  0.0167  5    U   B OP1   
728 O  OP2   . U   B 5  ? 0.1870 0.1750 0.2058 0.0021  0.0047  0.0019  5    U   B OP2   
729 O  "O5'" . U   B 5  ? 0.1846 0.1805 0.1719 -0.0059 0.0091  0.0243  5    U   B "O5'" 
730 C  "C5'" . U   B 5  ? 0.1730 0.2408 0.1783 -0.0079 0.0215  0.0244  5    U   B "C5'" 
731 C  "C4'" . U   B 5  ? 0.1860 0.2180 0.1767 -0.0222 0.0451  0.0332  5    U   B "C4'" 
732 O  "O4'" . U   B 5  ? 0.2068 0.2011 0.1680 -0.0067 0.0200  0.0378  5    U   B "O4'" 
733 C  "C3'" . U   B 5  ? 0.1990 0.2539 0.1827 -0.0125 0.0705  0.0168  5    U   B "C3'" 
734 O  "O3'" . U   B 5  ? 0.2130 0.2885 0.2405 0.0044  0.0794  0.0245  5    U   B "O3'" 
735 C  "C2'" . U   B 5  ? 0.1986 0.2284 0.2020 -0.0091 0.0736  0.0335  5    U   B "C2'" 
736 O  "O2'" . U   B 5  ? 0.1901 0.2627 0.2000 -0.0139 0.0559  0.0203  5    U   B "O2'" 
737 C  "C1'" . U   B 5  ? 0.1772 0.2418 0.1678 -0.0236 0.0479  0.0201  5    U   B "C1'" 
738 N  N1    . U   B 5  ? 0.1494 0.2087 0.1786 0.0062  0.0449  0.0263  5    U   B N1    
739 C  C2    . U   B 5  ? 0.1704 0.2141 0.1748 -0.0195 0.0557  -0.0046 5    U   B C2    
740 O  O2    . U   B 5  ? 0.1647 0.2578 0.2491 -0.0054 0.0555  -0.0109 5    U   B O2    
741 N  N3    . U   B 5  ? 0.1352 0.2508 0.1688 -0.0020 0.0361  0.0125  5    U   B N3    
742 C  C4    . U   B 5  ? 0.1647 0.2110 0.1693 -0.0038 0.0574  0.0184  5    U   B C4    
743 O  O4    . U   B 5  ? 0.1670 0.2523 0.2107 -0.0257 0.0374  0.0243  5    U   B O4    
744 C  C5    . U   B 5  ? 0.1797 0.1975 0.1500 -0.0080 0.0565  0.0726  5    U   B C5    
745 C  C6    . U   B 5  ? 0.1596 0.1974 0.1954 0.0052  0.0563  0.0238  5    U   B C6    
746 P  P     . U   B 6  ? 0.2458 0.3309 0.2491 -0.0237 0.0807  0.0339  6    U   B P     
747 O  OP1   . U   B 6  ? 0.2502 0.3761 0.2930 0.0061  0.0693  0.0533  6    U   B OP1   
748 O  OP2   . U   B 6  ? 0.3096 0.3372 0.2799 -0.0463 0.0730  0.0224  6    U   B OP2   
749 O  "O5'" . U   B 6  ? 0.2860 0.3417 0.2290 -0.0427 0.0798  0.0248  6    U   B "O5'" 
750 C  "C5'" . U   B 6  ? 0.3170 0.3508 0.2664 -0.0479 0.0781  0.0431  6    U   B "C5'" 
751 C  "C4'" . U   B 6  ? 0.3709 0.3725 0.2774 -0.0230 0.0376  0.0077  6    U   B "C4'" 
752 O  "O4'" . U   B 6  ? 0.3821 0.3699 0.2913 -0.0078 0.0419  -0.0062 6    U   B "O4'" 
753 C  "C3'" . U   B 6  ? 0.3793 0.3795 0.3105 -0.0118 0.0349  0.0082  6    U   B "C3'" 
754 O  "O3'" . U   B 6  ? 0.4261 0.4074 0.3412 -0.0042 0.0299  0.0335  6    U   B "O3'" 
755 C  "C2'" . U   B 6  ? 0.3709 0.3699 0.2932 -0.0055 0.0385  0.0114  6    U   B "C2'" 
756 O  "O2'" . U   B 6  ? 0.3820 0.3657 0.2865 -0.0018 0.0257  0.0142  6    U   B "O2'" 
757 C  "C1'" . U   B 6  ? 0.3859 0.3523 0.2855 -0.0242 0.0286  0.0031  6    U   B "C1'" 
758 N  N1    . U   B 6  ? 0.4123 0.3419 0.2758 -0.0256 0.0188  0.0258  6    U   B N1    
759 C  C2    . U   B 6  ? 0.4294 0.3467 0.2980 -0.0406 0.0022  0.0152  6    U   B C2    
760 O  O2    . U   B 6  ? 0.4609 0.3568 0.3049 -0.0419 -0.0104 0.0223  6    U   B O2    
761 N  N3    . U   B 6  ? 0.4290 0.3416 0.3212 -0.0392 -0.0039 0.0283  6    U   B N3    
762 C  C4    . U   B 6  ? 0.4287 0.3451 0.3200 -0.0397 -0.0135 0.0297  6    U   B C4    
763 O  O4    . U   B 6  ? 0.4065 0.3588 0.3554 -0.0505 -0.0333 0.0212  6    U   B O4    
764 C  C5    . U   B 6  ? 0.4236 0.3462 0.3102 -0.0323 0.0012  0.0243  6    U   B C5    
765 C  C6    . U   B 6  ? 0.4189 0.3506 0.2788 -0.0395 0.0057  0.0327  6    U   B C6    
766 ZN ZN    . ZN  C .  ? 0.1533 0.2697 0.1752 0.0507  -0.0122 0.0243  1118 ZN  A ZN    
767 O  O     . HOH D .  ? 0.4842 0.2927 0.4545 0.0281  -0.0806 -0.0785 2001 HOH A O     
768 O  O     . HOH D .  ? 0.4556 0.5024 0.8026 -0.2544 -0.0552 0.1256  2002 HOH A O     
769 O  O     . HOH D .  ? 0.2358 0.3312 0.4604 0.0489  -0.1277 -0.0176 2003 HOH A O     
770 O  O     . HOH D .  ? 0.2905 0.2660 0.5517 -0.0704 -0.0676 -0.0155 2004 HOH A O     
771 O  O     . HOH D .  ? 0.2706 1.0067 0.3271 0.0256  0.0601  0.1727  2005 HOH A O     
772 O  O     . HOH D .  ? 0.1589 0.3647 0.2874 0.0109  0.0501  0.0217  2006 HOH A O     
773 O  O     . HOH D .  ? 0.1713 0.6581 0.6604 0.0388  -0.0953 -0.3533 2007 HOH A O     
774 O  O     . HOH D .  ? 0.4503 0.3598 0.3299 0.0982  -0.0526 -0.0244 2008 HOH A O     
775 O  O     . HOH D .  ? 0.1127 0.1214 0.1356 -0.0330 0.0195  -0.0437 2009 HOH A O     
776 O  O     . HOH D .  ? 0.5764 0.4179 0.8920 -0.1890 -0.3179 0.2343  2010 HOH A O     
777 O  O     . HOH D .  ? 0.8915 0.4868 0.4642 0.1368  -0.1889 -0.0271 2011 HOH A O     
778 O  O     . HOH D .  ? 0.2505 0.3461 0.4161 0.0552  -0.0579 0.0815  2012 HOH A O     
779 O  O     . HOH D .  ? 0.4631 0.5488 0.5292 0.0112  0.1089  -0.0711 2013 HOH A O     
780 O  O     . HOH D .  ? 0.3009 0.3396 0.3558 -0.0541 0.0451  -0.0403 2014 HOH A O     
781 O  O     . HOH D .  ? 0.4101 0.3669 0.7395 -0.0049 -0.1754 0.1985  2015 HOH A O     
782 O  O     . HOH D .  ? 0.3515 0.4786 0.5250 -0.0170 -0.0679 0.1635  2016 HOH A O     
783 O  O     . HOH D .  ? 0.1630 0.1942 0.4598 0.0194  0.0415  0.0485  2017 HOH A O     
784 O  O     . HOH D .  ? 0.4106 0.3359 0.6019 -0.1486 -0.1750 -0.0392 2018 HOH A O     
785 O  O     . HOH D .  ? 0.3718 0.9355 1.5128 -0.2452 0.0385  -0.0679 2019 HOH A O     
786 O  O     . HOH D .  ? 0.3777 0.3903 0.3300 0.0832  -0.0186 0.0820  2020 HOH A O     
787 O  O     . HOH D .  ? 0.4684 0.7782 0.3111 0.2348  0.0484  0.2374  2021 HOH A O     
788 O  O     . HOH D .  ? 0.1962 0.4414 0.4341 -0.0450 0.0379  0.0818  2022 HOH A O     
789 O  O     . HOH D .  ? 0.3327 0.3604 0.3712 0.0764  -0.0113 -0.0214 2023 HOH A O     
790 O  O     . HOH D .  ? 0.2521 0.5468 0.3108 0.0003  -0.0390 0.2367  2024 HOH A O     
791 O  O     . HOH D .  ? 0.2035 0.2939 0.2724 0.0366  -0.0793 0.0302  2025 HOH A O     
792 O  O     . HOH D .  ? 0.2699 0.7098 0.5053 0.1153  0.1153  -0.0577 2026 HOH A O     
793 O  O     . HOH D .  ? 1.0685 0.5794 0.2330 0.1539  0.0841  -0.0015 2027 HOH A O     
794 O  O     . HOH D .  ? 0.2394 0.3302 0.6362 -0.0376 -0.0376 0.1301  2028 HOH A O     
795 O  O     . HOH D .  ? 0.2804 0.2040 0.4071 -0.0235 -0.0211 0.0348  2029 HOH A O     
796 O  O     . HOH D .  ? 0.3930 0.3006 0.5255 -0.0392 -0.0825 0.0055  2030 HOH A O     
797 O  O     . HOH D .  ? 0.1359 0.1028 0.2141 0.0158  0.0167  -0.0300 2031 HOH A O     
798 O  O     . HOH D .  ? 0.1195 0.1653 0.3702 -0.0006 0.0489  0.0725  2032 HOH A O     
799 O  O     . HOH D .  ? 0.3868 0.4104 0.3200 -0.1166 0.0903  0.0336  2033 HOH A O     
800 O  O     . HOH D .  ? 0.5162 0.6264 0.6581 0.3255  0.2450  0.1825  2034 HOH A O     
801 O  O     . HOH D .  ? 0.3685 0.2792 0.2876 -0.0447 0.0530  -0.0257 2035 HOH A O     
802 O  O     . HOH D .  ? 0.3333 0.2378 0.5581 0.0220  0.1255  -0.1617 2036 HOH A O     
803 O  O     . HOH D .  ? 0.4000 0.2193 0.8625 0.0889  -0.1988 -0.1879 2037 HOH A O     
804 O  O     . HOH D .  ? 0.3791 0.3948 0.6966 0.0568  0.1254  -0.2657 2038 HOH A O     
805 O  O     . HOH D .  ? 0.4507 0.4803 0.3549 0.0283  -0.0137 0.0986  2039 HOH A O     
806 O  O     . HOH D .  ? 1.0851 0.4258 0.4580 -0.2416 0.1045  -0.1116 2040 HOH A O     
807 O  O     . HOH D .  ? 0.1899 0.6328 0.1864 0.0212  0.0413  0.0208  2041 HOH A O     
808 O  O     . HOH D .  ? 0.8112 0.4289 0.3705 -0.0818 0.0912  0.2753  2042 HOH A O     
809 O  O     . HOH D .  ? 0.4553 0.3659 0.3765 0.1836  0.2281  -0.0331 2043 HOH A O     
810 O  O     . HOH D .  ? 0.2914 0.5922 0.2844 0.2178  0.0793  0.0705  2044 HOH A O     
811 O  O     . HOH D .  ? 0.5007 0.3465 0.3970 0.1074  0.2159  -0.0177 2045 HOH A O     
812 O  O     . HOH D .  ? 0.2783 0.6216 0.2383 0.0455  0.0420  -0.1047 2046 HOH A O     
813 O  O     . HOH D .  ? 0.3008 0.2780 0.3772 -0.0100 0.0610  -0.1195 2047 HOH A O     
814 O  O     . HOH D .  ? 0.3747 0.3962 0.3051 0.0705  -0.0362 0.1615  2048 HOH A O     
815 O  O     . HOH D .  ? 0.6710 0.2794 0.5190 -0.0056 0.0522  0.2218  2049 HOH A O     
816 O  O     . HOH D .  ? 0.4106 0.4068 0.8358 -0.0727 -0.0787 -0.1976 2050 HOH A O     
817 O  O     . HOH D .  ? 0.1954 0.3118 0.4965 -0.0481 0.0583  -0.0722 2051 HOH A O     
818 O  O     . HOH D .  ? 0.5383 0.6873 0.5636 0.0692  0.2935  0.2636  2052 HOH A O     
819 O  O     . HOH D .  ? 0.4269 0.4428 0.5051 -0.0155 -0.0252 -0.0359 2053 HOH A O     
820 O  O     . HOH D .  ? 0.1922 0.4893 1.0237 0.1023  -0.0038 0.1182  2054 HOH A O     
821 O  O     . HOH D .  ? 0.2775 0.6408 0.4372 0.0419  0.1268  0.0232  2055 HOH A O     
822 O  O     . HOH D .  ? 0.7468 0.5294 0.2943 -0.4349 0.2409  -0.0637 2056 HOH A O     
823 O  O     . HOH D .  ? 0.3981 0.1665 0.5059 -0.0414 -0.1335 0.1345  2057 HOH A O     
824 O  O     . HOH D .  ? 0.5792 0.4132 0.2140 -0.2310 -0.0170 0.1146  2058 HOH A O     
825 O  O     . HOH D .  ? 0.3259 0.2392 0.3098 -0.0247 0.0181  0.0138  2059 HOH A O     
826 O  O     . HOH D .  ? 0.1666 0.2410 0.2830 -0.0031 0.0443  -0.0686 2060 HOH A O     
827 O  O     . HOH D .  ? 0.3145 1.1297 0.3552 -0.1140 0.0487  0.2934  2061 HOH A O     
828 O  O     . HOH D .  ? 0.8031 0.3159 0.3898 0.2520  -0.1292 -0.0293 2062 HOH A O     
829 O  O     . HOH D .  ? 0.1605 0.1783 0.3433 -0.0064 -0.0318 0.0521  2063 HOH A O     
830 O  O     . HOH D .  ? 0.2828 0.1273 0.2049 0.0366  0.0156  -0.0177 2064 HOH A O     
831 O  O     . HOH D .  ? 0.3363 0.2460 0.5145 0.0912  0.1949  -0.0820 2065 HOH A O     
832 O  O     . HOH D .  ? 0.2335 0.2292 0.4117 -0.0057 0.0059  -0.0078 2066 HOH A O     
833 O  O     . HOH D .  ? 0.4219 0.2502 0.6299 -0.0387 0.3349  -0.0554 2067 HOH A O     
834 O  O     . HOH D .  ? 0.2516 0.2832 0.4899 0.0212  0.0539  -0.1286 2068 HOH A O     
835 O  O     . HOH D .  ? 0.1811 0.2481 0.2761 0.0061  -0.0304 -0.0649 2069 HOH A O     
836 O  O     . HOH D .  ? 0.2746 0.3194 0.3395 -0.0720 -0.0129 -0.0434 2070 HOH A O     
837 O  O     . HOH D .  ? 0.5634 0.3705 0.5248 -0.0462 0.2326  -0.1959 2071 HOH A O     
838 O  O     . HOH D .  ? 0.6121 0.5797 0.3645 0.1830  -0.0490 -0.1916 2072 HOH A O     
839 O  O     . HOH D .  ? 0.3668 0.2033 0.4384 -0.0137 0.0388  -0.0273 2073 HOH A O     
840 O  O     . HOH D .  ? 0.1737 0.1392 0.2549 -0.0278 0.0275  -0.0489 2074 HOH A O     
841 O  O     . HOH D .  ? 0.5382 0.4469 0.4904 0.0805  0.0385  0.0548  2075 HOH A O     
842 O  O     . HOH D .  ? 0.2730 0.4076 0.7289 -0.0012 -0.2569 0.0815  2076 HOH A O     
843 O  O     . HOH D .  ? 0.3405 0.2610 0.3516 0.0813  0.0052  0.0441  2077 HOH A O     
844 O  O     . HOH D .  ? 0.3237 0.9820 0.3291 0.0417  0.0032  0.2050  2078 HOH A O     
845 O  O     . HOH D .  ? 0.8427 0.3580 0.3411 0.1929  0.0560  -0.0302 2079 HOH A O     
846 O  O     . HOH D .  ? 0.2451 0.2215 0.2723 -0.0499 -0.0353 0.0647  2080 HOH A O     
847 O  O     . HOH D .  ? 0.1291 0.1521 0.1363 0.0210  0.0330  -0.0196 2081 HOH A O     
848 O  O     . HOH D .  ? 0.3782 0.2656 1.0491 0.0374  0.0142  0.2143  2082 HOH A O     
849 O  O     . HOH D .  ? 0.5689 0.4155 0.4165 -0.1440 0.2753  -0.1279 2083 HOH A O     
850 O  O     . HOH D .  ? 0.7489 0.5076 0.7725 0.3129  0.1501  0.0760  2084 HOH A O     
851 O  O     . HOH D .  ? 0.5338 0.4428 0.7921 0.2193  0.1830  0.1028  2085 HOH A O     
852 O  O     . HOH D .  ? 0.1663 0.2500 0.1364 0.0859  -0.0351 0.0049  2086 HOH A O     
853 O  O     . HOH E .  ? 0.2598 0.2889 0.3697 0.0169  0.0304  -0.0833 2001 HOH B O     
854 O  O     . HOH E .  ? 0.4640 0.2618 0.3105 -0.1203 -0.0350 0.0508  2002 HOH B O     
855 O  O     . HOH E .  ? 0.2890 0.1567 0.3983 0.0528  -0.1455 -0.1142 2003 HOH B O     
856 O  O     . HOH E .  ? 0.4959 0.3833 0.6276 0.0346  0.1781  -0.1596 2004 HOH B O     
857 O  O     . HOH E .  ? 0.2788 0.8504 0.3929 -0.3102 0.0641  -0.2798 2005 HOH B O     
858 O  O     . HOH E .  ? 0.1955 0.1555 0.2699 -0.0449 -0.0236 0.0020  2006 HOH B O     
859 O  O     . HOH E .  ? 0.2720 0.2937 0.4313 0.0308  -0.0276 -0.0485 2007 HOH B O     
860 O  O     . HOH E .  ? 0.1861 0.2252 0.2166 0.0260  -0.0346 -0.0388 2008 HOH B O     
861 O  O     . HOH E .  ? 0.2346 0.3149 0.2609 -0.0122 -0.0193 -0.0557 2009 HOH B O     
862 O  O     . HOH E .  ? 1.0337 0.2653 0.2904 -0.1704 0.0152  0.0895  2010 HOH B O     
863 O  O     . HOH E .  ? 0.5001 0.4907 0.3211 0.2828  -0.0076 -0.0330 2011 HOH B O     
864 O  O     . HOH E .  ? 0.3714 0.8736 0.2890 -0.3096 -0.0113 0.1053  2012 HOH B O     
865 O  O     . HOH E .  ? 0.4690 0.4729 0.3032 -0.0345 0.0538  -0.1171 2013 HOH B O     
866 O  O     . HOH E .  ? 0.3976 0.9685 0.3120 -0.2066 -0.0048 -0.0448 2014 HOH B O     
867 O  O     . HOH E .  ? 0.4141 0.6256 0.4616 0.2564  0.0916  0.0161  2015 HOH B O     
868 O  O     . HOH E .  ? 0.5614 0.6833 0.3406 -0.2491 -0.1123 -0.0184 2016 HOH B O     
869 O  O     . HOH E .  ? 0.2895 0.3007 0.2787 0.0501  -0.0667 -0.0337 2017 HOH B O     
# 
loop_
_pdbx_poly_seq_scheme.asym_id 
_pdbx_poly_seq_scheme.entity_id 
_pdbx_poly_seq_scheme.seq_id 
_pdbx_poly_seq_scheme.mon_id 
_pdbx_poly_seq_scheme.ndb_seq_num 
_pdbx_poly_seq_scheme.pdb_seq_num 
_pdbx_poly_seq_scheme.auth_seq_num 
_pdbx_poly_seq_scheme.pdb_mon_id 
_pdbx_poly_seq_scheme.auth_mon_id 
_pdbx_poly_seq_scheme.pdb_strand_id 
_pdbx_poly_seq_scheme.pdb_ins_code 
_pdbx_poly_seq_scheme.hetero 
A 1 1  SER 1  31  ?   ?   ?   A . n 
A 1 2  LEU 2  32  32  LEU LEU A . n 
A 1 3  PRO 3  33  33  PRO PRO A . n 
A 1 4  GLU 4  34  34  GLU GLU A . n 
A 1 5  GLY 5  35  35  GLY GLY A . n 
A 1 6  LYS 6  36  36  LYS LYS A . n 
A 1 7  ILE 7  37  37  ILE ILE A . n 
A 1 8  MET 8  38  38  MET MET A . n 
A 1 9  PRO 9  39  39  PRO PRO A . n 
A 1 10 ASN 10 40  40  ASN ASN A . n 
A 1 11 THR 11 41  41  THR THR A . n 
A 1 12 VAL 12 42  42  VAL VAL A . n 
A 1 13 PHE 13 43  43  PHE PHE A . n 
A 1 14 VAL 14 44  44  VAL VAL A . n 
A 1 15 GLY 15 45  45  GLY GLY A . n 
A 1 16 GLY 16 46  46  GLY GLY A . n 
A 1 17 ILE 17 47  47  ILE ILE A . n 
A 1 18 ASP 18 48  48  ASP ASP A . n 
A 1 19 VAL 19 49  49  VAL VAL A . n 
A 1 20 ARG 20 50  50  ARG ARG A . n 
A 1 21 MET 21 51  51  MET MET A . n 
A 1 22 ASP 22 52  52  ASP ASP A . n 
A 1 23 GLU 23 53  53  GLU GLU A . n 
A 1 24 THR 24 54  54  THR THR A . n 
A 1 25 GLU 25 55  55  GLU GLU A . n 
A 1 26 ILE 26 56  56  ILE ILE A . n 
A 1 27 ARG 27 57  57  ARG ARG A . n 
A 1 28 SER 28 58  58  SER SER A . n 
A 1 29 PHE 29 59  59  PHE PHE A . n 
A 1 30 PHE 30 60  60  PHE PHE A . n 
A 1 31 ALA 31 61  61  ALA ALA A . n 
A 1 32 ARG 32 62  62  ARG ARG A . n 
A 1 33 TYR 33 63  63  TYR TYR A . n 
A 1 34 GLY 34 64  64  GLY GLY A . n 
A 1 35 SER 35 65  65  SER SER A . n 
A 1 36 VAL 36 66  66  VAL VAL A . n 
A 1 37 LYS 37 67  67  LYS LYS A . n 
A 1 38 GLU 38 68  68  GLU GLU A . n 
A 1 39 VAL 39 69  69  VAL VAL A . n 
A 1 40 LYS 40 70  70  LYS LYS A . n 
A 1 41 ILE 41 71  71  ILE ILE A . n 
A 1 42 ILE 42 72  72  ILE ILE A . n 
A 1 43 THR 43 73  73  THR THR A . n 
A 1 44 ASP 44 74  74  ASP ASP A . n 
A 1 45 ARG 45 75  75  ARG ARG A . n 
A 1 46 THR 46 76  76  THR THR A . n 
A 1 47 GLY 47 77  77  GLY GLY A . n 
A 1 48 VAL 48 78  78  VAL VAL A . n 
A 1 49 SER 49 79  79  SER SER A . n 
A 1 50 LYS 50 80  80  LYS LYS A . n 
A 1 51 GLY 51 81  81  GLY GLY A . n 
A 1 52 TYR 52 82  82  TYR TYR A . n 
A 1 53 GLY 53 83  83  GLY GLY A . n 
A 1 54 PHE 54 84  84  PHE PHE A . n 
A 1 55 VAL 55 85  85  VAL VAL A . n 
A 1 56 SER 56 86  86  SER SER A . n 
A 1 57 PHE 57 87  87  PHE PHE A . n 
A 1 58 TYR 58 88  88  TYR TYR A . n 
A 1 59 ASN 59 89  89  ASN ASN A . n 
A 1 60 ASP 60 90  90  ASP ASP A . n 
A 1 61 VAL 61 91  91  VAL VAL A . n 
A 1 62 ASP 62 92  92  ASP ASP A . n 
A 1 63 VAL 63 93  93  VAL VAL A . n 
A 1 64 GLN 64 94  94  GLN GLN A . n 
A 1 65 LYS 65 95  95  LYS LYS A . n 
A 1 66 ILE 66 96  96  ILE ILE A . n 
A 1 67 VAL 67 97  97  VAL VAL A . n 
A 1 68 GLU 68 98  98  GLU GLU A . n 
A 1 69 SER 69 99  99  SER SER A . n 
A 1 70 GLN 70 100 100 GLN GLN A . n 
A 1 71 ILE 71 101 101 ILE ILE A . n 
A 1 72 ASN 72 102 102 ASN ASN A . n 
A 1 73 PHE 73 103 103 PHE PHE A . n 
A 1 74 HIS 74 104 104 HIS HIS A . n 
A 1 75 GLY 75 105 105 GLY GLY A . n 
A 1 76 LYS 76 106 106 LYS LYS A . n 
A 1 77 LYS 77 107 107 LYS LYS A . n 
A 1 78 LEU 78 108 108 LEU LEU A . n 
A 1 79 LYS 79 109 109 LYS LYS A . n 
A 1 80 LEU 80 110 110 LEU LEU A . n 
A 1 81 GLY 81 111 111 GLY GLY A . n 
A 1 82 PRO 82 112 112 PRO PRO A . n 
A 1 83 ALA 83 113 113 ALA ALA A . n 
A 1 84 ILE 84 114 114 ILE ILE A . n 
A 1 85 ARG 85 115 115 ARG ARG A . n 
A 1 86 LYS 86 116 116 LYS LYS A . n 
A 1 87 GLN 87 117 117 GLN GLN A . n 
B 2 1  U   1  1   ?   ?   ?   B . n 
B 2 2  U   2  2   2   U   U   B . n 
B 2 3  G   3  3   3   G   G   B . n 
B 2 4  U   4  4   4   U   U   B . n 
B 2 5  U   5  5   5   U   U   B . n 
B 2 6  U   6  6   6   U   U   B . n 
# 
loop_
_pdbx_nonpoly_scheme.asym_id 
_pdbx_nonpoly_scheme.entity_id 
_pdbx_nonpoly_scheme.mon_id 
_pdbx_nonpoly_scheme.ndb_seq_num 
_pdbx_nonpoly_scheme.pdb_seq_num 
_pdbx_nonpoly_scheme.auth_seq_num 
_pdbx_nonpoly_scheme.pdb_mon_id 
_pdbx_nonpoly_scheme.auth_mon_id 
_pdbx_nonpoly_scheme.pdb_strand_id 
_pdbx_nonpoly_scheme.pdb_ins_code 
C 3 ZN  1  1118 1118 ZN  ZN  A . 
D 4 HOH 1  2001 2001 HOH HOH A . 
D 4 HOH 2  2002 2002 HOH HOH A . 
D 4 HOH 3  2003 2003 HOH HOH A . 
D 4 HOH 4  2004 2004 HOH HOH A . 
D 4 HOH 5  2005 2005 HOH HOH A . 
D 4 HOH 6  2006 2006 HOH HOH A . 
D 4 HOH 7  2007 2007 HOH HOH A . 
D 4 HOH 8  2008 2008 HOH HOH A . 
D 4 HOH 9  2009 2009 HOH HOH A . 
D 4 HOH 10 2010 2010 HOH HOH A . 
D 4 HOH 11 2011 2011 HOH HOH A . 
D 4 HOH 12 2012 2012 HOH HOH A . 
D 4 HOH 13 2013 2013 HOH HOH A . 
D 4 HOH 14 2014 2014 HOH HOH A . 
D 4 HOH 15 2015 2015 HOH HOH A . 
D 4 HOH 16 2016 2016 HOH HOH A . 
D 4 HOH 17 2017 2017 HOH HOH A . 
D 4 HOH 18 2018 2018 HOH HOH A . 
D 4 HOH 19 2019 2019 HOH HOH A . 
D 4 HOH 20 2020 2020 HOH HOH A . 
D 4 HOH 21 2021 2021 HOH HOH A . 
D 4 HOH 22 2022 2022 HOH HOH A . 
D 4 HOH 23 2023 2023 HOH HOH A . 
D 4 HOH 24 2024 2024 HOH HOH A . 
D 4 HOH 25 2025 2025 HOH HOH A . 
D 4 HOH 26 2026 2026 HOH HOH A . 
D 4 HOH 27 2027 2027 HOH HOH A . 
D 4 HOH 28 2028 2028 HOH HOH A . 
D 4 HOH 29 2029 2029 HOH HOH A . 
D 4 HOH 30 2030 2030 HOH HOH A . 
D 4 HOH 31 2031 2031 HOH HOH A . 
D 4 HOH 32 2032 2032 HOH HOH A . 
D 4 HOH 33 2033 2033 HOH HOH A . 
D 4 HOH 34 2034 2034 HOH HOH A . 
D 4 HOH 35 2035 2035 HOH HOH A . 
D 4 HOH 36 2036 2036 HOH HOH A . 
D 4 HOH 37 2037 2037 HOH HOH A . 
D 4 HOH 38 2038 2038 HOH HOH A . 
D 4 HOH 39 2039 2039 HOH HOH A . 
D 4 HOH 40 2040 2040 HOH HOH A . 
D 4 HOH 41 2041 2041 HOH HOH A . 
D 4 HOH 42 2042 2042 HOH HOH A . 
D 4 HOH 43 2043 2043 HOH HOH A . 
D 4 HOH 44 2044 2044 HOH HOH A . 
D 4 HOH 45 2045 2045 HOH HOH A . 
D 4 HOH 46 2046 2046 HOH HOH A . 
D 4 HOH 47 2047 2047 HOH HOH A . 
D 4 HOH 48 2048 2048 HOH HOH A . 
D 4 HOH 49 2049 2049 HOH HOH A . 
D 4 HOH 50 2050 2050 HOH HOH A . 
D 4 HOH 51 2051 2051 HOH HOH A . 
D 4 HOH 52 2052 2052 HOH HOH A . 
D 4 HOH 53 2053 2053 HOH HOH A . 
D 4 HOH 54 2054 2054 HOH HOH A . 
D 4 HOH 55 2055 2055 HOH HOH A . 
D 4 HOH 56 2056 2056 HOH HOH A . 
D 4 HOH 57 2057 2057 HOH HOH A . 
D 4 HOH 58 2058 2058 HOH HOH A . 
D 4 HOH 59 2059 2059 HOH HOH A . 
D 4 HOH 60 2060 2060 HOH HOH A . 
D 4 HOH 61 2061 2061 HOH HOH A . 
D 4 HOH 62 2062 2062 HOH HOH A . 
D 4 HOH 63 2063 2063 HOH HOH A . 
D 4 HOH 64 2064 2064 HOH HOH A . 
D 4 HOH 65 2065 2065 HOH HOH A . 
D 4 HOH 66 2066 2066 HOH HOH A . 
D 4 HOH 67 2067 2067 HOH HOH A . 
D 4 HOH 68 2068 2068 HOH HOH A . 
D 4 HOH 69 2069 2069 HOH HOH A . 
D 4 HOH 70 2070 2070 HOH HOH A . 
D 4 HOH 71 2071 2071 HOH HOH A . 
D 4 HOH 72 2072 2072 HOH HOH A . 
D 4 HOH 73 2073 2073 HOH HOH A . 
D 4 HOH 74 2074 2074 HOH HOH A . 
D 4 HOH 75 2075 2075 HOH HOH A . 
D 4 HOH 76 2076 2076 HOH HOH A . 
D 4 HOH 77 2077 2077 HOH HOH A . 
D 4 HOH 78 2078 2078 HOH HOH A . 
D 4 HOH 79 2079 2079 HOH HOH A . 
D 4 HOH 80 2080 2080 HOH HOH A . 
D 4 HOH 81 2081 2081 HOH HOH A . 
D 4 HOH 82 2082 2082 HOH HOH A . 
D 4 HOH 83 2083 2083 HOH HOH A . 
D 4 HOH 84 2084 2084 HOH HOH A . 
D 4 HOH 85 2085 2085 HOH HOH A . 
D 4 HOH 86 2086 2086 HOH HOH A . 
E 4 HOH 1  2001 2001 HOH HOH B . 
E 4 HOH 2  2002 2002 HOH HOH B . 
E 4 HOH 3  2003 2003 HOH HOH B . 
E 4 HOH 4  2004 2004 HOH HOH B . 
E 4 HOH 5  2005 2005 HOH HOH B . 
E 4 HOH 6  2006 2006 HOH HOH B . 
E 4 HOH 7  2007 2007 HOH HOH B . 
E 4 HOH 8  2008 2008 HOH HOH B . 
E 4 HOH 9  2009 2009 HOH HOH B . 
E 4 HOH 10 2010 2010 HOH HOH B . 
E 4 HOH 11 2011 2011 HOH HOH B . 
E 4 HOH 12 2012 2012 HOH HOH B . 
E 4 HOH 13 2013 2013 HOH HOH B . 
E 4 HOH 14 2014 2014 HOH HOH B . 
E 4 HOH 15 2015 2015 HOH HOH B . 
E 4 HOH 16 2016 2016 HOH HOH B . 
E 4 HOH 17 2017 2017 HOH HOH B . 
# 
_pdbx_struct_assembly.id                   1 
_pdbx_struct_assembly.details              author_and_software_defined_assembly 
_pdbx_struct_assembly.method_details       PISA 
_pdbx_struct_assembly.oligomeric_details   dimeric 
_pdbx_struct_assembly.oligomeric_count     2 
# 
_pdbx_struct_assembly_gen.assembly_id       1 
_pdbx_struct_assembly_gen.oper_expression   1 
_pdbx_struct_assembly_gen.asym_id_list      A,B,C,D,E 
# 
loop_
_pdbx_struct_assembly_prop.biol_id 
_pdbx_struct_assembly_prop.type 
_pdbx_struct_assembly_prop.value 
_pdbx_struct_assembly_prop.details 
1 'ABSA (A^2)' 1190  ? 
1 MORE         -31.5 ? 
1 'SSA (A^2)'  6050  ? 
# 
_pdbx_struct_oper_list.id                   1 
_pdbx_struct_oper_list.type                 'identity operation' 
_pdbx_struct_oper_list.name                 1_555 
_pdbx_struct_oper_list.symmetry_operation   x,y,z 
_pdbx_struct_oper_list.matrix[1][1]         1.0000000000 
_pdbx_struct_oper_list.matrix[1][2]         0.0000000000 
_pdbx_struct_oper_list.matrix[1][3]         0.0000000000 
_pdbx_struct_oper_list.vector[1]            0.0000000000 
_pdbx_struct_oper_list.matrix[2][1]         0.0000000000 
_pdbx_struct_oper_list.matrix[2][2]         1.0000000000 
_pdbx_struct_oper_list.matrix[2][3]         0.0000000000 
_pdbx_struct_oper_list.vector[2]            0.0000000000 
_pdbx_struct_oper_list.matrix[3][1]         0.0000000000 
_pdbx_struct_oper_list.matrix[3][2]         0.0000000000 
_pdbx_struct_oper_list.matrix[3][3]         1.0000000000 
_pdbx_struct_oper_list.vector[3]            0.0000000000 
# 
loop_
_pdbx_struct_conn_angle.id 
_pdbx_struct_conn_angle.ptnr1_label_atom_id 
_pdbx_struct_conn_angle.ptnr1_label_alt_id 
_pdbx_struct_conn_angle.ptnr1_label_asym_id 
_pdbx_struct_conn_angle.ptnr1_label_comp_id 
_pdbx_struct_conn_angle.ptnr1_label_seq_id 
_pdbx_struct_conn_angle.ptnr1_auth_atom_id 
_pdbx_struct_conn_angle.ptnr1_auth_asym_id 
_pdbx_struct_conn_angle.ptnr1_auth_comp_id 
_pdbx_struct_conn_angle.ptnr1_auth_seq_id 
_pdbx_struct_conn_angle.ptnr1_PDB_ins_code 
_pdbx_struct_conn_angle.ptnr1_symmetry 
_pdbx_struct_conn_angle.ptnr2_label_atom_id 
_pdbx_struct_conn_angle.ptnr2_label_alt_id 
_pdbx_struct_conn_angle.ptnr2_label_asym_id 
_pdbx_struct_conn_angle.ptnr2_label_comp_id 
_pdbx_struct_conn_angle.ptnr2_label_seq_id 
_pdbx_struct_conn_angle.ptnr2_auth_atom_id 
_pdbx_struct_conn_angle.ptnr2_auth_asym_id 
_pdbx_struct_conn_angle.ptnr2_auth_comp_id 
_pdbx_struct_conn_angle.ptnr2_auth_seq_id 
_pdbx_struct_conn_angle.ptnr2_PDB_ins_code 
_pdbx_struct_conn_angle.ptnr2_symmetry 
_pdbx_struct_conn_angle.ptnr3_label_atom_id 
_pdbx_struct_conn_angle.ptnr3_label_alt_id 
_pdbx_struct_conn_angle.ptnr3_label_asym_id 
_pdbx_struct_conn_angle.ptnr3_label_comp_id 
_pdbx_struct_conn_angle.ptnr3_label_seq_id 
_pdbx_struct_conn_angle.ptnr3_auth_atom_id 
_pdbx_struct_conn_angle.ptnr3_auth_asym_id 
_pdbx_struct_conn_angle.ptnr3_auth_comp_id 
_pdbx_struct_conn_angle.ptnr3_auth_seq_id 
_pdbx_struct_conn_angle.ptnr3_PDB_ins_code 
_pdbx_struct_conn_angle.ptnr3_symmetry 
_pdbx_struct_conn_angle.value 
_pdbx_struct_conn_angle.value_esd 
1 OE2 ? A GLU 23 ? A GLU 53  ? 4_555 ZN ? C ZN . ? A ZN 1118 ? 1_555 OE1 ? A GLU 25 ? A GLU 55   ? 1_555 108.1 ? 
2 OE2 ? A GLU 23 ? A GLU 53  ? 4_555 ZN ? C ZN . ? A ZN 1118 ? 1_555 NE2 ? A HIS 74 ? A HIS 104  ? 1_555 103.2 ? 
3 OE1 ? A GLU 25 ? A GLU 55  ? 1_555 ZN ? C ZN . ? A ZN 1118 ? 1_555 NE2 ? A HIS 74 ? A HIS 104  ? 1_555 115.9 ? 
4 OE2 ? A GLU 23 ? A GLU 53  ? 4_555 ZN ? C ZN . ? A ZN 1118 ? 1_555 O   ? D HOH .  ? A HOH 2086 ? 1_555 103.4 ? 
5 OE1 ? A GLU 25 ? A GLU 55  ? 1_555 ZN ? C ZN . ? A ZN 1118 ? 1_555 O   ? D HOH .  ? A HOH 2086 ? 1_555 117.4 ? 
6 NE2 ? A HIS 74 ? A HIS 104 ? 1_555 ZN ? C ZN . ? A ZN 1118 ? 1_555 O   ? D HOH .  ? A HOH 2086 ? 1_555 107.2 ? 
# 
loop_
_pdbx_audit_revision_history.ordinal 
_pdbx_audit_revision_history.data_content_type 
_pdbx_audit_revision_history.major_revision 
_pdbx_audit_revision_history.minor_revision 
_pdbx_audit_revision_history.revision_date 
1 'Structure model' 1 0 2011-10-05 
2 'Structure model' 1 1 2011-11-02 
3 'Structure model' 1 2 2011-11-23 
4 'Structure model' 1 3 2023-12-20 
# 
_pdbx_audit_revision_details.ordinal             1 
_pdbx_audit_revision_details.revision_ordinal    1 
_pdbx_audit_revision_details.data_content_type   'Structure model' 
_pdbx_audit_revision_details.provider            repository 
_pdbx_audit_revision_details.type                'Initial release' 
_pdbx_audit_revision_details.description         ? 
_pdbx_audit_revision_details.details             ? 
# 
loop_
_pdbx_audit_revision_group.ordinal 
_pdbx_audit_revision_group.revision_ordinal 
_pdbx_audit_revision_group.data_content_type 
_pdbx_audit_revision_group.group 
1 2 'Structure model' 'Database references'    
2 2 'Structure model' 'Source and taxonomy'    
3 3 'Structure model' 'Database references'    
4 4 'Structure model' 'Data collection'        
5 4 'Structure model' 'Database references'    
6 4 'Structure model' 'Derived calculations'   
7 4 'Structure model' Other                    
8 4 'Structure model' 'Refinement description' 
# 
loop_
_pdbx_audit_revision_category.ordinal 
_pdbx_audit_revision_category.revision_ordinal 
_pdbx_audit_revision_category.data_content_type 
_pdbx_audit_revision_category.category 
1 4 'Structure model' chem_comp_atom                
2 4 'Structure model' chem_comp_bond                
3 4 'Structure model' database_2                    
4 4 'Structure model' pdbx_database_status          
5 4 'Structure model' pdbx_initial_refinement_model 
6 4 'Structure model' struct_conn                   
7 4 'Structure model' struct_site                   
# 
loop_
_pdbx_audit_revision_item.ordinal 
_pdbx_audit_revision_item.revision_ordinal 
_pdbx_audit_revision_item.data_content_type 
_pdbx_audit_revision_item.item 
1  4 'Structure model' '_database_2.pdbx_DOI'                 
2  4 'Structure model' '_database_2.pdbx_database_accession'  
3  4 'Structure model' '_pdbx_database_status.status_code_sf' 
4  4 'Structure model' '_struct_conn.ptnr1_auth_comp_id'      
5  4 'Structure model' '_struct_conn.ptnr1_auth_seq_id'       
6  4 'Structure model' '_struct_conn.ptnr1_label_asym_id'     
7  4 'Structure model' '_struct_conn.ptnr1_label_atom_id'     
8  4 'Structure model' '_struct_conn.ptnr1_label_comp_id'     
9  4 'Structure model' '_struct_conn.ptnr1_label_seq_id'      
10 4 'Structure model' '_struct_conn.ptnr1_symmetry'          
11 4 'Structure model' '_struct_conn.ptnr2_auth_comp_id'      
12 4 'Structure model' '_struct_conn.ptnr2_auth_seq_id'       
13 4 'Structure model' '_struct_conn.ptnr2_label_asym_id'     
14 4 'Structure model' '_struct_conn.ptnr2_label_atom_id'     
15 4 'Structure model' '_struct_conn.ptnr2_label_comp_id'     
16 4 'Structure model' '_struct_conn.ptnr2_label_seq_id'      
17 4 'Structure model' '_struct_conn.ptnr2_symmetry'          
18 4 'Structure model' '_struct_site.pdbx_auth_asym_id'       
19 4 'Structure model' '_struct_site.pdbx_auth_comp_id'       
20 4 'Structure model' '_struct_site.pdbx_auth_seq_id'        
# 
loop_
_software.name 
_software.classification 
_software.version 
_software.citation_id 
_software.pdbx_ordinal 
REFMAC refinement       5.5.0102 ? 1 
XDS    'data reduction' .        ? 2 
SCALA  'data scaling'   .        ? 3 
PHASER phasing          .        ? 4 
# 
_pdbx_distant_solvent_atoms.id                                1 
_pdbx_distant_solvent_atoms.PDB_model_num                     1 
_pdbx_distant_solvent_atoms.auth_atom_id                      O 
_pdbx_distant_solvent_atoms.label_alt_id                      ? 
_pdbx_distant_solvent_atoms.auth_asym_id                      A 
_pdbx_distant_solvent_atoms.auth_comp_id                      HOH 
_pdbx_distant_solvent_atoms.auth_seq_id                       2019 
_pdbx_distant_solvent_atoms.PDB_ins_code                      ? 
_pdbx_distant_solvent_atoms.neighbor_macromolecule_distance   6.18 
_pdbx_distant_solvent_atoms.neighbor_ligand_distance          . 
# 
loop_
_pdbx_unobs_or_zero_occ_atoms.id 
_pdbx_unobs_or_zero_occ_atoms.PDB_model_num 
_pdbx_unobs_or_zero_occ_atoms.polymer_flag 
_pdbx_unobs_or_zero_occ_atoms.occupancy_flag 
_pdbx_unobs_or_zero_occ_atoms.auth_asym_id 
_pdbx_unobs_or_zero_occ_atoms.auth_comp_id 
_pdbx_unobs_or_zero_occ_atoms.auth_seq_id 
_pdbx_unobs_or_zero_occ_atoms.PDB_ins_code 
_pdbx_unobs_or_zero_occ_atoms.auth_atom_id 
_pdbx_unobs_or_zero_occ_atoms.label_alt_id 
_pdbx_unobs_or_zero_occ_atoms.label_asym_id 
_pdbx_unobs_or_zero_occ_atoms.label_comp_id 
_pdbx_unobs_or_zero_occ_atoms.label_seq_id 
_pdbx_unobs_or_zero_occ_atoms.label_atom_id 
1  1 Y 1 A ARG 75  ? CG    ? A ARG 45 CG    
2  1 Y 1 A ARG 75  ? CD    ? A ARG 45 CD    
3  1 Y 1 A ARG 75  ? NE    ? A ARG 45 NE    
4  1 Y 1 A ARG 75  ? CZ    ? A ARG 45 CZ    
5  1 Y 1 A ARG 75  ? NH1   ? A ARG 45 NH1   
6  1 Y 1 A ARG 75  ? NH2   ? A ARG 45 NH2   
7  1 Y 1 A LYS 106 ? CG    ? A LYS 76 CG    
8  1 Y 1 A LYS 106 ? CD    ? A LYS 76 CD    
9  1 Y 1 A LYS 106 ? CE    ? A LYS 76 CE    
10 1 Y 1 A LYS 106 ? NZ    ? A LYS 76 NZ    
11 1 Y 1 B U   2   ? P     ? B U   2  P     
12 1 Y 1 B U   2   ? OP1   ? B U   2  OP1   
13 1 Y 1 B U   2   ? OP2   ? B U   2  OP2   
14 1 Y 1 B U   2   ? "O5'" ? B U   2  "O5'" 
15 1 Y 1 B U   2   ? "C5'" ? B U   2  "C5'" 
16 1 Y 1 B U   2   ? "C4'" ? B U   2  "C4'" 
17 1 Y 1 B U   2   ? "O4'" ? B U   2  "O4'" 
18 1 Y 1 B U   2   ? "C3'" ? B U   2  "C3'" 
19 1 Y 1 B U   2   ? "C2'" ? B U   2  "C2'" 
20 1 Y 1 B U   2   ? "O2'" ? B U   2  "O2'" 
21 1 Y 1 B U   2   ? "C1'" ? B U   2  "C1'" 
22 1 Y 1 B U   2   ? N1    ? B U   2  N1    
23 1 Y 1 B U   2   ? C2    ? B U   2  C2    
24 1 Y 1 B U   2   ? O2    ? B U   2  O2    
25 1 Y 1 B U   2   ? N3    ? B U   2  N3    
26 1 Y 1 B U   2   ? C4    ? B U   2  C4    
27 1 Y 1 B U   2   ? O4    ? B U   2  O4    
28 1 Y 1 B U   2   ? C5    ? B U   2  C5    
29 1 Y 1 B U   2   ? C6    ? B U   2  C6    
# 
loop_
_pdbx_unobs_or_zero_occ_residues.id 
_pdbx_unobs_or_zero_occ_residues.PDB_model_num 
_pdbx_unobs_or_zero_occ_residues.polymer_flag 
_pdbx_unobs_or_zero_occ_residues.occupancy_flag 
_pdbx_unobs_or_zero_occ_residues.auth_asym_id 
_pdbx_unobs_or_zero_occ_residues.auth_comp_id 
_pdbx_unobs_or_zero_occ_residues.auth_seq_id 
_pdbx_unobs_or_zero_occ_residues.PDB_ins_code 
_pdbx_unobs_or_zero_occ_residues.label_asym_id 
_pdbx_unobs_or_zero_occ_residues.label_comp_id 
_pdbx_unobs_or_zero_occ_residues.label_seq_id 
1 1 Y 1 A SER 31 ? A SER 1 
2 1 Y 1 B U   1  ? B U   1 
# 
loop_
_chem_comp_atom.comp_id 
_chem_comp_atom.atom_id 
_chem_comp_atom.type_symbol 
_chem_comp_atom.pdbx_aromatic_flag 
_chem_comp_atom.pdbx_stereo_config 
_chem_comp_atom.pdbx_ordinal 
ALA N      N  N N 1   
ALA CA     C  N S 2   
ALA C      C  N N 3   
ALA O      O  N N 4   
ALA CB     C  N N 5   
ALA OXT    O  N N 6   
ALA H      H  N N 7   
ALA H2     H  N N 8   
ALA HA     H  N N 9   
ALA HB1    H  N N 10  
ALA HB2    H  N N 11  
ALA HB3    H  N N 12  
ALA HXT    H  N N 13  
ARG N      N  N N 14  
ARG CA     C  N S 15  
ARG C      C  N N 16  
ARG O      O  N N 17  
ARG CB     C  N N 18  
ARG CG     C  N N 19  
ARG CD     C  N N 20  
ARG NE     N  N N 21  
ARG CZ     C  N N 22  
ARG NH1    N  N N 23  
ARG NH2    N  N N 24  
ARG OXT    O  N N 25  
ARG H      H  N N 26  
ARG H2     H  N N 27  
ARG HA     H  N N 28  
ARG HB2    H  N N 29  
ARG HB3    H  N N 30  
ARG HG2    H  N N 31  
ARG HG3    H  N N 32  
ARG HD2    H  N N 33  
ARG HD3    H  N N 34  
ARG HE     H  N N 35  
ARG HH11   H  N N 36  
ARG HH12   H  N N 37  
ARG HH21   H  N N 38  
ARG HH22   H  N N 39  
ARG HXT    H  N N 40  
ASN N      N  N N 41  
ASN CA     C  N S 42  
ASN C      C  N N 43  
ASN O      O  N N 44  
ASN CB     C  N N 45  
ASN CG     C  N N 46  
ASN OD1    O  N N 47  
ASN ND2    N  N N 48  
ASN OXT    O  N N 49  
ASN H      H  N N 50  
ASN H2     H  N N 51  
ASN HA     H  N N 52  
ASN HB2    H  N N 53  
ASN HB3    H  N N 54  
ASN HD21   H  N N 55  
ASN HD22   H  N N 56  
ASN HXT    H  N N 57  
ASP N      N  N N 58  
ASP CA     C  N S 59  
ASP C      C  N N 60  
ASP O      O  N N 61  
ASP CB     C  N N 62  
ASP CG     C  N N 63  
ASP OD1    O  N N 64  
ASP OD2    O  N N 65  
ASP OXT    O  N N 66  
ASP H      H  N N 67  
ASP H2     H  N N 68  
ASP HA     H  N N 69  
ASP HB2    H  N N 70  
ASP HB3    H  N N 71  
ASP HD2    H  N N 72  
ASP HXT    H  N N 73  
G   OP3    O  N N 74  
G   P      P  N N 75  
G   OP1    O  N N 76  
G   OP2    O  N N 77  
G   "O5'"  O  N N 78  
G   "C5'"  C  N N 79  
G   "C4'"  C  N R 80  
G   "O4'"  O  N N 81  
G   "C3'"  C  N S 82  
G   "O3'"  O  N N 83  
G   "C2'"  C  N R 84  
G   "O2'"  O  N N 85  
G   "C1'"  C  N R 86  
G   N9     N  Y N 87  
G   C8     C  Y N 88  
G   N7     N  Y N 89  
G   C5     C  Y N 90  
G   C6     C  N N 91  
G   O6     O  N N 92  
G   N1     N  N N 93  
G   C2     C  N N 94  
G   N2     N  N N 95  
G   N3     N  N N 96  
G   C4     C  Y N 97  
G   HOP3   H  N N 98  
G   HOP2   H  N N 99  
G   "H5'"  H  N N 100 
G   "H5''" H  N N 101 
G   "H4'"  H  N N 102 
G   "H3'"  H  N N 103 
G   "HO3'" H  N N 104 
G   "H2'"  H  N N 105 
G   "HO2'" H  N N 106 
G   "H1'"  H  N N 107 
G   H8     H  N N 108 
G   H1     H  N N 109 
G   H21    H  N N 110 
G   H22    H  N N 111 
GLN N      N  N N 112 
GLN CA     C  N S 113 
GLN C      C  N N 114 
GLN O      O  N N 115 
GLN CB     C  N N 116 
GLN CG     C  N N 117 
GLN CD     C  N N 118 
GLN OE1    O  N N 119 
GLN NE2    N  N N 120 
GLN OXT    O  N N 121 
GLN H      H  N N 122 
GLN H2     H  N N 123 
GLN HA     H  N N 124 
GLN HB2    H  N N 125 
GLN HB3    H  N N 126 
GLN HG2    H  N N 127 
GLN HG3    H  N N 128 
GLN HE21   H  N N 129 
GLN HE22   H  N N 130 
GLN HXT    H  N N 131 
GLU N      N  N N 132 
GLU CA     C  N S 133 
GLU C      C  N N 134 
GLU O      O  N N 135 
GLU CB     C  N N 136 
GLU CG     C  N N 137 
GLU CD     C  N N 138 
GLU OE1    O  N N 139 
GLU OE2    O  N N 140 
GLU OXT    O  N N 141 
GLU H      H  N N 142 
GLU H2     H  N N 143 
GLU HA     H  N N 144 
GLU HB2    H  N N 145 
GLU HB3    H  N N 146 
GLU HG2    H  N N 147 
GLU HG3    H  N N 148 
GLU HE2    H  N N 149 
GLU HXT    H  N N 150 
GLY N      N  N N 151 
GLY CA     C  N N 152 
GLY C      C  N N 153 
GLY O      O  N N 154 
GLY OXT    O  N N 155 
GLY H      H  N N 156 
GLY H2     H  N N 157 
GLY HA2    H  N N 158 
GLY HA3    H  N N 159 
GLY HXT    H  N N 160 
HIS N      N  N N 161 
HIS CA     C  N S 162 
HIS C      C  N N 163 
HIS O      O  N N 164 
HIS CB     C  N N 165 
HIS CG     C  Y N 166 
HIS ND1    N  Y N 167 
HIS CD2    C  Y N 168 
HIS CE1    C  Y N 169 
HIS NE2    N  Y N 170 
HIS OXT    O  N N 171 
HIS H      H  N N 172 
HIS H2     H  N N 173 
HIS HA     H  N N 174 
HIS HB2    H  N N 175 
HIS HB3    H  N N 176 
HIS HD1    H  N N 177 
HIS HD2    H  N N 178 
HIS HE1    H  N N 179 
HIS HE2    H  N N 180 
HIS HXT    H  N N 181 
HOH O      O  N N 182 
HOH H1     H  N N 183 
HOH H2     H  N N 184 
ILE N      N  N N 185 
ILE CA     C  N S 186 
ILE C      C  N N 187 
ILE O      O  N N 188 
ILE CB     C  N S 189 
ILE CG1    C  N N 190 
ILE CG2    C  N N 191 
ILE CD1    C  N N 192 
ILE OXT    O  N N 193 
ILE H      H  N N 194 
ILE H2     H  N N 195 
ILE HA     H  N N 196 
ILE HB     H  N N 197 
ILE HG12   H  N N 198 
ILE HG13   H  N N 199 
ILE HG21   H  N N 200 
ILE HG22   H  N N 201 
ILE HG23   H  N N 202 
ILE HD11   H  N N 203 
ILE HD12   H  N N 204 
ILE HD13   H  N N 205 
ILE HXT    H  N N 206 
LEU N      N  N N 207 
LEU CA     C  N S 208 
LEU C      C  N N 209 
LEU O      O  N N 210 
LEU CB     C  N N 211 
LEU CG     C  N N 212 
LEU CD1    C  N N 213 
LEU CD2    C  N N 214 
LEU OXT    O  N N 215 
LEU H      H  N N 216 
LEU H2     H  N N 217 
LEU HA     H  N N 218 
LEU HB2    H  N N 219 
LEU HB3    H  N N 220 
LEU HG     H  N N 221 
LEU HD11   H  N N 222 
LEU HD12   H  N N 223 
LEU HD13   H  N N 224 
LEU HD21   H  N N 225 
LEU HD22   H  N N 226 
LEU HD23   H  N N 227 
LEU HXT    H  N N 228 
LYS N      N  N N 229 
LYS CA     C  N S 230 
LYS C      C  N N 231 
LYS O      O  N N 232 
LYS CB     C  N N 233 
LYS CG     C  N N 234 
LYS CD     C  N N 235 
LYS CE     C  N N 236 
LYS NZ     N  N N 237 
LYS OXT    O  N N 238 
LYS H      H  N N 239 
LYS H2     H  N N 240 
LYS HA     H  N N 241 
LYS HB2    H  N N 242 
LYS HB3    H  N N 243 
LYS HG2    H  N N 244 
LYS HG3    H  N N 245 
LYS HD2    H  N N 246 
LYS HD3    H  N N 247 
LYS HE2    H  N N 248 
LYS HE3    H  N N 249 
LYS HZ1    H  N N 250 
LYS HZ2    H  N N 251 
LYS HZ3    H  N N 252 
LYS HXT    H  N N 253 
MET N      N  N N 254 
MET CA     C  N S 255 
MET C      C  N N 256 
MET O      O  N N 257 
MET CB     C  N N 258 
MET CG     C  N N 259 
MET SD     S  N N 260 
MET CE     C  N N 261 
MET OXT    O  N N 262 
MET H      H  N N 263 
MET H2     H  N N 264 
MET HA     H  N N 265 
MET HB2    H  N N 266 
MET HB3    H  N N 267 
MET HG2    H  N N 268 
MET HG3    H  N N 269 
MET HE1    H  N N 270 
MET HE2    H  N N 271 
MET HE3    H  N N 272 
MET HXT    H  N N 273 
PHE N      N  N N 274 
PHE CA     C  N S 275 
PHE C      C  N N 276 
PHE O      O  N N 277 
PHE CB     C  N N 278 
PHE CG     C  Y N 279 
PHE CD1    C  Y N 280 
PHE CD2    C  Y N 281 
PHE CE1    C  Y N 282 
PHE CE2    C  Y N 283 
PHE CZ     C  Y N 284 
PHE OXT    O  N N 285 
PHE H      H  N N 286 
PHE H2     H  N N 287 
PHE HA     H  N N 288 
PHE HB2    H  N N 289 
PHE HB3    H  N N 290 
PHE HD1    H  N N 291 
PHE HD2    H  N N 292 
PHE HE1    H  N N 293 
PHE HE2    H  N N 294 
PHE HZ     H  N N 295 
PHE HXT    H  N N 296 
PRO N      N  N N 297 
PRO CA     C  N S 298 
PRO C      C  N N 299 
PRO O      O  N N 300 
PRO CB     C  N N 301 
PRO CG     C  N N 302 
PRO CD     C  N N 303 
PRO OXT    O  N N 304 
PRO H      H  N N 305 
PRO HA     H  N N 306 
PRO HB2    H  N N 307 
PRO HB3    H  N N 308 
PRO HG2    H  N N 309 
PRO HG3    H  N N 310 
PRO HD2    H  N N 311 
PRO HD3    H  N N 312 
PRO HXT    H  N N 313 
SER N      N  N N 314 
SER CA     C  N S 315 
SER C      C  N N 316 
SER O      O  N N 317 
SER CB     C  N N 318 
SER OG     O  N N 319 
SER OXT    O  N N 320 
SER H      H  N N 321 
SER H2     H  N N 322 
SER HA     H  N N 323 
SER HB2    H  N N 324 
SER HB3    H  N N 325 
SER HG     H  N N 326 
SER HXT    H  N N 327 
THR N      N  N N 328 
THR CA     C  N S 329 
THR C      C  N N 330 
THR O      O  N N 331 
THR CB     C  N R 332 
THR OG1    O  N N 333 
THR CG2    C  N N 334 
THR OXT    O  N N 335 
THR H      H  N N 336 
THR H2     H  N N 337 
THR HA     H  N N 338 
THR HB     H  N N 339 
THR HG1    H  N N 340 
THR HG21   H  N N 341 
THR HG22   H  N N 342 
THR HG23   H  N N 343 
THR HXT    H  N N 344 
TYR N      N  N N 345 
TYR CA     C  N S 346 
TYR C      C  N N 347 
TYR O      O  N N 348 
TYR CB     C  N N 349 
TYR CG     C  Y N 350 
TYR CD1    C  Y N 351 
TYR CD2    C  Y N 352 
TYR CE1    C  Y N 353 
TYR CE2    C  Y N 354 
TYR CZ     C  Y N 355 
TYR OH     O  N N 356 
TYR OXT    O  N N 357 
TYR H      H  N N 358 
TYR H2     H  N N 359 
TYR HA     H  N N 360 
TYR HB2    H  N N 361 
TYR HB3    H  N N 362 
TYR HD1    H  N N 363 
TYR HD2    H  N N 364 
TYR HE1    H  N N 365 
TYR HE2    H  N N 366 
TYR HH     H  N N 367 
TYR HXT    H  N N 368 
U   OP3    O  N N 369 
U   P      P  N N 370 
U   OP1    O  N N 371 
U   OP2    O  N N 372 
U   "O5'"  O  N N 373 
U   "C5'"  C  N N 374 
U   "C4'"  C  N R 375 
U   "O4'"  O  N N 376 
U   "C3'"  C  N S 377 
U   "O3'"  O  N N 378 
U   "C2'"  C  N R 379 
U   "O2'"  O  N N 380 
U   "C1'"  C  N R 381 
U   N1     N  N N 382 
U   C2     C  N N 383 
U   O2     O  N N 384 
U   N3     N  N N 385 
U   C4     C  N N 386 
U   O4     O  N N 387 
U   C5     C  N N 388 
U   C6     C  N N 389 
U   HOP3   H  N N 390 
U   HOP2   H  N N 391 
U   "H5'"  H  N N 392 
U   "H5''" H  N N 393 
U   "H4'"  H  N N 394 
U   "H3'"  H  N N 395 
U   "HO3'" H  N N 396 
U   "H2'"  H  N N 397 
U   "HO2'" H  N N 398 
U   "H1'"  H  N N 399 
U   H3     H  N N 400 
U   H5     H  N N 401 
U   H6     H  N N 402 
VAL N      N  N N 403 
VAL CA     C  N S 404 
VAL C      C  N N 405 
VAL O      O  N N 406 
VAL CB     C  N N 407 
VAL CG1    C  N N 408 
VAL CG2    C  N N 409 
VAL OXT    O  N N 410 
VAL H      H  N N 411 
VAL H2     H  N N 412 
VAL HA     H  N N 413 
VAL HB     H  N N 414 
VAL HG11   H  N N 415 
VAL HG12   H  N N 416 
VAL HG13   H  N N 417 
VAL HG21   H  N N 418 
VAL HG22   H  N N 419 
VAL HG23   H  N N 420 
VAL HXT    H  N N 421 
ZN  ZN     ZN N N 422 
# 
loop_
_chem_comp_bond.comp_id 
_chem_comp_bond.atom_id_1 
_chem_comp_bond.atom_id_2 
_chem_comp_bond.value_order 
_chem_comp_bond.pdbx_aromatic_flag 
_chem_comp_bond.pdbx_stereo_config 
_chem_comp_bond.pdbx_ordinal 
ALA N     CA     sing N N 1   
ALA N     H      sing N N 2   
ALA N     H2     sing N N 3   
ALA CA    C      sing N N 4   
ALA CA    CB     sing N N 5   
ALA CA    HA     sing N N 6   
ALA C     O      doub N N 7   
ALA C     OXT    sing N N 8   
ALA CB    HB1    sing N N 9   
ALA CB    HB2    sing N N 10  
ALA CB    HB3    sing N N 11  
ALA OXT   HXT    sing N N 12  
ARG N     CA     sing N N 13  
ARG N     H      sing N N 14  
ARG N     H2     sing N N 15  
ARG CA    C      sing N N 16  
ARG CA    CB     sing N N 17  
ARG CA    HA     sing N N 18  
ARG C     O      doub N N 19  
ARG C     OXT    sing N N 20  
ARG CB    CG     sing N N 21  
ARG CB    HB2    sing N N 22  
ARG CB    HB3    sing N N 23  
ARG CG    CD     sing N N 24  
ARG CG    HG2    sing N N 25  
ARG CG    HG3    sing N N 26  
ARG CD    NE     sing N N 27  
ARG CD    HD2    sing N N 28  
ARG CD    HD3    sing N N 29  
ARG NE    CZ     sing N N 30  
ARG NE    HE     sing N N 31  
ARG CZ    NH1    sing N N 32  
ARG CZ    NH2    doub N N 33  
ARG NH1   HH11   sing N N 34  
ARG NH1   HH12   sing N N 35  
ARG NH2   HH21   sing N N 36  
ARG NH2   HH22   sing N N 37  
ARG OXT   HXT    sing N N 38  
ASN N     CA     sing N N 39  
ASN N     H      sing N N 40  
ASN N     H2     sing N N 41  
ASN CA    C      sing N N 42  
ASN CA    CB     sing N N 43  
ASN CA    HA     sing N N 44  
ASN C     O      doub N N 45  
ASN C     OXT    sing N N 46  
ASN CB    CG     sing N N 47  
ASN CB    HB2    sing N N 48  
ASN CB    HB3    sing N N 49  
ASN CG    OD1    doub N N 50  
ASN CG    ND2    sing N N 51  
ASN ND2   HD21   sing N N 52  
ASN ND2   HD22   sing N N 53  
ASN OXT   HXT    sing N N 54  
ASP N     CA     sing N N 55  
ASP N     H      sing N N 56  
ASP N     H2     sing N N 57  
ASP CA    C      sing N N 58  
ASP CA    CB     sing N N 59  
ASP CA    HA     sing N N 60  
ASP C     O      doub N N 61  
ASP C     OXT    sing N N 62  
ASP CB    CG     sing N N 63  
ASP CB    HB2    sing N N 64  
ASP CB    HB3    sing N N 65  
ASP CG    OD1    doub N N 66  
ASP CG    OD2    sing N N 67  
ASP OD2   HD2    sing N N 68  
ASP OXT   HXT    sing N N 69  
G   OP3   P      sing N N 70  
G   OP3   HOP3   sing N N 71  
G   P     OP1    doub N N 72  
G   P     OP2    sing N N 73  
G   P     "O5'"  sing N N 74  
G   OP2   HOP2   sing N N 75  
G   "O5'" "C5'"  sing N N 76  
G   "C5'" "C4'"  sing N N 77  
G   "C5'" "H5'"  sing N N 78  
G   "C5'" "H5''" sing N N 79  
G   "C4'" "O4'"  sing N N 80  
G   "C4'" "C3'"  sing N N 81  
G   "C4'" "H4'"  sing N N 82  
G   "O4'" "C1'"  sing N N 83  
G   "C3'" "O3'"  sing N N 84  
G   "C3'" "C2'"  sing N N 85  
G   "C3'" "H3'"  sing N N 86  
G   "O3'" "HO3'" sing N N 87  
G   "C2'" "O2'"  sing N N 88  
G   "C2'" "C1'"  sing N N 89  
G   "C2'" "H2'"  sing N N 90  
G   "O2'" "HO2'" sing N N 91  
G   "C1'" N9     sing N N 92  
G   "C1'" "H1'"  sing N N 93  
G   N9    C8     sing Y N 94  
G   N9    C4     sing Y N 95  
G   C8    N7     doub Y N 96  
G   C8    H8     sing N N 97  
G   N7    C5     sing Y N 98  
G   C5    C6     sing N N 99  
G   C5    C4     doub Y N 100 
G   C6    O6     doub N N 101 
G   C6    N1     sing N N 102 
G   N1    C2     sing N N 103 
G   N1    H1     sing N N 104 
G   C2    N2     sing N N 105 
G   C2    N3     doub N N 106 
G   N2    H21    sing N N 107 
G   N2    H22    sing N N 108 
G   N3    C4     sing N N 109 
GLN N     CA     sing N N 110 
GLN N     H      sing N N 111 
GLN N     H2     sing N N 112 
GLN CA    C      sing N N 113 
GLN CA    CB     sing N N 114 
GLN CA    HA     sing N N 115 
GLN C     O      doub N N 116 
GLN C     OXT    sing N N 117 
GLN CB    CG     sing N N 118 
GLN CB    HB2    sing N N 119 
GLN CB    HB3    sing N N 120 
GLN CG    CD     sing N N 121 
GLN CG    HG2    sing N N 122 
GLN CG    HG3    sing N N 123 
GLN CD    OE1    doub N N 124 
GLN CD    NE2    sing N N 125 
GLN NE2   HE21   sing N N 126 
GLN NE2   HE22   sing N N 127 
GLN OXT   HXT    sing N N 128 
GLU N     CA     sing N N 129 
GLU N     H      sing N N 130 
GLU N     H2     sing N N 131 
GLU CA    C      sing N N 132 
GLU CA    CB     sing N N 133 
GLU CA    HA     sing N N 134 
GLU C     O      doub N N 135 
GLU C     OXT    sing N N 136 
GLU CB    CG     sing N N 137 
GLU CB    HB2    sing N N 138 
GLU CB    HB3    sing N N 139 
GLU CG    CD     sing N N 140 
GLU CG    HG2    sing N N 141 
GLU CG    HG3    sing N N 142 
GLU CD    OE1    doub N N 143 
GLU CD    OE2    sing N N 144 
GLU OE2   HE2    sing N N 145 
GLU OXT   HXT    sing N N 146 
GLY N     CA     sing N N 147 
GLY N     H      sing N N 148 
GLY N     H2     sing N N 149 
GLY CA    C      sing N N 150 
GLY CA    HA2    sing N N 151 
GLY CA    HA3    sing N N 152 
GLY C     O      doub N N 153 
GLY C     OXT    sing N N 154 
GLY OXT   HXT    sing N N 155 
HIS N     CA     sing N N 156 
HIS N     H      sing N N 157 
HIS N     H2     sing N N 158 
HIS CA    C      sing N N 159 
HIS CA    CB     sing N N 160 
HIS CA    HA     sing N N 161 
HIS C     O      doub N N 162 
HIS C     OXT    sing N N 163 
HIS CB    CG     sing N N 164 
HIS CB    HB2    sing N N 165 
HIS CB    HB3    sing N N 166 
HIS CG    ND1    sing Y N 167 
HIS CG    CD2    doub Y N 168 
HIS ND1   CE1    doub Y N 169 
HIS ND1   HD1    sing N N 170 
HIS CD2   NE2    sing Y N 171 
HIS CD2   HD2    sing N N 172 
HIS CE1   NE2    sing Y N 173 
HIS CE1   HE1    sing N N 174 
HIS NE2   HE2    sing N N 175 
HIS OXT   HXT    sing N N 176 
HOH O     H1     sing N N 177 
HOH O     H2     sing N N 178 
ILE N     CA     sing N N 179 
ILE N     H      sing N N 180 
ILE N     H2     sing N N 181 
ILE CA    C      sing N N 182 
ILE CA    CB     sing N N 183 
ILE CA    HA     sing N N 184 
ILE C     O      doub N N 185 
ILE C     OXT    sing N N 186 
ILE CB    CG1    sing N N 187 
ILE CB    CG2    sing N N 188 
ILE CB    HB     sing N N 189 
ILE CG1   CD1    sing N N 190 
ILE CG1   HG12   sing N N 191 
ILE CG1   HG13   sing N N 192 
ILE CG2   HG21   sing N N 193 
ILE CG2   HG22   sing N N 194 
ILE CG2   HG23   sing N N 195 
ILE CD1   HD11   sing N N 196 
ILE CD1   HD12   sing N N 197 
ILE CD1   HD13   sing N N 198 
ILE OXT   HXT    sing N N 199 
LEU N     CA     sing N N 200 
LEU N     H      sing N N 201 
LEU N     H2     sing N N 202 
LEU CA    C      sing N N 203 
LEU CA    CB     sing N N 204 
LEU CA    HA     sing N N 205 
LEU C     O      doub N N 206 
LEU C     OXT    sing N N 207 
LEU CB    CG     sing N N 208 
LEU CB    HB2    sing N N 209 
LEU CB    HB3    sing N N 210 
LEU CG    CD1    sing N N 211 
LEU CG    CD2    sing N N 212 
LEU CG    HG     sing N N 213 
LEU CD1   HD11   sing N N 214 
LEU CD1   HD12   sing N N 215 
LEU CD1   HD13   sing N N 216 
LEU CD2   HD21   sing N N 217 
LEU CD2   HD22   sing N N 218 
LEU CD2   HD23   sing N N 219 
LEU OXT   HXT    sing N N 220 
LYS N     CA     sing N N 221 
LYS N     H      sing N N 222 
LYS N     H2     sing N N 223 
LYS CA    C      sing N N 224 
LYS CA    CB     sing N N 225 
LYS CA    HA     sing N N 226 
LYS C     O      doub N N 227 
LYS C     OXT    sing N N 228 
LYS CB    CG     sing N N 229 
LYS CB    HB2    sing N N 230 
LYS CB    HB3    sing N N 231 
LYS CG    CD     sing N N 232 
LYS CG    HG2    sing N N 233 
LYS CG    HG3    sing N N 234 
LYS CD    CE     sing N N 235 
LYS CD    HD2    sing N N 236 
LYS CD    HD3    sing N N 237 
LYS CE    NZ     sing N N 238 
LYS CE    HE2    sing N N 239 
LYS CE    HE3    sing N N 240 
LYS NZ    HZ1    sing N N 241 
LYS NZ    HZ2    sing N N 242 
LYS NZ    HZ3    sing N N 243 
LYS OXT   HXT    sing N N 244 
MET N     CA     sing N N 245 
MET N     H      sing N N 246 
MET N     H2     sing N N 247 
MET CA    C      sing N N 248 
MET CA    CB     sing N N 249 
MET CA    HA     sing N N 250 
MET C     O      doub N N 251 
MET C     OXT    sing N N 252 
MET CB    CG     sing N N 253 
MET CB    HB2    sing N N 254 
MET CB    HB3    sing N N 255 
MET CG    SD     sing N N 256 
MET CG    HG2    sing N N 257 
MET CG    HG3    sing N N 258 
MET SD    CE     sing N N 259 
MET CE    HE1    sing N N 260 
MET CE    HE2    sing N N 261 
MET CE    HE3    sing N N 262 
MET OXT   HXT    sing N N 263 
PHE N     CA     sing N N 264 
PHE N     H      sing N N 265 
PHE N     H2     sing N N 266 
PHE CA    C      sing N N 267 
PHE CA    CB     sing N N 268 
PHE CA    HA     sing N N 269 
PHE C     O      doub N N 270 
PHE C     OXT    sing N N 271 
PHE CB    CG     sing N N 272 
PHE CB    HB2    sing N N 273 
PHE CB    HB3    sing N N 274 
PHE CG    CD1    doub Y N 275 
PHE CG    CD2    sing Y N 276 
PHE CD1   CE1    sing Y N 277 
PHE CD1   HD1    sing N N 278 
PHE CD2   CE2    doub Y N 279 
PHE CD2   HD2    sing N N 280 
PHE CE1   CZ     doub Y N 281 
PHE CE1   HE1    sing N N 282 
PHE CE2   CZ     sing Y N 283 
PHE CE2   HE2    sing N N 284 
PHE CZ    HZ     sing N N 285 
PHE OXT   HXT    sing N N 286 
PRO N     CA     sing N N 287 
PRO N     CD     sing N N 288 
PRO N     H      sing N N 289 
PRO CA    C      sing N N 290 
PRO CA    CB     sing N N 291 
PRO CA    HA     sing N N 292 
PRO C     O      doub N N 293 
PRO C     OXT    sing N N 294 
PRO CB    CG     sing N N 295 
PRO CB    HB2    sing N N 296 
PRO CB    HB3    sing N N 297 
PRO CG    CD     sing N N 298 
PRO CG    HG2    sing N N 299 
PRO CG    HG3    sing N N 300 
PRO CD    HD2    sing N N 301 
PRO CD    HD3    sing N N 302 
PRO OXT   HXT    sing N N 303 
SER N     CA     sing N N 304 
SER N     H      sing N N 305 
SER N     H2     sing N N 306 
SER CA    C      sing N N 307 
SER CA    CB     sing N N 308 
SER CA    HA     sing N N 309 
SER C     O      doub N N 310 
SER C     OXT    sing N N 311 
SER CB    OG     sing N N 312 
SER CB    HB2    sing N N 313 
SER CB    HB3    sing N N 314 
SER OG    HG     sing N N 315 
SER OXT   HXT    sing N N 316 
THR N     CA     sing N N 317 
THR N     H      sing N N 318 
THR N     H2     sing N N 319 
THR CA    C      sing N N 320 
THR CA    CB     sing N N 321 
THR CA    HA     sing N N 322 
THR C     O      doub N N 323 
THR C     OXT    sing N N 324 
THR CB    OG1    sing N N 325 
THR CB    CG2    sing N N 326 
THR CB    HB     sing N N 327 
THR OG1   HG1    sing N N 328 
THR CG2   HG21   sing N N 329 
THR CG2   HG22   sing N N 330 
THR CG2   HG23   sing N N 331 
THR OXT   HXT    sing N N 332 
TYR N     CA     sing N N 333 
TYR N     H      sing N N 334 
TYR N     H2     sing N N 335 
TYR CA    C      sing N N 336 
TYR CA    CB     sing N N 337 
TYR CA    HA     sing N N 338 
TYR C     O      doub N N 339 
TYR C     OXT    sing N N 340 
TYR CB    CG     sing N N 341 
TYR CB    HB2    sing N N 342 
TYR CB    HB3    sing N N 343 
TYR CG    CD1    doub Y N 344 
TYR CG    CD2    sing Y N 345 
TYR CD1   CE1    sing Y N 346 
TYR CD1   HD1    sing N N 347 
TYR CD2   CE2    doub Y N 348 
TYR CD2   HD2    sing N N 349 
TYR CE1   CZ     doub Y N 350 
TYR CE1   HE1    sing N N 351 
TYR CE2   CZ     sing Y N 352 
TYR CE2   HE2    sing N N 353 
TYR CZ    OH     sing N N 354 
TYR OH    HH     sing N N 355 
TYR OXT   HXT    sing N N 356 
U   OP3   P      sing N N 357 
U   OP3   HOP3   sing N N 358 
U   P     OP1    doub N N 359 
U   P     OP2    sing N N 360 
U   P     "O5'"  sing N N 361 
U   OP2   HOP2   sing N N 362 
U   "O5'" "C5'"  sing N N 363 
U   "C5'" "C4'"  sing N N 364 
U   "C5'" "H5'"  sing N N 365 
U   "C5'" "H5''" sing N N 366 
U   "C4'" "O4'"  sing N N 367 
U   "C4'" "C3'"  sing N N 368 
U   "C4'" "H4'"  sing N N 369 
U   "O4'" "C1'"  sing N N 370 
U   "C3'" "O3'"  sing N N 371 
U   "C3'" "C2'"  sing N N 372 
U   "C3'" "H3'"  sing N N 373 
U   "O3'" "HO3'" sing N N 374 
U   "C2'" "O2'"  sing N N 375 
U   "C2'" "C1'"  sing N N 376 
U   "C2'" "H2'"  sing N N 377 
U   "O2'" "HO2'" sing N N 378 
U   "C1'" N1     sing N N 379 
U   "C1'" "H1'"  sing N N 380 
U   N1    C2     sing N N 381 
U   N1    C6     sing N N 382 
U   C2    O2     doub N N 383 
U   C2    N3     sing N N 384 
U   N3    C4     sing N N 385 
U   N3    H3     sing N N 386 
U   C4    O4     doub N N 387 
U   C4    C5     sing N N 388 
U   C5    C6     doub N N 389 
U   C5    H5     sing N N 390 
U   C6    H6     sing N N 391 
VAL N     CA     sing N N 392 
VAL N     H      sing N N 393 
VAL N     H2     sing N N 394 
VAL CA    C      sing N N 395 
VAL CA    CB     sing N N 396 
VAL CA    HA     sing N N 397 
VAL C     O      doub N N 398 
VAL C     OXT    sing N N 399 
VAL CB    CG1    sing N N 400 
VAL CB    CG2    sing N N 401 
VAL CB    HB     sing N N 402 
VAL CG1   HG11   sing N N 403 
VAL CG1   HG12   sing N N 404 
VAL CG1   HG13   sing N N 405 
VAL CG2   HG21   sing N N 406 
VAL CG2   HG22   sing N N 407 
VAL CG2   HG23   sing N N 408 
VAL OXT   HXT    sing N N 409 
# 
loop_
_pdbx_entity_nonpoly.entity_id 
_pdbx_entity_nonpoly.name 
_pdbx_entity_nonpoly.comp_id 
3 'ZINC ION' ZN  
4 water      HOH 
# 
_pdbx_initial_refinement_model.id               1 
_pdbx_initial_refinement_model.entity_id_list   ? 
_pdbx_initial_refinement_model.type             'experimental model' 
_pdbx_initial_refinement_model.source_name      PDB 
_pdbx_initial_refinement_model.accession_code   2XS2 
_pdbx_initial_refinement_model.details          'PDB ENTRY 2XS2' 
# 
